data_7VD6
#
_entry.id   7VD6
#
_cell.length_a   1.00
_cell.length_b   1.00
_cell.length_c   1.00
_cell.angle_alpha   90.00
_cell.angle_beta   90.00
_cell.angle_gamma   90.00
#
_symmetry.space_group_name_H-M   'P 1'
#
loop_
_entity.id
_entity.type
_entity.pdbx_description
1 polymer 'Chlorophyll a/b-binding protein'
2 polymer 'Fcpb2, Fucoxanthin chlorophyll a/c-binding protein'
3 polymer 'Fcpb3, Fucoxanthin chlorophyll a/c-binding protein'
4 polymer 'Fcpb4, Fucoxanthin chlorophyll a/c-binding protein'
5 polymer 'Fcpb5, Fucoxanthin chlorophyll a/c-binding protein'
6 polymer 'Fcpb6, Fucoxanthin chlorophyll a/c-binding protein'
7 polymer 'Fcpb7, Fucoxanthin chlorophyll a/c-binding protein'
8 non-polymer 'CHLOROPHYLL A'
9 non-polymer 'Chlorophyll c1'
10 non-polymer "(3S,3'S,5R,5'R,6S,6'R,8'R)-3,5'-dihydroxy-8-oxo-6',7'-didehydro-5,5',6,6',7,8-hexahydro-5,6-epoxy-beta,beta-caroten-3'- yl acetate"
11 non-polymer 1,2-DISTEAROYL-MONOGALACTOSYL-DIGLYCERIDE
12 non-polymer 'UNKNOWN LIGAND'
13 non-polymer "(3S,3'R,5R,6S,7cis)-7',8'-didehydro-5,6-dihydro-5,6-epoxy-beta,beta-carotene-3,3'-diol"
14 non-polymer 1,2-DI-O-ACYL-3-O-[6-DEOXY-6-SULFO-ALPHA-D-GLUCOPYRANOSYL]-SN-GLYCEROL
15 non-polymer 1,2-DIPALMITOYL-PHOSPHATIDYL-GLYCEROLE
16 non-polymer DODECYL-ALPHA-D-MALTOSIDE
17 water water
#
loop_
_entity_poly.entity_id
_entity_poly.type
_entity_poly.pdbx_seq_one_letter_code
_entity_poly.pdbx_strand_id
1 'polypeptide(L)'
;MKLAVAALLVASAAAFAPAPASKASTSLKVSEIELGVTEPLGVYDPLGWLESEPEAFERRRAVERKHGRVAMAAVVGTIV
HNNHIVFDGYLSPSNNLKFSDIPTGVDGIRAIPTAGLAQILAFFALVELAWMPASKYDGDYGVGYFGTDIKDPEEKARKL
NVELNNGRAAMMGIMGNMVAEVLTGQTMYEQYASGHISPFGDGQGVF
;
11,13,14,15,18
2 'polypeptide(L)'
;MKLAIAALLCASAAAFAPAPASKVSTALNVNELEIGATAPLGVYDPLGWLDGEPENFERRRAVERKHGRVAMAAVVGTIV
HNNHITFDGYLSPSANLKFSDIPTGVDGIRAIPTAGLLQILFFFALVELAWMPASKYDGDYGVGWFGSNIEDPEEKARKL
NVELNNGRAAMMGIMGNMVTECITGQTMYEQYAAGHFSPFGDGQGAF
;
12
3 'polypeptide(L)'
;MKTAILAAMLGSAAAFVPAQQSKVSTSLAASELEDGIGAVAPLGYFDPLGYIKDEETFIRYRAVERKHGRVAMMAMLGTF
VHNNGWTFDGYLSPSQGLKFSDIDSGIGGLFQVPPAGLAQIILLCGFVELAWWPASNLSGDYGVRLGTLNDWEEQPAKYY
RQKNAELNNGRAAMMGILGTFTHEVITGQNFAEQAAAGHFSPFGDGQGFF
;
16
4 'polypeptide(L)'
;MKLAIAALLATSAAAFTTSPASRATTSLQVSEIELGATEPLGVFDPLGWLETEPEAFERRRAVERKHGRVAMAAVVGTIV
HNNHIVFDGYISPSNNLKFSDIPTGIDGIFSVPTAGLAQIIAFLGFVELAWLPASQYDGDYGVGYFGNDILDPEEKARKL
NAELNNGRAAMMGIMGNMVAEKITGQTMYEQYAAGHFNPFNDGEGFF
;
17
5 'polypeptide(L)'
;MKLALAALLATSAAAFQAPTMTFSLGKKAAAKKAVKAPAPSGASPSADAWANSIESKALPFARAPATLDGTMLGDFGFDP
LGFSTVPVGPWFTGIEGRNGQIGNLNWYREAELIHGRIAQVAVVGFIAPGLFGTLPGNEWTGVDAYSNLNPLEAFSQVPG
LAILQIFLFMSYLEVRRINIIKEEGENYMPGDLRIGQGEGRWNPFGLDYSPEAYEEKRLQELKHCRLAMIGVFGLWAQAQ
ASGVGVTEQIGAALTTPDYYAKAGYFLPEGI
;
19
6 'polypeptide(L)'
;MKSIAALLALASAAAAFTPQSQSTSSTALKERISPLDPSIGVTEPLGLYDPLGWLDPEKDPASKFATFHANFERRRAVER
KHGRIAMVAVVGMLFHNADIEFPGYLSKELGIRFSDVPNGMNGLFSIPLAGLTQIVFAIGVMELAIWPASNYSGDYGTGY
GRPFVPNVLEGDELKYKLDMEINQGRAAMMGIMGALVGEAVTGQTLAEQIASNNLGLFSALFE
;
20
7 'polypeptide(L)'
;MKLALLASLVASAAAFAPSKVAQTSTALKAFENELGAQPPLGFFDPLGLVEDGNQAKFDRLRYVELKHGRISMLAVVGYL
IEKAGIRLPGNISYDGTSFADIPDGFAALSKIPDAGLFQLFAFIGFLEVFVMKDITGGEFVGDFRNGFIDFGWDSFDEET
KLKKRAIELNQGRAAMMGILALMVHEKLGVSLLPQ
;
21
#
# COMPACT_ATOMS: atom_id res chain seq x y z
N SER A 31 -33.67 25.50 -28.41
CA SER A 31 -33.28 24.83 -27.18
C SER A 31 -33.24 23.33 -27.39
N GLU A 32 -32.88 22.60 -26.33
CA GLU A 32 -32.65 21.17 -26.43
C GLU A 32 -33.91 20.36 -26.65
N ILE A 33 -35.08 20.91 -26.30
CA ILE A 33 -36.33 20.18 -26.48
C ILE A 33 -36.90 20.37 -27.88
N GLU A 34 -36.33 21.27 -28.67
CA GLU A 34 -36.74 21.45 -30.05
C GLU A 34 -35.76 20.83 -31.04
N LEU A 35 -34.76 20.11 -30.55
CA LEU A 35 -33.65 19.70 -31.41
C LEU A 35 -33.86 18.34 -32.05
N GLY A 36 -34.78 17.53 -31.56
CA GLY A 36 -34.97 16.23 -32.14
C GLY A 36 -36.09 16.10 -33.13
N VAL A 37 -36.82 17.17 -33.40
CA VAL A 37 -38.04 17.10 -34.17
C VAL A 37 -37.77 17.53 -35.61
N THR A 38 -38.31 16.75 -36.55
CA THR A 38 -38.01 16.93 -37.97
C THR A 38 -39.35 16.83 -38.70
N GLU A 39 -39.34 16.77 -40.04
CA GLU A 39 -40.57 17.02 -40.80
C GLU A 39 -41.63 15.92 -40.74
N PRO A 40 -41.36 14.64 -41.07
CA PRO A 40 -42.49 13.72 -41.25
C PRO A 40 -43.17 13.30 -39.96
N LEU A 41 -42.50 13.41 -38.82
CA LEU A 41 -43.10 13.01 -37.55
C LEU A 41 -43.32 14.16 -36.59
N GLY A 42 -42.47 15.17 -36.60
CA GLY A 42 -42.59 16.24 -35.61
C GLY A 42 -42.19 15.75 -34.25
N VAL A 43 -42.93 16.18 -33.23
CA VAL A 43 -42.71 15.71 -31.88
C VAL A 43 -43.24 14.29 -31.78
N TYR A 44 -42.36 13.33 -31.56
CA TYR A 44 -42.73 11.92 -31.60
C TYR A 44 -42.34 11.25 -30.28
N ASP A 45 -43.32 11.02 -29.43
CA ASP A 45 -43.15 10.18 -28.24
C ASP A 45 -44.43 9.38 -28.05
N PRO A 46 -44.43 8.09 -28.40
CA PRO A 46 -45.57 7.24 -28.07
C PRO A 46 -45.72 7.02 -26.58
N LEU A 47 -44.63 7.00 -25.82
CA LEU A 47 -44.74 6.84 -24.38
C LEU A 47 -45.23 8.11 -23.70
N GLY A 48 -45.08 9.27 -24.34
CA GLY A 48 -45.55 10.51 -23.77
C GLY A 48 -44.74 11.01 -22.61
N TRP A 49 -43.43 10.74 -22.58
CA TRP A 49 -42.59 11.13 -21.47
C TRP A 49 -42.11 12.57 -21.57
N LEU A 50 -42.45 13.30 -22.64
CA LEU A 50 -42.07 14.70 -22.70
C LEU A 50 -42.91 15.55 -21.76
N GLU A 51 -44.13 15.11 -21.46
CA GLU A 51 -44.96 15.74 -20.45
C GLU A 51 -45.04 14.95 -19.16
N SER A 52 -44.85 13.64 -19.22
CA SER A 52 -44.90 12.82 -18.01
C SER A 52 -43.65 13.01 -17.17
N GLU A 53 -42.47 12.92 -17.78
CA GLU A 53 -41.19 13.11 -17.10
C GLU A 53 -40.43 14.23 -17.80
N PRO A 54 -40.79 15.48 -17.54
CA PRO A 54 -40.10 16.60 -18.22
C PRO A 54 -38.72 16.89 -17.67
N GLU A 55 -38.38 16.39 -16.48
CA GLU A 55 -37.08 16.63 -15.89
C GLU A 55 -36.05 15.59 -16.28
N ALA A 56 -36.49 14.40 -16.68
CA ALA A 56 -35.59 13.34 -17.11
C ALA A 56 -35.21 13.47 -18.57
N PHE A 57 -35.72 14.49 -19.26
CA PHE A 57 -35.45 14.66 -20.68
C PHE A 57 -34.00 15.06 -20.92
N GLU A 58 -33.44 15.88 -20.03
CA GLU A 58 -32.17 16.52 -20.29
C GLU A 58 -31.01 15.52 -20.24
N ARG A 59 -31.18 14.44 -19.49
CA ARG A 59 -30.24 13.33 -19.58
C ARG A 59 -30.61 12.39 -20.73
N ARG A 60 -31.91 12.16 -20.94
CA ARG A 60 -32.34 11.22 -21.98
C ARG A 60 -32.02 11.72 -23.38
N ARG A 61 -31.94 13.04 -23.57
CA ARG A 61 -31.37 13.56 -24.80
C ARG A 61 -29.89 13.22 -24.90
N ALA A 62 -29.17 13.36 -23.79
CA ALA A 62 -27.74 13.10 -23.79
C ALA A 62 -27.43 11.62 -23.96
N VAL A 63 -28.34 10.75 -23.57
CA VAL A 63 -28.12 9.33 -23.82
C VAL A 63 -28.43 8.99 -25.26
N GLU A 64 -29.47 9.60 -25.83
CA GLU A 64 -29.81 9.40 -27.22
C GLU A 64 -28.72 9.96 -28.14
N ARG A 65 -28.15 11.10 -27.76
CA ARG A 65 -27.05 11.68 -28.53
C ARG A 65 -25.79 10.83 -28.39
N LYS A 66 -25.55 10.32 -27.19
CA LYS A 66 -24.35 9.46 -26.96
C LYS A 66 -24.52 8.15 -27.73
N HIS A 67 -25.70 7.53 -27.64
CA HIS A 67 -25.96 6.28 -28.34
C HIS A 67 -25.90 6.48 -29.83
N GLY A 68 -26.38 7.63 -30.30
CA GLY A 68 -26.31 7.92 -31.72
C GLY A 68 -24.89 8.10 -32.19
N ARG A 69 -24.08 8.83 -31.43
CA ARG A 69 -22.68 9.07 -31.80
C ARG A 69 -21.87 7.79 -31.77
N VAL A 70 -22.16 6.91 -30.82
CA VAL A 70 -21.46 5.63 -30.74
C VAL A 70 -21.87 4.72 -31.90
N ALA A 71 -23.16 4.71 -32.25
CA ALA A 71 -23.64 3.82 -33.31
C ALA A 71 -23.29 4.34 -34.70
N MET A 72 -23.03 5.63 -34.85
CA MET A 72 -22.59 6.14 -36.16
C MET A 72 -21.17 5.71 -36.46
N ALA A 73 -20.30 5.74 -35.46
CA ALA A 73 -18.95 5.21 -35.63
C ALA A 73 -18.97 3.70 -35.77
N ALA A 74 -20.00 3.02 -35.28
CA ALA A 74 -20.07 1.58 -35.38
C ALA A 74 -20.55 1.12 -36.75
N VAL A 75 -21.36 1.94 -37.43
CA VAL A 75 -21.80 1.58 -38.77
C VAL A 75 -20.67 1.81 -39.77
N VAL A 76 -20.02 2.96 -39.68
CA VAL A 76 -18.89 3.30 -40.55
C VAL A 76 -17.73 2.35 -40.32
N GLY A 77 -17.53 1.90 -39.07
CA GLY A 77 -16.54 0.88 -38.82
C GLY A 77 -16.90 -0.46 -39.41
N THR A 78 -18.19 -0.82 -39.39
CA THR A 78 -18.63 -2.07 -39.99
C THR A 78 -18.46 -2.06 -41.50
N ILE A 79 -18.69 -0.91 -42.13
CA ILE A 79 -18.44 -0.77 -43.57
C ILE A 79 -16.94 -0.88 -43.86
N VAL A 80 -16.11 -0.30 -42.99
CA VAL A 80 -14.67 -0.29 -43.22
C VAL A 80 -14.07 -1.69 -43.01
N HIS A 81 -14.55 -2.42 -42.01
CA HIS A 81 -14.01 -3.75 -41.73
C HIS A 81 -14.34 -4.73 -42.84
N ASN A 82 -15.52 -4.61 -43.44
CA ASN A 82 -15.95 -5.54 -44.46
C ASN A 82 -15.51 -5.12 -45.85
N ASN A 83 -14.97 -3.93 -46.02
CA ASN A 83 -14.27 -3.57 -47.24
C ASN A 83 -12.82 -4.00 -47.22
N HIS A 84 -12.41 -4.70 -46.15
CA HIS A 84 -11.07 -5.26 -45.97
C HIS A 84 -10.00 -4.18 -46.01
N ILE A 85 -10.25 -3.10 -45.27
CA ILE A 85 -9.27 -2.07 -45.02
C ILE A 85 -8.60 -2.42 -43.70
N VAL A 86 -7.41 -2.99 -43.77
CA VAL A 86 -6.68 -3.39 -42.57
C VAL A 86 -5.41 -2.55 -42.46
N PHE A 87 -4.85 -2.51 -41.25
CA PHE A 87 -3.70 -1.64 -41.00
C PHE A 87 -2.38 -2.20 -41.46
N ASP A 88 -2.35 -3.40 -42.04
CA ASP A 88 -1.17 -4.01 -42.66
C ASP A 88 -0.04 -4.20 -41.63
N GLY A 89 -0.32 -5.06 -40.65
CA GLY A 89 0.68 -5.35 -39.65
C GLY A 89 0.33 -6.46 -38.68
N TYR A 90 0.66 -6.26 -37.42
CA TYR A 90 0.39 -7.21 -36.34
C TYR A 90 -0.29 -6.49 -35.20
N LEU A 91 -1.48 -6.93 -34.82
CA LEU A 91 -2.11 -6.38 -33.63
C LEU A 91 -1.40 -6.88 -32.38
N SER A 92 -1.22 -8.20 -32.28
CA SER A 92 -0.52 -8.83 -31.16
C SER A 92 0.56 -9.73 -31.74
N PRO A 93 1.78 -9.22 -31.89
CA PRO A 93 2.89 -10.10 -32.31
C PRO A 93 3.28 -11.14 -31.28
N SER A 94 2.93 -10.94 -30.01
CA SER A 94 3.14 -11.99 -29.02
C SER A 94 2.17 -13.14 -29.21
N ASN A 95 0.96 -12.85 -29.67
CA ASN A 95 -0.04 -13.87 -29.95
C ASN A 95 -0.05 -14.30 -31.40
N ASN A 96 0.87 -13.76 -32.22
CA ASN A 96 0.97 -13.99 -33.66
C ASN A 96 -0.35 -13.66 -34.35
N LEU A 97 -0.91 -12.51 -33.98
CA LEU A 97 -2.23 -12.09 -34.42
C LEU A 97 -2.08 -10.89 -35.34
N LYS A 98 -2.25 -11.12 -36.64
CA LYS A 98 -2.22 -10.02 -37.58
C LYS A 98 -3.51 -9.21 -37.51
N PHE A 99 -3.50 -8.04 -38.13
CA PHE A 99 -4.73 -7.26 -38.24
C PHE A 99 -5.72 -7.92 -39.18
N SER A 100 -5.23 -8.61 -40.20
CA SER A 100 -6.09 -9.31 -41.15
C SER A 100 -6.58 -10.66 -40.64
N ASP A 101 -6.09 -11.11 -39.48
CA ASP A 101 -6.57 -12.35 -38.88
C ASP A 101 -7.79 -12.13 -38.00
N ILE A 102 -8.21 -10.88 -37.80
CA ILE A 102 -9.34 -10.54 -36.95
C ILE A 102 -10.62 -10.64 -37.79
N PRO A 103 -11.67 -11.28 -37.28
CA PRO A 103 -12.92 -11.36 -38.04
C PRO A 103 -13.57 -10.00 -38.21
N THR A 104 -14.11 -9.77 -39.41
CA THR A 104 -14.69 -8.48 -39.76
C THR A 104 -16.17 -8.39 -39.42
N GLY A 105 -16.63 -9.18 -38.47
CA GLY A 105 -18.03 -9.18 -38.08
C GLY A 105 -18.18 -8.85 -36.61
N VAL A 106 -19.17 -9.50 -35.98
CA VAL A 106 -19.49 -9.22 -34.58
C VAL A 106 -18.54 -9.91 -33.61
N ASP A 107 -17.65 -10.77 -34.09
CA ASP A 107 -16.62 -11.38 -33.26
C ASP A 107 -15.27 -10.71 -33.48
N GLY A 108 -15.27 -9.43 -33.79
CA GLY A 108 -14.05 -8.70 -34.02
C GLY A 108 -13.30 -8.40 -32.75
N ILE A 109 -13.97 -7.80 -31.76
CA ILE A 109 -13.30 -7.51 -30.50
C ILE A 109 -13.32 -8.68 -29.55
N ARG A 110 -13.99 -9.77 -29.89
CA ARG A 110 -13.81 -11.01 -29.15
C ARG A 110 -12.49 -11.68 -29.49
N ALA A 111 -11.88 -11.31 -30.62
CA ALA A 111 -10.59 -11.83 -31.02
C ALA A 111 -9.43 -10.94 -30.58
N ILE A 112 -9.72 -9.72 -30.13
CA ILE A 112 -8.68 -8.87 -29.53
C ILE A 112 -8.24 -9.50 -28.21
N PRO A 113 -6.94 -9.63 -27.95
CA PRO A 113 -6.49 -10.17 -26.67
C PRO A 113 -6.88 -9.26 -25.51
N THR A 114 -6.98 -9.86 -24.32
CA THR A 114 -7.56 -9.18 -23.17
C THR A 114 -6.65 -8.06 -22.66
N ALA A 115 -5.36 -8.13 -22.95
CA ALA A 115 -4.48 -7.00 -22.67
C ALA A 115 -4.66 -5.86 -23.66
N GLY A 116 -5.34 -6.11 -24.78
CA GLY A 116 -5.62 -5.08 -25.74
C GLY A 116 -6.93 -4.36 -25.44
N LEU A 117 -7.91 -5.10 -24.93
CA LEU A 117 -9.14 -4.49 -24.45
C LEU A 117 -8.91 -3.64 -23.23
N ALA A 118 -7.89 -3.98 -22.44
CA ALA A 118 -7.54 -3.16 -21.29
C ALA A 118 -7.00 -1.80 -21.71
N GLN A 119 -6.29 -1.75 -22.84
CA GLN A 119 -5.82 -0.47 -23.35
C GLN A 119 -6.96 0.38 -23.90
N ILE A 120 -7.96 -0.26 -24.50
CA ILE A 120 -9.10 0.49 -25.03
C ILE A 120 -9.96 1.02 -23.89
N LEU A 121 -10.14 0.23 -22.84
CA LEU A 121 -10.94 0.68 -21.71
C LEU A 121 -10.21 1.74 -20.89
N ALA A 122 -8.88 1.68 -20.82
CA ALA A 122 -8.16 2.66 -20.03
C ALA A 122 -8.08 4.01 -20.73
N PHE A 123 -8.05 4.01 -22.07
CA PHE A 123 -8.02 5.28 -22.78
C PHE A 123 -9.40 5.92 -22.80
N PHE A 124 -10.45 5.14 -22.95
CA PHE A 124 -11.80 5.69 -22.95
C PHE A 124 -12.35 5.85 -21.54
N ALA A 125 -11.64 5.39 -20.51
CA ALA A 125 -11.91 5.88 -19.18
C ALA A 125 -11.44 7.33 -19.04
N LEU A 126 -10.30 7.66 -19.66
CA LEU A 126 -9.83 9.03 -19.61
C LEU A 126 -10.68 9.95 -20.47
N VAL A 127 -11.27 9.41 -21.54
CA VAL A 127 -12.11 10.24 -22.45
C VAL A 127 -13.54 10.35 -21.90
N GLU A 128 -14.08 9.25 -21.39
CA GLU A 128 -15.49 9.22 -20.91
C GLU A 128 -15.64 9.76 -19.49
N LEU A 129 -14.56 10.18 -18.83
CA LEU A 129 -14.69 10.66 -17.43
C LEU A 129 -13.97 12.00 -17.23
N ALA A 130 -12.96 12.30 -18.05
CA ALA A 130 -12.16 13.49 -17.84
C ALA A 130 -12.14 14.42 -19.04
N TRP A 131 -11.79 13.91 -20.22
CA TRP A 131 -11.61 14.78 -21.38
C TRP A 131 -12.95 15.22 -21.95
N MET A 132 -13.76 14.28 -22.41
CA MET A 132 -15.12 14.53 -22.88
C MET A 132 -16.05 13.77 -21.95
N PRO A 133 -16.35 14.31 -20.76
CA PRO A 133 -17.05 13.52 -19.75
C PRO A 133 -18.52 13.34 -20.10
N ALA A 134 -19.00 12.12 -20.01
CA ALA A 134 -20.38 11.81 -20.38
C ALA A 134 -21.40 12.35 -19.39
N SER A 135 -20.97 12.83 -18.22
CA SER A 135 -21.89 13.50 -17.32
C SER A 135 -22.26 14.89 -17.80
N LYS A 136 -21.48 15.46 -18.72
CA LYS A 136 -21.86 16.71 -19.39
C LYS A 136 -23.01 16.40 -20.33
N TYR A 137 -24.22 16.78 -19.94
CA TYR A 137 -25.42 16.30 -20.60
C TYR A 137 -25.85 17.14 -21.78
N ASP A 138 -24.94 17.91 -22.38
CA ASP A 138 -25.24 18.58 -23.63
C ASP A 138 -24.31 18.19 -24.77
N GLY A 139 -23.28 17.38 -24.51
CA GLY A 139 -22.38 16.92 -25.56
C GLY A 139 -21.55 18.01 -26.20
N ASP A 140 -21.22 19.05 -25.45
CA ASP A 140 -20.67 20.28 -25.99
C ASP A 140 -19.27 20.51 -25.46
N TYR A 141 -18.41 19.49 -25.55
CA TYR A 141 -17.17 19.46 -24.79
C TYR A 141 -16.16 20.54 -25.17
N GLY A 142 -15.52 20.44 -26.32
CA GLY A 142 -14.64 21.52 -26.71
C GLY A 142 -14.74 21.94 -28.15
N VAL A 143 -15.20 21.03 -28.96
CA VAL A 143 -15.08 21.14 -30.40
C VAL A 143 -16.41 21.58 -30.97
N GLY A 144 -16.37 22.12 -32.16
CA GLY A 144 -17.57 22.47 -32.88
C GLY A 144 -17.87 21.42 -33.92
N TYR A 145 -18.44 21.87 -35.03
CA TYR A 145 -18.60 21.02 -36.19
C TYR A 145 -17.38 21.28 -37.06
N PHE A 146 -16.43 20.34 -37.01
CA PHE A 146 -15.08 20.47 -37.57
C PHE A 146 -14.39 21.71 -37.01
N GLY A 147 -14.49 21.88 -35.70
CA GLY A 147 -13.87 22.99 -35.02
C GLY A 147 -14.54 24.33 -35.19
N THR A 148 -15.72 24.37 -35.81
CA THR A 148 -16.42 25.61 -36.09
C THR A 148 -17.61 25.75 -35.15
N ASP A 149 -17.73 26.91 -34.50
CA ASP A 149 -18.96 27.26 -33.82
C ASP A 149 -19.92 27.85 -34.85
N ILE A 150 -21.02 27.16 -35.10
CA ILE A 150 -22.02 27.61 -36.06
C ILE A 150 -22.81 28.75 -35.42
N LYS A 151 -22.55 29.97 -35.87
CA LYS A 151 -23.14 31.14 -35.21
C LYS A 151 -24.59 31.38 -35.61
N ASP A 152 -25.01 30.88 -36.76
CA ASP A 152 -26.39 31.03 -37.19
C ASP A 152 -27.24 30.03 -36.40
N PRO A 153 -28.23 30.48 -35.62
CA PRO A 153 -28.96 29.54 -34.78
C PRO A 153 -29.91 28.63 -35.54
N GLU A 154 -30.41 29.06 -36.71
CA GLU A 154 -31.25 28.16 -37.48
C GLU A 154 -30.42 27.15 -38.25
N GLU A 155 -29.16 27.48 -38.56
CA GLU A 155 -28.28 26.52 -39.20
C GLU A 155 -27.67 25.56 -38.20
N LYS A 156 -27.35 26.06 -37.00
CA LYS A 156 -26.82 25.20 -35.95
C LYS A 156 -27.88 24.21 -35.47
N ALA A 157 -29.13 24.63 -35.41
CA ALA A 157 -30.20 23.71 -35.06
C ALA A 157 -30.46 22.71 -36.18
N ARG A 158 -30.12 23.05 -37.42
CA ARG A 158 -30.28 22.10 -38.52
C ARG A 158 -29.28 20.98 -38.42
N LYS A 159 -28.01 21.30 -38.17
CA LYS A 159 -27.00 20.25 -38.06
C LYS A 159 -27.11 19.49 -36.74
N LEU A 160 -27.66 20.13 -35.71
CA LEU A 160 -27.97 19.38 -34.49
C LEU A 160 -29.11 18.40 -34.72
N ASN A 161 -30.03 18.75 -35.62
CA ASN A 161 -31.06 17.80 -36.03
C ASN A 161 -30.48 16.67 -36.86
N VAL A 162 -29.46 16.97 -37.67
CA VAL A 162 -28.84 15.96 -38.52
C VAL A 162 -28.07 14.94 -37.69
N GLU A 163 -27.36 15.41 -36.67
CA GLU A 163 -26.61 14.52 -35.79
C GLU A 163 -27.53 13.58 -35.02
N LEU A 164 -28.70 14.06 -34.60
CA LEU A 164 -29.66 13.20 -33.94
C LEU A 164 -30.28 12.22 -34.92
N ASN A 165 -30.62 12.70 -36.12
CA ASN A 165 -31.30 11.84 -37.08
C ASN A 165 -30.36 10.80 -37.68
N ASN A 166 -29.14 11.19 -38.02
CA ASN A 166 -28.15 10.21 -38.45
C ASN A 166 -27.74 9.28 -37.31
N GLY A 167 -27.88 9.73 -36.06
CA GLY A 167 -27.67 8.84 -34.95
C GLY A 167 -28.81 7.88 -34.73
N ARG A 168 -30.03 8.32 -34.99
CA ARG A 168 -31.17 7.42 -34.91
C ARG A 168 -31.17 6.41 -36.03
N ALA A 169 -30.72 6.81 -37.22
CA ALA A 169 -30.66 5.88 -38.33
C ALA A 169 -29.55 4.86 -38.17
N ALA A 170 -28.41 5.27 -37.64
CA ALA A 170 -27.32 4.34 -37.41
C ALA A 170 -27.56 3.45 -36.20
N MET A 171 -28.44 3.86 -35.28
CA MET A 171 -28.81 2.99 -34.18
C MET A 171 -29.63 1.81 -34.65
N MET A 172 -30.61 2.06 -35.51
CA MET A 172 -31.28 0.97 -36.20
C MET A 172 -30.36 0.30 -37.19
N GLY A 173 -29.42 1.05 -37.76
CA GLY A 173 -28.53 0.47 -38.75
C GLY A 173 -27.48 -0.44 -38.17
N ILE A 174 -27.08 -0.22 -36.92
CA ILE A 174 -26.08 -1.11 -36.34
C ILE A 174 -26.72 -2.33 -35.69
N MET A 175 -27.96 -2.22 -35.24
CA MET A 175 -28.59 -3.37 -34.60
C MET A 175 -29.16 -4.32 -35.63
N GLY A 176 -29.67 -3.80 -36.75
CA GLY A 176 -30.03 -4.66 -37.85
C GLY A 176 -28.86 -5.28 -38.56
N ASN A 177 -27.70 -4.61 -38.50
CA ASN A 177 -26.48 -5.25 -39.00
C ASN A 177 -26.05 -6.38 -38.08
N MET A 178 -26.23 -6.19 -36.76
CA MET A 178 -25.74 -7.17 -35.81
C MET A 178 -26.64 -8.40 -35.75
N VAL A 179 -27.95 -8.24 -35.88
CA VAL A 179 -28.82 -9.40 -35.87
C VAL A 179 -28.81 -10.12 -37.21
N ALA A 180 -28.43 -9.46 -38.30
CA ALA A 180 -28.32 -10.14 -39.58
C ALA A 180 -27.08 -11.00 -39.67
N GLU A 181 -26.09 -10.75 -38.83
CA GLU A 181 -24.88 -11.57 -38.83
C GLU A 181 -25.06 -12.81 -37.98
N VAL A 182 -25.63 -12.67 -36.79
CA VAL A 182 -25.80 -13.82 -35.91
C VAL A 182 -26.91 -14.75 -36.37
N LEU A 183 -27.84 -14.27 -37.19
CA LEU A 183 -28.89 -15.12 -37.74
C LEU A 183 -28.49 -15.75 -39.07
N THR A 184 -27.35 -15.34 -39.63
CA THR A 184 -26.82 -15.97 -40.83
C THR A 184 -25.50 -16.68 -40.61
N GLY A 185 -24.83 -16.41 -39.48
CA GLY A 185 -23.51 -16.97 -39.26
C GLY A 185 -22.44 -16.42 -40.18
N GLN A 186 -22.69 -15.28 -40.81
CA GLN A 186 -21.81 -14.72 -41.80
C GLN A 186 -21.56 -13.26 -41.50
N THR A 187 -20.35 -12.81 -41.79
CA THR A 187 -20.05 -11.39 -41.76
C THR A 187 -20.70 -10.70 -42.95
N MET A 188 -20.58 -9.37 -43.01
CA MET A 188 -21.19 -8.65 -44.11
C MET A 188 -20.42 -8.83 -45.41
N TYR A 189 -19.15 -9.23 -45.34
CA TYR A 189 -18.47 -9.56 -46.59
C TYR A 189 -18.92 -10.91 -47.12
N GLU A 190 -19.11 -11.88 -46.23
CA GLU A 190 -19.50 -13.22 -46.66
C GLU A 190 -20.95 -13.26 -47.09
N GLN A 191 -21.81 -12.43 -46.48
CA GLN A 191 -23.21 -12.38 -46.86
C GLN A 191 -23.42 -11.78 -48.24
N TYR A 192 -22.48 -10.96 -48.70
CA TYR A 192 -22.53 -10.37 -50.04
C TYR A 192 -21.64 -11.13 -51.02
N ALA A 193 -20.96 -12.18 -50.51
CA ALA A 193 -20.21 -13.10 -51.35
C ALA A 193 -21.09 -14.26 -51.81
N SER A 194 -21.92 -14.77 -50.91
CA SER A 194 -22.80 -15.89 -51.22
C SER A 194 -24.11 -15.46 -51.87
N GLY A 195 -24.36 -14.15 -51.98
CA GLY A 195 -25.65 -13.70 -52.44
C GLY A 195 -26.74 -13.98 -51.43
N HIS A 196 -26.45 -13.76 -50.15
CA HIS A 196 -27.37 -14.08 -49.06
C HIS A 196 -28.09 -12.83 -48.55
N ILE A 197 -28.47 -11.94 -49.45
CA ILE A 197 -29.25 -10.77 -49.03
C ILE A 197 -30.69 -11.15 -48.74
N SER A 198 -31.20 -12.19 -49.40
CA SER A 198 -32.58 -12.61 -49.18
C SER A 198 -32.71 -13.31 -47.84
N PRO A 199 -33.78 -13.05 -47.09
CA PRO A 199 -33.92 -13.65 -45.74
C PRO A 199 -34.23 -15.14 -45.79
N PHE A 200 -33.33 -15.91 -45.18
CA PHE A 200 -33.60 -17.29 -44.79
C PHE A 200 -34.36 -17.32 -43.47
N GLY A 201 -34.23 -16.26 -42.67
CA GLY A 201 -35.02 -16.08 -41.47
C GLY A 201 -36.22 -15.23 -41.82
N ASP A 202 -36.24 -13.96 -41.42
CA ASP A 202 -37.27 -13.04 -41.89
C ASP A 202 -36.69 -11.65 -41.78
N GLY A 203 -36.67 -10.92 -42.88
CA GLY A 203 -35.98 -9.66 -42.93
C GLY A 203 -36.89 -8.48 -42.72
N GLN A 204 -36.28 -7.35 -42.37
CA GLN A 204 -36.99 -6.09 -42.24
C GLN A 204 -36.02 -4.97 -42.59
N GLY A 205 -36.18 -4.37 -43.76
CA GLY A 205 -35.24 -3.37 -44.21
C GLY A 205 -35.91 -2.31 -45.06
N VAL A 206 -35.32 -1.12 -45.08
CA VAL A 206 -35.78 -0.03 -45.91
C VAL A 206 -35.23 -0.21 -47.31
N ASN B 31 -33.67 37.61 -53.57
CA ASN B 31 -34.42 38.10 -54.71
C ASN B 31 -34.09 37.28 -55.95
N GLU B 32 -35.00 36.39 -56.33
CA GLU B 32 -34.76 35.47 -57.43
C GLU B 32 -34.90 36.12 -58.80
N LEU B 33 -35.33 37.38 -58.86
CA LEU B 33 -35.69 37.98 -60.13
C LEU B 33 -34.48 38.54 -60.88
N GLU B 34 -33.37 38.82 -60.19
CA GLU B 34 -32.15 39.26 -60.85
C GLU B 34 -31.03 38.24 -60.71
N ILE B 35 -31.33 37.03 -60.25
CA ILE B 35 -30.29 36.04 -60.03
C ILE B 35 -29.80 35.44 -61.34
N GLY B 36 -30.69 35.23 -62.31
CA GLY B 36 -30.27 34.64 -63.56
C GLY B 36 -29.52 35.59 -64.47
N ALA B 37 -29.77 36.89 -64.33
CA ALA B 37 -29.21 37.88 -65.26
C ALA B 37 -27.74 38.13 -64.94
N THR B 38 -26.88 37.78 -65.88
CA THR B 38 -25.44 37.95 -65.75
C THR B 38 -24.99 39.16 -66.57
N ALA B 39 -23.67 39.33 -66.71
CA ALA B 39 -23.15 40.53 -67.38
C ALA B 39 -23.34 40.55 -68.90
N PRO B 40 -22.82 39.59 -69.69
CA PRO B 40 -22.66 39.88 -71.13
C PRO B 40 -23.95 39.95 -71.92
N LEU B 41 -25.04 39.39 -71.42
CA LEU B 41 -26.33 39.50 -72.07
C LEU B 41 -27.37 40.23 -71.22
N GLY B 42 -27.08 40.49 -69.95
CA GLY B 42 -28.07 41.12 -69.09
C GLY B 42 -29.21 40.17 -68.82
N VAL B 43 -30.38 40.73 -68.55
CA VAL B 43 -31.60 39.93 -68.53
C VAL B 43 -31.97 39.55 -69.95
N TYR B 44 -32.23 38.26 -70.17
CA TYR B 44 -32.40 37.72 -71.52
C TYR B 44 -33.75 37.05 -71.61
N ASP B 45 -34.64 37.62 -72.41
CA ASP B 45 -35.97 37.05 -72.61
C ASP B 45 -36.42 37.33 -74.03
N PRO B 46 -36.04 36.48 -74.99
CA PRO B 46 -36.56 36.65 -76.34
C PRO B 46 -38.03 36.31 -76.46
N LEU B 47 -38.55 35.42 -75.60
CA LEU B 47 -39.98 35.16 -75.57
C LEU B 47 -40.75 36.23 -74.82
N GLY B 48 -40.08 37.01 -73.97
CA GLY B 48 -40.75 38.03 -73.19
C GLY B 48 -41.68 37.48 -72.12
N TRP B 49 -41.26 36.45 -71.41
CA TRP B 49 -42.11 35.79 -70.41
C TRP B 49 -41.81 36.26 -69.00
N LEU B 50 -40.89 37.22 -68.83
CA LEU B 50 -40.77 37.96 -67.58
C LEU B 50 -41.72 39.14 -67.55
N ASP B 51 -41.82 39.86 -68.65
CA ASP B 51 -42.84 40.87 -68.84
C ASP B 51 -44.14 40.31 -69.38
N GLY B 52 -44.24 38.98 -69.48
CA GLY B 52 -45.47 38.32 -69.86
C GLY B 52 -46.20 37.86 -68.62
N GLU B 53 -46.11 36.57 -68.29
CA GLU B 53 -46.67 36.06 -67.06
C GLU B 53 -45.63 36.16 -65.94
N PRO B 54 -45.87 36.94 -64.89
CA PRO B 54 -44.89 37.05 -63.82
C PRO B 54 -45.06 36.00 -62.73
N GLU B 55 -46.23 35.35 -62.70
CA GLU B 55 -46.50 34.38 -61.67
C GLU B 55 -45.94 33.00 -61.99
N ASN B 56 -45.51 32.78 -63.22
CA ASN B 56 -44.89 31.51 -63.61
C ASN B 56 -43.39 31.53 -63.50
N PHE B 57 -42.79 32.63 -63.05
CA PHE B 57 -41.35 32.74 -63.06
C PHE B 57 -40.72 31.90 -61.97
N GLU B 58 -41.33 31.85 -60.78
CA GLU B 58 -40.74 31.16 -59.66
C GLU B 58 -40.80 29.65 -59.81
N ARG B 59 -41.61 29.13 -60.72
CA ARG B 59 -41.48 27.73 -61.09
C ARG B 59 -40.56 27.53 -62.28
N ARG B 60 -40.48 28.50 -63.19
CA ARG B 60 -39.54 28.37 -64.28
C ARG B 60 -38.11 28.58 -63.83
N ARG B 61 -37.90 29.41 -62.80
CA ARG B 61 -36.59 29.46 -62.16
C ARG B 61 -36.30 28.16 -61.43
N ALA B 62 -37.32 27.55 -60.84
CA ALA B 62 -37.14 26.29 -60.13
C ALA B 62 -36.87 25.13 -61.07
N VAL B 63 -37.24 25.24 -62.34
CA VAL B 63 -36.95 24.20 -63.31
C VAL B 63 -35.57 24.41 -63.93
N GLU B 64 -35.23 25.66 -64.24
CA GLU B 64 -33.92 25.99 -64.81
C GLU B 64 -32.79 25.65 -63.84
N ARG B 65 -33.02 25.89 -62.55
CA ARG B 65 -32.05 25.51 -61.55
C ARG B 65 -31.98 23.99 -61.40
N LYS B 66 -33.13 23.33 -61.47
CA LYS B 66 -33.16 21.87 -61.32
C LYS B 66 -32.63 21.17 -62.56
N HIS B 67 -32.94 21.71 -63.75
CA HIS B 67 -32.35 21.17 -64.96
C HIS B 67 -30.86 21.44 -65.03
N GLY B 68 -30.41 22.53 -64.41
CA GLY B 68 -29.00 22.81 -64.35
C GLY B 68 -28.25 21.83 -63.47
N ARG B 69 -28.78 21.59 -62.26
CA ARG B 69 -28.11 20.71 -61.30
C ARG B 69 -28.09 19.27 -61.76
N VAL B 70 -29.08 18.84 -62.54
CA VAL B 70 -29.07 17.49 -63.08
C VAL B 70 -28.09 17.38 -64.24
N ALA B 71 -28.00 18.42 -65.05
CA ALA B 71 -27.09 18.39 -66.20
C ALA B 71 -25.64 18.59 -65.81
N MET B 72 -25.36 19.32 -64.72
CA MET B 72 -23.98 19.50 -64.31
C MET B 72 -23.40 18.21 -63.76
N ALA B 73 -24.20 17.43 -63.05
CA ALA B 73 -23.76 16.11 -62.61
C ALA B 73 -23.73 15.10 -63.74
N ALA B 74 -24.27 15.44 -64.90
CA ALA B 74 -24.23 14.57 -66.06
C ALA B 74 -23.00 14.81 -66.92
N VAL B 75 -22.57 16.08 -67.06
CA VAL B 75 -21.36 16.37 -67.82
C VAL B 75 -20.15 15.84 -67.08
N VAL B 76 -20.11 15.99 -65.76
CA VAL B 76 -19.07 15.37 -64.94
C VAL B 76 -19.16 13.85 -65.04
N GLY B 77 -20.38 13.32 -65.18
CA GLY B 77 -20.54 11.90 -65.35
C GLY B 77 -20.06 11.38 -66.69
N THR B 78 -20.17 12.18 -67.74
CA THR B 78 -19.61 11.76 -69.02
C THR B 78 -18.09 11.83 -69.02
N ILE B 79 -17.52 12.69 -68.18
CA ILE B 79 -16.07 12.80 -68.10
C ILE B 79 -15.48 11.63 -67.35
N VAL B 80 -16.13 11.20 -66.26
CA VAL B 80 -15.62 10.09 -65.46
C VAL B 80 -15.77 8.77 -66.20
N HIS B 81 -16.89 8.59 -66.91
CA HIS B 81 -17.13 7.34 -67.63
C HIS B 81 -16.17 7.19 -68.81
N ASN B 82 -15.96 8.28 -69.55
CA ASN B 82 -15.05 8.22 -70.69
C ASN B 82 -13.59 8.24 -70.32
N ASN B 83 -13.25 8.55 -69.07
CA ASN B 83 -11.89 8.42 -68.59
C ASN B 83 -11.62 7.07 -67.98
N HIS B 84 -12.56 6.12 -68.11
CA HIS B 84 -12.45 4.73 -67.68
C HIS B 84 -12.18 4.59 -66.18
N ILE B 85 -12.72 5.52 -65.40
CA ILE B 85 -12.71 5.41 -63.94
C ILE B 85 -13.93 4.60 -63.56
N THR B 86 -13.72 3.34 -63.17
CA THR B 86 -14.81 2.44 -62.81
C THR B 86 -14.64 1.98 -61.37
N PHE B 87 -15.67 1.31 -60.85
CA PHE B 87 -15.77 1.01 -59.44
C PHE B 87 -15.15 -0.32 -59.06
N ASP B 88 -14.40 -0.95 -59.96
CA ASP B 88 -13.53 -2.11 -59.68
C ASP B 88 -14.29 -3.28 -59.06
N GLY B 89 -15.24 -3.82 -59.82
CA GLY B 89 -15.97 -4.97 -59.34
C GLY B 89 -17.07 -5.38 -60.29
N TYR B 90 -18.05 -6.08 -59.74
CA TYR B 90 -19.22 -6.51 -60.49
C TYR B 90 -20.40 -5.64 -60.09
N LEU B 91 -21.01 -4.97 -61.08
CA LEU B 91 -22.25 -4.25 -60.80
C LEU B 91 -23.39 -5.21 -60.52
N SER B 92 -23.45 -6.31 -61.26
CA SER B 92 -24.48 -7.33 -61.07
C SER B 92 -23.86 -8.68 -61.30
N PRO B 93 -23.36 -9.33 -60.23
CA PRO B 93 -22.79 -10.68 -60.39
C PRO B 93 -23.81 -11.75 -60.77
N SER B 94 -25.11 -11.51 -60.54
CA SER B 94 -26.12 -12.40 -61.07
C SER B 94 -26.23 -12.25 -62.58
N ALA B 95 -26.15 -11.03 -63.08
CA ALA B 95 -26.19 -10.75 -64.50
C ALA B 95 -24.81 -10.72 -65.14
N ASN B 96 -23.77 -11.03 -64.35
CA ASN B 96 -22.37 -11.12 -64.79
C ASN B 96 -21.88 -9.80 -65.38
N LEU B 97 -22.32 -8.69 -64.79
CA LEU B 97 -21.96 -7.36 -65.27
C LEU B 97 -20.87 -6.79 -64.39
N LYS B 98 -19.67 -6.65 -64.95
CA LYS B 98 -18.67 -5.86 -64.29
C LYS B 98 -18.95 -4.38 -64.54
N PHE B 99 -18.29 -3.53 -63.76
CA PHE B 99 -18.37 -2.10 -64.02
C PHE B 99 -17.64 -1.72 -65.29
N SER B 100 -16.67 -2.53 -65.72
CA SER B 100 -15.96 -2.29 -66.97
C SER B 100 -16.81 -2.64 -68.19
N ASP B 101 -17.83 -3.46 -68.03
CA ASP B 101 -18.68 -3.88 -69.15
C ASP B 101 -19.78 -2.89 -69.46
N ILE B 102 -20.01 -1.90 -68.61
CA ILE B 102 -21.04 -0.90 -68.89
C ILE B 102 -20.50 0.09 -69.91
N PRO B 103 -21.26 0.41 -70.95
CA PRO B 103 -20.81 1.43 -71.92
C PRO B 103 -20.74 2.81 -71.28
N THR B 104 -19.95 3.66 -71.91
CA THR B 104 -19.70 5.02 -71.44
C THR B 104 -20.41 6.06 -72.27
N GLY B 105 -21.36 5.65 -73.10
CA GLY B 105 -22.13 6.59 -73.90
C GLY B 105 -23.56 6.70 -73.41
N VAL B 106 -24.52 6.78 -74.34
CA VAL B 106 -25.92 6.85 -73.95
C VAL B 106 -26.53 5.51 -73.64
N ASP B 107 -25.87 4.42 -73.99
CA ASP B 107 -26.36 3.09 -73.71
C ASP B 107 -25.82 2.54 -72.40
N GLY B 108 -25.19 3.38 -71.58
CA GLY B 108 -24.72 2.93 -70.29
C GLY B 108 -25.82 2.74 -69.29
N ILE B 109 -26.84 3.61 -69.32
CA ILE B 109 -27.96 3.49 -68.39
C ILE B 109 -28.86 2.31 -68.77
N ARG B 110 -28.81 1.86 -70.02
CA ARG B 110 -29.63 0.75 -70.48
C ARG B 110 -28.95 -0.60 -70.27
N ALA B 111 -27.67 -0.62 -69.93
CA ALA B 111 -26.99 -1.86 -69.58
C ALA B 111 -27.17 -2.22 -68.11
N ILE B 112 -27.73 -1.32 -67.32
CA ILE B 112 -28.03 -1.62 -65.92
C ILE B 112 -29.20 -2.59 -65.85
N PRO B 113 -29.19 -3.60 -64.98
CA PRO B 113 -30.35 -4.49 -64.86
C PRO B 113 -31.58 -3.77 -64.34
N THR B 114 -32.73 -4.38 -64.57
CA THR B 114 -33.98 -3.74 -64.20
C THR B 114 -34.21 -3.75 -62.70
N ALA B 115 -33.50 -4.61 -61.95
CA ALA B 115 -33.53 -4.52 -60.50
C ALA B 115 -32.54 -3.50 -59.97
N GLY B 116 -31.71 -2.93 -60.82
CA GLY B 116 -30.81 -1.87 -60.43
C GLY B 116 -31.38 -0.52 -60.75
N LEU B 117 -32.12 -0.43 -61.85
CA LEU B 117 -32.77 0.83 -62.20
C LEU B 117 -33.90 1.16 -61.25
N LEU B 118 -34.50 0.15 -60.62
CA LEU B 118 -35.55 0.41 -59.64
C LEU B 118 -34.98 0.91 -58.32
N GLN B 119 -33.80 0.45 -57.93
CA GLN B 119 -33.16 0.98 -56.73
C GLN B 119 -32.74 2.42 -56.91
N ILE B 120 -32.37 2.81 -58.13
CA ILE B 120 -32.18 4.22 -58.42
C ILE B 120 -33.52 4.95 -58.40
N LEU B 121 -34.58 4.29 -58.85
CA LEU B 121 -35.89 4.93 -58.94
C LEU B 121 -36.50 5.17 -57.57
N PHE B 122 -36.39 4.19 -56.68
CA PHE B 122 -37.04 4.29 -55.38
C PHE B 122 -36.25 5.08 -54.36
N PHE B 123 -34.92 5.16 -54.51
CA PHE B 123 -34.16 6.02 -53.63
C PHE B 123 -34.32 7.48 -54.01
N PHE B 124 -34.35 7.77 -55.30
CA PHE B 124 -34.53 9.15 -55.71
C PHE B 124 -35.97 9.59 -55.66
N ALA B 125 -36.90 8.67 -55.40
CA ALA B 125 -38.23 9.10 -54.97
C ALA B 125 -38.19 9.65 -53.56
N LEU B 126 -37.40 9.02 -52.69
CA LEU B 126 -37.21 9.54 -51.35
C LEU B 126 -36.47 10.87 -51.34
N VAL B 127 -35.60 11.09 -52.31
CA VAL B 127 -34.91 12.37 -52.39
C VAL B 127 -35.82 13.44 -52.98
N GLU B 128 -36.47 13.14 -54.11
CA GLU B 128 -37.21 14.16 -54.83
C GLU B 128 -38.53 14.54 -54.19
N LEU B 129 -39.07 13.71 -53.31
CA LEU B 129 -40.34 14.01 -52.67
C LEU B 129 -40.22 14.36 -51.20
N ALA B 130 -39.24 13.79 -50.50
CA ALA B 130 -39.18 13.89 -49.05
C ALA B 130 -37.97 14.67 -48.56
N TRP B 131 -36.76 14.28 -48.95
CA TRP B 131 -35.55 14.88 -48.39
C TRP B 131 -35.28 16.24 -49.02
N MET B 132 -35.14 16.28 -50.34
CA MET B 132 -34.99 17.52 -51.08
C MET B 132 -36.20 17.64 -52.00
N PRO B 133 -37.33 18.09 -51.48
CA PRO B 133 -38.58 18.01 -52.24
C PRO B 133 -38.61 18.99 -53.39
N ALA B 134 -38.82 18.46 -54.60
CA ALA B 134 -38.78 19.28 -55.81
C ALA B 134 -39.93 20.26 -55.91
N SER B 135 -40.97 20.10 -55.08
CA SER B 135 -42.02 21.10 -54.98
C SER B 135 -41.52 22.40 -54.37
N LYS B 136 -40.45 22.35 -53.58
CA LYS B 136 -39.84 23.56 -53.01
C LYS B 136 -39.18 24.35 -54.13
N TYR B 137 -39.83 25.42 -54.57
CA TYR B 137 -39.36 26.16 -55.72
C TYR B 137 -38.28 27.16 -55.38
N ASP B 138 -37.95 27.33 -54.10
CA ASP B 138 -36.89 28.24 -53.72
C ASP B 138 -35.50 27.65 -53.93
N GLY B 139 -35.36 26.35 -53.79
CA GLY B 139 -34.10 25.70 -54.06
C GLY B 139 -33.32 25.27 -52.84
N ASP B 140 -33.33 26.07 -51.77
CA ASP B 140 -32.53 25.78 -50.60
C ASP B 140 -33.25 24.77 -49.72
N TYR B 141 -32.79 23.52 -49.74
CA TYR B 141 -33.46 22.51 -48.94
C TYR B 141 -32.99 22.50 -47.49
N GLY B 142 -31.77 22.03 -47.26
CA GLY B 142 -31.18 22.16 -45.94
C GLY B 142 -29.76 22.67 -45.99
N VAL B 143 -29.11 22.41 -47.11
CA VAL B 143 -27.68 22.58 -47.24
C VAL B 143 -27.43 23.94 -47.88
N GLY B 144 -26.19 24.39 -47.79
CA GLY B 144 -25.81 25.62 -48.43
C GLY B 144 -24.64 25.39 -49.33
N TRP B 145 -23.71 26.33 -49.34
CA TRP B 145 -22.47 26.17 -50.09
C TRP B 145 -21.50 25.45 -49.19
N PHE B 146 -21.44 24.13 -49.34
CA PHE B 146 -20.71 23.20 -48.46
C PHE B 146 -21.17 23.38 -47.02
N GLY B 147 -22.48 23.30 -46.83
CA GLY B 147 -23.09 23.25 -45.53
C GLY B 147 -23.27 24.56 -44.81
N SER B 148 -22.97 25.68 -45.46
CA SER B 148 -22.99 26.96 -44.78
C SER B 148 -23.69 28.01 -45.64
N ASN B 149 -24.38 28.91 -44.96
CA ASN B 149 -24.85 30.13 -45.62
C ASN B 149 -23.66 31.01 -45.93
N ILE B 150 -23.78 31.83 -46.97
CA ILE B 150 -22.64 32.64 -47.39
C ILE B 150 -22.56 33.97 -46.65
N GLU B 151 -23.58 34.32 -45.85
CA GLU B 151 -23.60 35.46 -44.93
C GLU B 151 -23.39 36.81 -45.60
N ASP B 152 -23.60 36.90 -46.89
CA ASP B 152 -23.24 38.11 -47.62
C ASP B 152 -24.10 38.22 -48.86
N PRO B 153 -24.96 39.23 -48.96
CA PRO B 153 -25.97 39.25 -50.04
C PRO B 153 -25.40 39.52 -51.42
N GLU B 154 -24.15 39.96 -51.54
CA GLU B 154 -23.60 40.24 -52.87
C GLU B 154 -22.61 39.20 -53.34
N GLU B 155 -22.10 38.33 -52.47
CA GLU B 155 -21.31 37.21 -52.93
C GLU B 155 -22.09 35.91 -52.92
N LYS B 156 -23.20 35.84 -52.20
CA LYS B 156 -24.12 34.72 -52.34
C LYS B 156 -24.91 34.85 -53.64
N ALA B 157 -25.29 36.07 -54.00
CA ALA B 157 -25.92 36.31 -55.29
C ALA B 157 -24.95 36.09 -56.43
N ARG B 158 -23.65 36.27 -56.18
CA ARG B 158 -22.67 35.93 -57.21
C ARG B 158 -22.57 34.42 -57.39
N LYS B 159 -22.64 33.65 -56.30
CA LYS B 159 -22.57 32.20 -56.45
C LYS B 159 -23.89 31.62 -56.94
N LEU B 160 -25.00 32.30 -56.67
CA LEU B 160 -26.27 31.89 -57.26
C LEU B 160 -26.28 32.13 -58.76
N ASN B 161 -25.58 33.18 -59.21
CA ASN B 161 -25.36 33.38 -60.64
C ASN B 161 -24.50 32.30 -61.25
N VAL B 162 -23.54 31.76 -60.50
CA VAL B 162 -22.64 30.76 -61.03
C VAL B 162 -23.35 29.42 -61.19
N GLU B 163 -24.19 29.06 -60.22
CA GLU B 163 -24.96 27.81 -60.29
C GLU B 163 -25.92 27.81 -61.47
N LEU B 164 -26.49 28.95 -61.80
CA LEU B 164 -27.35 29.01 -62.98
C LEU B 164 -26.55 29.03 -64.26
N ASN B 165 -25.46 29.79 -64.31
CA ASN B 165 -24.70 29.91 -65.55
C ASN B 165 -23.92 28.63 -65.85
N ASN B 166 -23.32 28.01 -64.83
CA ASN B 166 -22.72 26.71 -65.04
C ASN B 166 -23.77 25.63 -65.23
N GLY B 167 -24.99 25.86 -64.76
CA GLY B 167 -26.08 24.96 -65.10
C GLY B 167 -26.51 25.12 -66.55
N ARG B 168 -26.51 26.35 -67.05
CA ARG B 168 -26.94 26.62 -68.42
C ARG B 168 -25.93 26.08 -69.43
N ALA B 169 -24.64 26.23 -69.14
CA ALA B 169 -23.63 25.74 -70.06
C ALA B 169 -23.54 24.22 -70.02
N ALA B 170 -23.94 23.59 -68.93
CA ALA B 170 -23.97 22.14 -68.85
C ALA B 170 -25.22 21.53 -69.45
N MET B 171 -26.32 22.28 -69.50
CA MET B 171 -27.52 21.79 -70.16
C MET B 171 -27.29 21.71 -71.67
N MET B 172 -26.60 22.69 -72.22
CA MET B 172 -26.18 22.58 -73.61
C MET B 172 -25.04 21.58 -73.75
N GLY B 173 -24.23 21.42 -72.71
CA GLY B 173 -23.09 20.53 -72.80
C GLY B 173 -23.48 19.07 -72.79
N ILE B 174 -24.50 18.72 -72.01
CA ILE B 174 -24.95 17.34 -72.01
C ILE B 174 -25.82 17.04 -73.23
N MET B 175 -26.47 18.04 -73.81
CA MET B 175 -27.23 17.81 -75.03
C MET B 175 -26.31 17.64 -76.22
N GLY B 176 -25.25 18.44 -76.29
CA GLY B 176 -24.25 18.24 -77.31
C GLY B 176 -23.43 16.97 -77.14
N ASN B 177 -23.30 16.48 -75.91
CA ASN B 177 -22.60 15.23 -75.71
C ASN B 177 -23.43 14.05 -76.19
N MET B 178 -24.75 14.13 -76.07
CA MET B 178 -25.63 13.05 -76.46
C MET B 178 -26.02 13.10 -77.93
N VAL B 179 -26.00 14.28 -78.55
CA VAL B 179 -26.34 14.39 -79.96
C VAL B 179 -25.22 13.80 -80.82
N THR B 180 -23.98 14.21 -80.56
CA THR B 180 -22.87 13.65 -81.32
C THR B 180 -22.53 12.23 -80.91
N GLU B 181 -23.06 11.74 -79.80
CA GLU B 181 -22.96 10.33 -79.48
C GLU B 181 -23.78 9.49 -80.46
N CYS B 182 -25.02 9.89 -80.70
CA CYS B 182 -25.89 9.12 -81.57
C CYS B 182 -25.65 9.42 -83.04
N ILE B 183 -25.12 10.59 -83.38
CA ILE B 183 -24.80 10.89 -84.77
C ILE B 183 -23.59 10.08 -85.22
N THR B 184 -22.50 10.15 -84.46
CA THR B 184 -21.29 9.42 -84.82
C THR B 184 -21.41 7.94 -84.51
N GLY B 185 -22.29 7.54 -83.59
CA GLY B 185 -22.39 6.17 -83.17
C GLY B 185 -21.32 5.72 -82.21
N GLN B 186 -20.38 6.60 -81.87
CA GLN B 186 -19.28 6.30 -80.96
C GLN B 186 -19.53 6.99 -79.63
N THR B 187 -18.81 6.53 -78.60
CA THR B 187 -18.79 7.23 -77.33
C THR B 187 -17.80 8.38 -77.42
N MET B 188 -17.56 9.06 -76.30
CA MET B 188 -16.59 10.14 -76.27
C MET B 188 -15.17 9.63 -76.01
N TYR B 189 -14.98 8.32 -75.89
CA TYR B 189 -13.65 7.73 -75.87
C TYR B 189 -13.28 7.07 -77.19
N GLU B 190 -14.27 6.58 -77.94
CA GLU B 190 -13.99 6.08 -79.28
C GLU B 190 -13.73 7.24 -80.24
N GLN B 191 -14.59 8.24 -80.26
CA GLN B 191 -14.16 9.56 -80.68
C GLN B 191 -13.14 10.04 -79.67
N TYR B 192 -12.12 10.78 -80.14
CA TYR B 192 -10.81 11.12 -79.55
C TYR B 192 -9.85 9.92 -79.64
N ALA B 193 -10.29 8.77 -80.17
CA ALA B 193 -9.40 7.71 -80.61
C ALA B 193 -9.40 7.57 -82.12
N ALA B 194 -10.40 8.13 -82.79
CA ALA B 194 -10.41 8.25 -84.23
C ALA B 194 -10.01 9.63 -84.72
N GLY B 195 -10.14 10.65 -83.88
CA GLY B 195 -9.84 12.00 -84.29
C GLY B 195 -11.01 12.75 -84.89
N HIS B 196 -12.24 12.37 -84.55
CA HIS B 196 -13.44 13.01 -85.10
C HIS B 196 -13.65 14.33 -84.38
N PHE B 197 -13.08 15.39 -84.94
CA PHE B 197 -13.22 16.73 -84.38
C PHE B 197 -13.72 17.77 -85.37
N SER B 198 -13.90 17.41 -86.64
CA SER B 198 -14.50 18.34 -87.58
C SER B 198 -15.71 17.72 -88.26
N PRO B 199 -16.78 18.50 -88.49
CA PRO B 199 -17.98 17.94 -89.13
C PRO B 199 -17.83 17.79 -90.63
N SER C 31 -6.48 50.42 -47.68
CA SER C 31 -6.44 51.01 -49.00
C SER C 31 -5.32 50.40 -49.85
N GLU C 32 -5.35 50.66 -51.15
CA GLU C 32 -4.41 50.03 -52.07
C GLU C 32 -3.01 50.62 -51.98
N ILE C 33 -2.89 51.85 -51.48
CA ILE C 33 -1.60 52.52 -51.40
C ILE C 33 -0.74 52.00 -50.25
N GLU C 34 -1.35 51.38 -49.23
CA GLU C 34 -0.57 50.78 -48.15
C GLU C 34 -0.44 49.28 -48.29
N LEU C 35 -0.72 48.73 -49.47
CA LEU C 35 -0.74 47.28 -49.62
C LEU C 35 0.60 46.68 -49.98
N GLY C 36 1.58 47.49 -50.35
CA GLY C 36 2.84 46.91 -50.78
C GLY C 36 3.94 46.99 -49.73
N VAL C 37 3.68 47.72 -48.67
CA VAL C 37 4.71 48.00 -47.67
C VAL C 37 4.83 46.85 -46.70
N THR C 38 6.04 46.60 -46.23
CA THR C 38 6.34 45.57 -45.24
C THR C 38 7.38 46.19 -44.31
N GLU C 39 7.80 45.49 -43.25
CA GLU C 39 8.77 46.08 -42.32
C GLU C 39 10.19 46.25 -42.86
N PRO C 40 10.84 45.27 -43.52
CA PRO C 40 12.28 45.45 -43.76
C PRO C 40 12.63 46.42 -44.88
N LEU C 41 11.66 47.01 -45.56
CA LEU C 41 11.93 48.10 -46.48
C LEU C 41 10.97 49.27 -46.36
N GLY C 42 9.75 49.07 -45.87
CA GLY C 42 8.81 50.18 -45.78
C GLY C 42 8.30 50.58 -47.16
N VAL C 43 8.11 51.88 -47.35
CA VAL C 43 7.74 52.41 -48.66
C VAL C 43 9.04 52.47 -49.46
N TYR C 44 9.25 51.50 -50.32
CA TYR C 44 10.50 51.39 -51.08
C TYR C 44 10.24 51.94 -52.48
N ASP C 45 10.39 53.26 -52.62
CA ASP C 45 10.33 53.93 -53.91
C ASP C 45 11.68 54.58 -54.13
N PRO C 46 12.65 53.85 -54.70
CA PRO C 46 13.97 54.45 -54.93
C PRO C 46 14.01 55.45 -56.07
N LEU C 47 13.06 55.39 -56.99
CA LEU C 47 12.96 56.38 -58.05
C LEU C 47 12.01 57.52 -57.71
N GLY C 48 11.29 57.43 -56.60
CA GLY C 48 10.40 58.49 -56.17
C GLY C 48 9.20 58.71 -57.07
N TRP C 49 8.64 57.65 -57.63
CA TRP C 49 7.56 57.76 -58.58
C TRP C 49 6.19 57.75 -57.92
N LEU C 50 6.12 57.59 -56.60
CA LEU C 50 4.83 57.66 -55.92
C LEU C 50 4.33 59.09 -55.84
N GLU C 51 5.24 60.06 -55.82
CA GLU C 51 4.87 61.46 -55.92
C GLU C 51 5.14 62.03 -57.31
N SER C 52 5.95 61.35 -58.13
CA SER C 52 6.19 61.82 -59.49
C SER C 52 5.03 61.44 -60.40
N GLU C 53 4.49 60.24 -60.24
CA GLU C 53 3.30 59.81 -60.98
C GLU C 53 2.32 59.22 -59.97
N PRO C 54 1.57 60.07 -59.27
CA PRO C 54 0.65 59.55 -58.25
C PRO C 54 -0.62 58.93 -58.85
N GLU C 55 -1.05 59.45 -60.00
CA GLU C 55 -2.23 58.89 -60.65
C GLU C 55 -1.93 57.60 -61.40
N ALA C 56 -0.66 57.34 -61.69
CA ALA C 56 -0.26 56.12 -62.38
C ALA C 56 0.05 54.98 -61.43
N PHE C 57 -0.28 55.13 -60.15
CA PHE C 57 -0.05 54.04 -59.20
C PHE C 57 -1.06 52.91 -59.39
N GLU C 58 -2.30 53.25 -59.75
CA GLU C 58 -3.36 52.26 -59.86
C GLU C 58 -3.10 51.28 -60.99
N ARG C 59 -2.49 51.75 -62.09
CA ARG C 59 -2.09 50.81 -63.13
C ARG C 59 -0.89 49.98 -62.69
N ARG C 60 0.12 50.63 -62.12
CA ARG C 60 1.37 49.96 -61.79
C ARG C 60 1.20 48.94 -60.67
N ARG C 61 0.29 49.20 -59.72
CA ARG C 61 -0.05 48.18 -58.74
C ARG C 61 -0.76 47.01 -59.41
N ALA C 62 -1.65 47.31 -60.35
CA ALA C 62 -2.36 46.27 -61.08
C ALA C 62 -1.42 45.48 -61.98
N VAL C 63 -0.34 46.10 -62.47
CA VAL C 63 0.62 45.36 -63.27
C VAL C 63 1.55 44.55 -62.39
N GLU C 64 1.96 45.10 -61.24
CA GLU C 64 2.81 44.37 -60.31
C GLU C 64 2.10 43.16 -59.73
N ARG C 65 0.79 43.29 -59.47
CA ARG C 65 0.02 42.15 -59.02
C ARG C 65 -0.20 41.15 -60.15
N LYS C 66 -0.38 41.64 -61.38
CA LYS C 66 -0.56 40.76 -62.53
C LYS C 66 0.71 40.01 -62.87
N HIS C 67 1.85 40.70 -62.83
CA HIS C 67 3.12 40.04 -63.12
C HIS C 67 3.48 39.04 -62.02
N GLY C 68 3.11 39.34 -60.78
CA GLY C 68 3.38 38.42 -59.70
C GLY C 68 2.54 37.16 -59.78
N ARG C 69 1.26 37.30 -60.13
CA ARG C 69 0.38 36.14 -60.25
C ARG C 69 0.81 35.22 -61.39
N VAL C 70 1.36 35.78 -62.46
CA VAL C 70 1.90 34.95 -63.53
C VAL C 70 3.19 34.27 -63.08
N ALA C 71 4.03 35.00 -62.34
CA ALA C 71 5.34 34.48 -61.97
C ALA C 71 5.25 33.40 -60.89
N MET C 72 4.28 33.50 -59.98
CA MET C 72 4.13 32.47 -58.97
C MET C 72 3.60 31.18 -59.56
N ALA C 73 2.76 31.28 -60.60
CA ALA C 73 2.36 30.10 -61.33
C ALA C 73 3.51 29.58 -62.18
N ALA C 74 4.44 30.46 -62.56
CA ALA C 74 5.59 30.04 -63.37
C ALA C 74 6.66 29.35 -62.52
N VAL C 75 6.83 29.78 -61.28
CA VAL C 75 7.82 29.16 -60.41
C VAL C 75 7.38 27.76 -60.01
N VAL C 76 6.13 27.63 -59.57
CA VAL C 76 5.56 26.34 -59.21
C VAL C 76 5.51 25.43 -60.43
N GLY C 77 5.29 26.00 -61.62
CA GLY C 77 5.34 25.22 -62.83
C GLY C 77 6.71 24.63 -63.13
N THR C 78 7.77 25.41 -62.87
CA THR C 78 9.12 24.90 -63.10
C THR C 78 9.50 23.80 -62.13
N ILE C 79 8.90 23.79 -60.94
CA ILE C 79 9.17 22.72 -60.00
C ILE C 79 8.47 21.43 -60.44
N VAL C 80 7.25 21.55 -60.94
CA VAL C 80 6.49 20.38 -61.35
C VAL C 80 7.04 19.78 -62.64
N HIS C 81 7.52 20.65 -63.55
CA HIS C 81 8.16 20.17 -64.77
C HIS C 81 9.45 19.42 -64.45
N ASN C 82 10.25 19.95 -63.55
CA ASN C 82 11.57 19.38 -63.26
C ASN C 82 11.54 18.31 -62.18
N ASN C 83 10.37 17.96 -61.67
CA ASN C 83 10.22 16.72 -60.91
C ASN C 83 9.68 15.59 -61.77
N HIS C 84 9.57 15.83 -63.09
CA HIS C 84 9.12 14.85 -64.09
C HIS C 84 7.73 14.32 -63.78
N ILE C 85 6.89 15.19 -63.23
CA ILE C 85 5.47 14.91 -63.07
C ILE C 85 4.82 15.24 -64.40
N VAL C 86 4.44 14.21 -65.15
CA VAL C 86 3.90 14.38 -66.48
C VAL C 86 2.49 13.83 -66.53
N PHE C 87 1.75 14.24 -67.56
CA PHE C 87 0.33 13.95 -67.64
C PHE C 87 0.00 12.56 -68.17
N ASP C 88 1.01 11.76 -68.52
CA ASP C 88 0.85 10.34 -68.89
C ASP C 88 -0.06 10.17 -70.11
N GLY C 89 0.40 10.69 -71.24
CA GLY C 89 -0.37 10.54 -72.47
C GLY C 89 0.30 11.24 -73.63
N TYR C 90 -0.54 11.64 -74.59
CA TYR C 90 -0.10 12.33 -75.80
C TYR C 90 -0.64 13.75 -75.80
N LEU C 91 0.25 14.73 -75.92
CA LEU C 91 -0.22 16.09 -76.11
C LEU C 91 -0.80 16.27 -77.50
N SER C 92 -0.15 15.69 -78.51
CA SER C 92 -0.62 15.78 -79.89
C SER C 92 -0.35 14.46 -80.59
N PRO C 93 -1.37 13.60 -80.75
CA PRO C 93 -1.18 12.38 -81.54
C PRO C 93 -0.97 12.64 -83.02
N SER C 94 -1.48 13.76 -83.55
CA SER C 94 -1.24 14.09 -84.95
C SER C 94 0.21 14.48 -85.20
N ASN C 95 0.86 15.10 -84.22
CA ASN C 95 2.26 15.44 -84.31
C ASN C 95 3.16 14.41 -83.66
N ASN C 96 2.57 13.34 -83.09
CA ASN C 96 3.25 12.25 -82.40
C ASN C 96 4.13 12.79 -81.27
N LEU C 97 3.50 13.52 -80.36
CA LEU C 97 4.19 14.27 -79.32
C LEU C 97 3.59 13.91 -77.98
N LYS C 98 4.32 13.12 -77.20
CA LYS C 98 3.85 12.79 -75.85
C LYS C 98 4.09 13.96 -74.92
N PHE C 99 3.52 13.87 -73.72
CA PHE C 99 3.80 14.86 -72.69
C PHE C 99 5.23 14.74 -72.18
N SER C 100 5.80 13.53 -72.20
CA SER C 100 7.17 13.32 -71.81
C SER C 100 8.17 13.75 -72.87
N ASP C 101 7.72 14.02 -74.10
CA ASP C 101 8.58 14.47 -75.18
C ASP C 101 8.83 15.98 -75.15
N ILE C 102 8.36 16.67 -74.13
CA ILE C 102 8.52 18.11 -74.02
C ILE C 102 9.61 18.40 -72.99
N PRO C 103 10.60 19.23 -73.30
CA PRO C 103 11.61 19.58 -72.30
C PRO C 103 11.03 20.44 -71.19
N THR C 104 11.64 20.33 -70.01
CA THR C 104 11.08 20.96 -68.83
C THR C 104 11.46 22.43 -68.72
N GLY C 105 12.62 22.82 -69.23
CA GLY C 105 13.12 24.15 -69.02
C GLY C 105 12.57 25.21 -69.95
N VAL C 106 13.47 26.00 -70.54
CA VAL C 106 13.06 27.13 -71.38
C VAL C 106 12.44 26.63 -72.69
N ASP C 107 12.93 25.52 -73.21
CA ASP C 107 12.43 24.98 -74.47
C ASP C 107 11.25 24.04 -74.25
N GLY C 108 10.24 24.49 -73.51
CA GLY C 108 9.06 23.68 -73.30
C GLY C 108 7.85 24.25 -74.00
N ILE C 109 7.73 25.57 -74.00
CA ILE C 109 6.65 26.21 -74.73
C ILE C 109 6.98 26.26 -76.22
N ARG C 110 8.26 26.16 -76.58
CA ARG C 110 8.64 26.05 -77.98
C ARG C 110 8.27 24.69 -78.57
N ALA C 111 8.15 23.66 -77.74
CA ALA C 111 7.79 22.33 -78.21
C ALA C 111 6.31 22.16 -78.43
N ILE C 112 5.48 23.10 -77.97
CA ILE C 112 4.03 23.00 -78.16
C ILE C 112 3.70 23.33 -79.60
N PRO C 113 2.86 22.55 -80.29
CA PRO C 113 2.48 22.87 -81.66
C PRO C 113 1.66 24.15 -81.76
N THR C 114 1.67 24.74 -82.95
CA THR C 114 1.01 26.03 -83.15
C THR C 114 -0.50 25.92 -83.17
N ALA C 115 -1.05 24.71 -83.31
CA ALA C 115 -2.48 24.53 -83.12
C ALA C 115 -2.84 24.42 -81.65
N GLY C 116 -1.86 24.18 -80.79
CA GLY C 116 -2.08 24.15 -79.37
C GLY C 116 -1.85 25.51 -78.72
N LEU C 117 -0.89 26.27 -79.25
CA LEU C 117 -0.71 27.64 -78.82
C LEU C 117 -1.86 28.53 -79.26
N ALA C 118 -2.58 28.14 -80.32
CA ALA C 118 -3.79 28.86 -80.68
C ALA C 118 -4.92 28.55 -79.71
N GLN C 119 -4.91 27.37 -79.09
CA GLN C 119 -5.91 27.03 -78.10
C GLN C 119 -5.64 27.72 -76.77
N ILE C 120 -4.36 27.90 -76.42
CA ILE C 120 -4.01 28.61 -75.19
C ILE C 120 -4.37 30.08 -75.31
N LEU C 121 -4.07 30.69 -76.45
CA LEU C 121 -4.38 32.10 -76.63
C LEU C 121 -5.86 32.35 -76.89
N ALA C 122 -6.65 31.32 -77.17
CA ALA C 122 -8.08 31.51 -77.34
C ALA C 122 -8.84 31.42 -76.02
N PHE C 123 -8.47 30.46 -75.17
CA PHE C 123 -9.12 30.32 -73.89
C PHE C 123 -8.71 31.44 -72.94
N PHE C 124 -7.45 31.86 -73.00
CA PHE C 124 -7.00 32.95 -72.17
C PHE C 124 -7.22 34.31 -72.81
N ALA C 125 -7.83 34.37 -73.99
CA ALA C 125 -8.43 35.63 -74.42
C ALA C 125 -9.81 35.80 -73.80
N LEU C 126 -10.48 34.69 -73.52
CA LEU C 126 -11.77 34.76 -72.84
C LEU C 126 -11.62 35.10 -71.37
N VAL C 127 -10.50 34.72 -70.78
CA VAL C 127 -10.24 35.04 -69.37
C VAL C 127 -9.79 36.48 -69.23
N GLU C 128 -8.79 36.89 -70.00
CA GLU C 128 -8.15 38.20 -69.86
C GLU C 128 -8.99 39.35 -70.37
N LEU C 129 -10.06 39.09 -71.12
CA LEU C 129 -10.90 40.15 -71.63
C LEU C 129 -12.32 40.12 -71.09
N ALA C 130 -12.85 38.96 -70.79
CA ALA C 130 -14.26 38.81 -70.47
C ALA C 130 -14.51 38.32 -69.05
N TRP C 131 -13.87 37.23 -68.66
CA TRP C 131 -14.21 36.58 -67.40
C TRP C 131 -13.56 37.26 -66.21
N MET C 132 -12.23 37.35 -66.21
CA MET C 132 -11.46 38.12 -65.24
C MET C 132 -10.66 39.16 -66.01
N PRO C 133 -11.29 40.26 -66.42
CA PRO C 133 -10.64 41.17 -67.37
C PRO C 133 -9.47 41.91 -66.74
N ALA C 134 -8.34 41.94 -67.45
CA ALA C 134 -7.15 42.58 -66.93
C ALA C 134 -7.24 44.10 -66.98
N SER C 135 -8.25 44.66 -67.64
CA SER C 135 -8.52 46.08 -67.53
C SER C 135 -9.08 46.46 -66.16
N LYS C 136 -9.65 45.50 -65.44
CA LYS C 136 -10.13 45.72 -64.08
C LYS C 136 -8.93 45.80 -63.15
N TYR C 137 -8.55 47.01 -62.77
CA TYR C 137 -7.35 47.24 -61.99
C TYR C 137 -7.52 46.94 -60.51
N ASP C 138 -8.75 46.64 -60.07
CA ASP C 138 -8.99 46.38 -58.65
C ASP C 138 -8.35 45.07 -58.22
N GLY C 139 -8.26 44.10 -59.11
CA GLY C 139 -7.61 42.84 -58.80
C GLY C 139 -8.51 41.75 -58.29
N ASP C 140 -9.36 42.09 -57.32
CA ASP C 140 -10.32 41.12 -56.79
C ASP C 140 -11.44 40.92 -57.81
N TYR C 141 -11.52 39.73 -58.36
CA TYR C 141 -12.65 39.33 -59.19
C TYR C 141 -13.68 38.67 -58.26
N GLY C 142 -14.64 37.94 -58.83
CA GLY C 142 -15.67 37.33 -58.01
C GLY C 142 -15.15 36.27 -57.04
N VAL C 143 -14.05 35.63 -57.38
CA VAL C 143 -13.42 34.72 -56.44
C VAL C 143 -12.76 35.52 -55.32
N GLY C 144 -12.64 34.89 -54.17
CA GLY C 144 -11.99 35.51 -53.04
C GLY C 144 -10.64 34.91 -52.79
N TYR C 145 -10.29 34.75 -51.53
CA TYR C 145 -9.13 33.97 -51.14
C TYR C 145 -9.66 32.59 -50.80
N PHE C 146 -9.46 31.64 -51.73
CA PHE C 146 -10.10 30.32 -51.71
C PHE C 146 -11.61 30.45 -51.59
N GLY C 147 -12.18 31.35 -52.36
CA GLY C 147 -13.62 31.54 -52.42
C GLY C 147 -14.21 32.35 -51.29
N THR C 148 -13.44 32.69 -50.27
CA THR C 148 -13.94 33.38 -49.09
C THR C 148 -13.47 34.83 -49.12
N ASP C 149 -14.39 35.75 -48.85
CA ASP C 149 -14.01 37.10 -48.50
C ASP C 149 -13.37 37.08 -47.11
N ILE C 150 -12.42 37.98 -46.90
CA ILE C 150 -11.79 38.15 -45.60
C ILE C 150 -12.41 39.38 -44.96
N LYS C 151 -13.18 39.16 -43.90
CA LYS C 151 -13.94 40.26 -43.29
C LYS C 151 -13.08 41.17 -42.45
N ASP C 152 -12.06 40.63 -41.80
CA ASP C 152 -11.16 41.44 -40.99
C ASP C 152 -10.29 42.29 -41.89
N PRO C 153 -10.31 43.63 -41.78
CA PRO C 153 -9.50 44.45 -42.67
C PRO C 153 -8.01 44.41 -42.34
N GLU C 154 -7.63 43.97 -41.14
CA GLU C 154 -6.23 43.80 -40.84
C GLU C 154 -5.71 42.43 -41.25
N GLU C 155 -6.59 41.46 -41.46
CA GLU C 155 -6.21 40.16 -41.99
C GLU C 155 -6.29 40.13 -43.50
N LYS C 156 -7.24 40.87 -44.09
CA LYS C 156 -7.31 40.96 -45.54
C LYS C 156 -6.13 41.73 -46.11
N ALA C 157 -5.76 42.83 -45.45
CA ALA C 157 -4.61 43.60 -45.91
C ALA C 157 -3.29 42.86 -45.65
N ARG C 158 -3.27 41.97 -44.68
CA ARG C 158 -2.10 41.13 -44.47
C ARG C 158 -1.95 40.13 -45.60
N LYS C 159 -3.04 39.47 -46.00
CA LYS C 159 -2.99 38.52 -47.12
C LYS C 159 -2.74 39.23 -48.44
N LEU C 160 -3.19 40.48 -48.58
CA LEU C 160 -2.88 41.25 -49.78
C LEU C 160 -1.39 41.58 -49.85
N ASN C 161 -0.74 41.74 -48.70
CA ASN C 161 0.70 41.97 -48.68
C ASN C 161 1.46 40.70 -49.02
N VAL C 162 0.93 39.53 -48.67
CA VAL C 162 1.63 38.28 -48.96
C VAL C 162 1.58 37.98 -50.45
N GLU C 163 0.46 38.28 -51.10
CA GLU C 163 0.33 38.07 -52.54
C GLU C 163 1.28 38.96 -53.33
N LEU C 164 1.49 40.19 -52.86
CA LEU C 164 2.45 41.06 -53.52
C LEU C 164 3.87 40.61 -53.23
N ASN C 165 4.16 40.20 -52.00
CA ASN C 165 5.53 39.85 -51.64
C ASN C 165 5.94 38.51 -52.24
N ASN C 166 5.05 37.51 -52.19
CA ASN C 166 5.34 36.26 -52.88
C ASN C 166 5.29 36.44 -54.40
N GLY C 167 4.59 37.46 -54.89
CA GLY C 167 4.70 37.80 -56.29
C GLY C 167 6.02 38.46 -56.62
N ARG C 168 6.54 39.28 -55.70
CA ARG C 168 7.83 39.91 -55.91
C ARG C 168 8.95 38.90 -55.84
N ALA C 169 8.86 37.95 -54.91
CA ALA C 169 9.92 36.96 -54.75
C ALA C 169 9.93 35.97 -55.90
N ALA C 170 8.77 35.70 -56.49
CA ALA C 170 8.72 34.78 -57.62
C ALA C 170 9.02 35.46 -58.95
N MET C 171 8.87 36.79 -59.03
CA MET C 171 9.22 37.50 -60.25
C MET C 171 10.71 37.47 -60.49
N MET C 172 11.50 37.82 -59.48
CA MET C 172 12.94 37.64 -59.57
C MET C 172 13.32 36.17 -59.44
N GLY C 173 12.44 35.35 -58.88
CA GLY C 173 12.71 33.92 -58.81
C GLY C 173 12.58 33.23 -60.15
N ILE C 174 11.57 33.62 -60.95
CA ILE C 174 11.44 32.98 -62.25
C ILE C 174 12.46 33.53 -63.25
N MET C 175 12.88 34.79 -63.08
CA MET C 175 13.89 35.34 -63.97
C MET C 175 15.27 34.81 -63.62
N GLY C 176 15.45 34.36 -62.38
CA GLY C 176 16.67 33.67 -62.01
C GLY C 176 16.72 32.24 -62.44
N ASN C 177 15.60 31.68 -62.87
CA ASN C 177 15.57 30.34 -63.42
C ASN C 177 15.71 30.34 -64.93
N MET C 178 15.29 31.42 -65.59
CA MET C 178 15.49 31.53 -67.03
C MET C 178 16.95 31.80 -67.36
N VAL C 179 17.60 32.70 -66.61
CA VAL C 179 19.02 32.95 -66.81
C VAL C 179 19.90 31.86 -66.25
N ALA C 180 19.35 30.94 -65.46
CA ALA C 180 20.11 29.76 -65.06
C ALA C 180 20.07 28.67 -66.11
N GLU C 181 19.41 28.91 -67.23
CA GLU C 181 19.36 27.99 -68.36
C GLU C 181 19.88 28.62 -69.64
N VAL C 182 19.58 29.89 -69.90
CA VAL C 182 20.11 30.51 -71.10
C VAL C 182 21.56 30.96 -70.94
N LEU C 183 22.09 30.96 -69.71
CA LEU C 183 23.51 31.14 -69.48
C LEU C 183 24.21 29.82 -69.14
N THR C 184 23.49 28.73 -69.15
CA THR C 184 24.08 27.45 -68.82
C THR C 184 23.82 26.38 -69.88
N GLY C 185 22.64 26.40 -70.50
CA GLY C 185 22.31 25.39 -71.48
C GLY C 185 21.96 24.06 -70.86
N GLN C 186 21.18 24.09 -69.78
CA GLN C 186 20.97 22.92 -68.94
C GLN C 186 19.74 23.18 -68.09
N THR C 187 18.80 22.24 -68.11
CA THR C 187 17.56 22.43 -67.37
C THR C 187 17.79 22.24 -65.88
N MET C 188 16.75 22.55 -65.10
CA MET C 188 16.89 22.58 -63.65
C MET C 188 17.02 21.19 -63.05
N TYR C 189 16.63 20.15 -63.78
CA TYR C 189 16.76 18.80 -63.26
C TYR C 189 18.22 18.38 -63.20
N GLU C 190 18.90 18.34 -64.34
CA GLU C 190 20.29 17.94 -64.37
C GLU C 190 21.25 19.08 -64.05
N GLN C 191 20.74 20.28 -63.74
CA GLN C 191 21.55 21.23 -63.00
C GLN C 191 21.80 20.76 -61.58
N TYR C 192 20.89 19.93 -61.05
CA TYR C 192 21.00 19.40 -59.71
C TYR C 192 21.59 17.99 -59.70
N ALA C 193 21.45 17.25 -60.80
CA ALA C 193 22.00 15.91 -60.88
C ALA C 193 23.51 15.94 -61.06
N SER C 194 24.00 16.79 -61.95
CA SER C 194 25.43 16.92 -62.21
C SER C 194 26.15 17.77 -61.17
N GLY C 195 25.43 18.31 -60.19
CA GLY C 195 26.06 19.14 -59.18
C GLY C 195 26.56 20.46 -59.70
N HIS C 196 25.98 20.96 -60.79
CA HIS C 196 26.48 22.14 -61.49
C HIS C 196 25.96 23.44 -60.92
N ILE C 197 25.51 23.44 -59.66
CA ILE C 197 25.10 24.66 -58.99
C ILE C 197 26.25 25.38 -58.33
N SER C 198 27.46 24.84 -58.42
CA SER C 198 28.63 25.56 -57.92
C SER C 198 28.96 26.72 -58.86
N PRO C 199 29.01 27.96 -58.36
CA PRO C 199 29.30 29.11 -59.22
C PRO C 199 30.78 29.21 -59.61
N SER D 31 -4.75 39.22 -21.73
CA SER D 31 -5.33 37.89 -21.54
C SER D 31 -4.31 36.80 -21.77
N GLU D 32 -3.23 36.84 -20.98
CA GLU D 32 -2.21 35.81 -21.02
C GLU D 32 -2.01 35.13 -19.67
N ILE D 33 -2.50 35.73 -18.57
CA ILE D 33 -2.36 35.16 -17.25
C ILE D 33 -3.22 33.90 -17.13
N GLU D 34 -4.34 33.85 -17.85
CA GLU D 34 -5.30 32.77 -17.72
C GLU D 34 -5.20 31.75 -18.85
N LEU D 35 -4.14 31.78 -19.65
CA LEU D 35 -4.10 30.96 -20.85
C LEU D 35 -3.54 29.57 -20.64
N GLY D 36 -2.85 29.32 -19.53
CA GLY D 36 -2.42 27.97 -19.22
C GLY D 36 -3.31 27.29 -18.20
N VAL D 37 -4.34 27.97 -17.75
CA VAL D 37 -5.20 27.48 -16.67
C VAL D 37 -6.28 26.60 -17.27
N THR D 38 -6.31 25.35 -16.87
CA THR D 38 -7.22 24.37 -17.44
C THR D 38 -7.77 23.60 -16.23
N GLU D 39 -8.35 22.42 -16.44
CA GLU D 39 -8.82 21.51 -15.41
C GLU D 39 -7.64 20.76 -14.80
N PRO D 40 -7.86 19.62 -14.12
CA PRO D 40 -7.73 19.54 -12.66
C PRO D 40 -6.74 20.46 -11.94
N LEU D 41 -5.58 20.75 -12.52
CA LEU D 41 -4.57 21.50 -11.78
C LEU D 41 -4.98 22.95 -11.57
N GLY D 42 -5.68 23.55 -12.53
CA GLY D 42 -5.98 24.97 -12.42
C GLY D 42 -4.73 25.78 -12.66
N VAL D 43 -4.48 26.72 -11.77
CA VAL D 43 -3.20 27.43 -11.77
C VAL D 43 -2.19 26.58 -11.03
N TYR D 44 -1.05 26.31 -11.66
CA TYR D 44 -0.04 25.43 -11.09
C TYR D 44 1.30 26.15 -11.07
N ASP D 45 1.76 26.49 -9.87
CA ASP D 45 3.10 27.06 -9.69
C ASP D 45 3.61 26.64 -8.32
N PRO D 46 4.27 25.49 -8.23
CA PRO D 46 4.88 25.08 -6.94
C PRO D 46 6.03 25.96 -6.53
N LEU D 47 6.71 26.61 -7.47
CA LEU D 47 7.71 27.61 -7.13
C LEU D 47 7.09 28.92 -6.68
N GLY D 48 5.83 29.16 -7.02
CA GLY D 48 5.19 30.42 -6.69
C GLY D 48 5.73 31.60 -7.47
N TRP D 49 6.20 31.38 -8.69
CA TRP D 49 6.81 32.45 -9.47
C TRP D 49 5.80 33.42 -10.05
N LEU D 50 4.52 33.08 -10.08
CA LEU D 50 3.51 34.04 -10.47
C LEU D 50 3.28 35.08 -9.39
N GLU D 51 3.60 34.76 -8.14
CA GLU D 51 3.54 35.72 -7.06
C GLU D 51 4.90 36.33 -6.73
N SER D 52 5.99 35.73 -7.23
CA SER D 52 7.34 36.24 -6.98
C SER D 52 7.81 37.13 -8.12
N GLU D 53 7.68 36.67 -9.37
CA GLU D 53 8.04 37.44 -10.54
C GLU D 53 6.81 37.65 -11.41
N PRO D 54 6.01 38.68 -11.13
CA PRO D 54 4.89 38.99 -12.04
C PRO D 54 5.33 39.74 -13.29
N GLU D 55 6.57 40.21 -13.33
CA GLU D 55 7.06 41.01 -14.44
C GLU D 55 7.81 40.20 -15.50
N ALA D 56 8.25 38.99 -15.17
CA ALA D 56 8.95 38.13 -16.12
C ALA D 56 8.03 37.07 -16.70
N PHE D 57 6.73 37.21 -16.54
CA PHE D 57 5.80 36.21 -17.07
C PHE D 57 5.68 36.29 -18.58
N GLU D 58 5.82 37.50 -19.14
CA GLU D 58 5.63 37.68 -20.57
C GLU D 58 6.72 36.98 -21.37
N ARG D 59 7.95 36.94 -20.85
CA ARG D 59 8.96 36.13 -21.49
C ARG D 59 8.77 34.65 -21.19
N ARG D 60 8.50 34.32 -19.92
CA ARG D 60 8.40 32.92 -19.51
C ARG D 60 7.20 32.21 -20.12
N ARG D 61 6.16 32.96 -20.48
CA ARG D 61 5.09 32.36 -21.28
C ARG D 61 5.54 32.15 -22.71
N ALA D 62 6.24 33.14 -23.29
CA ALA D 62 6.73 33.04 -24.65
C ALA D 62 7.79 31.97 -24.82
N VAL D 63 8.48 31.59 -23.75
CA VAL D 63 9.43 30.50 -23.84
C VAL D 63 8.70 29.15 -23.74
N GLU D 64 7.69 29.07 -22.86
CA GLU D 64 6.90 27.84 -22.73
C GLU D 64 6.11 27.55 -24.01
N ARG D 65 5.61 28.60 -24.65
CA ARG D 65 4.94 28.41 -25.93
C ARG D 65 5.91 28.00 -27.01
N LYS D 66 7.12 28.57 -27.01
CA LYS D 66 8.13 28.23 -27.99
C LYS D 66 8.68 26.83 -27.76
N HIS D 67 8.94 26.47 -26.50
CA HIS D 67 9.37 25.12 -26.19
C HIS D 67 8.27 24.11 -26.44
N GLY D 68 7.01 24.54 -26.36
CA GLY D 68 5.91 23.66 -26.71
C GLY D 68 5.80 23.45 -28.20
N ARG D 69 5.94 24.52 -28.99
CA ARG D 69 5.86 24.40 -30.44
C ARG D 69 7.03 23.62 -31.02
N VAL D 70 8.21 23.72 -30.41
CA VAL D 70 9.37 22.97 -30.89
C VAL D 70 9.22 21.50 -30.55
N ALA D 71 8.75 21.19 -29.34
CA ALA D 71 8.61 19.80 -28.95
C ALA D 71 7.40 19.14 -29.57
N MET D 72 6.39 19.92 -29.99
CA MET D 72 5.24 19.33 -30.68
C MET D 72 5.62 18.89 -32.08
N ALA D 73 6.47 19.65 -32.75
CA ALA D 73 7.00 19.26 -34.04
C ALA D 73 8.14 18.25 -33.93
N ALA D 74 8.49 17.84 -32.72
CA ALA D 74 9.55 16.86 -32.49
C ALA D 74 9.00 15.48 -32.17
N VAL D 75 7.93 15.40 -31.37
CA VAL D 75 7.29 14.11 -31.11
C VAL D 75 6.64 13.58 -32.38
N VAL D 76 6.07 14.48 -33.18
CA VAL D 76 5.59 14.11 -34.52
C VAL D 76 6.77 13.69 -35.40
N GLY D 77 7.94 14.31 -35.19
CA GLY D 77 9.11 13.95 -35.96
C GLY D 77 9.60 12.54 -35.67
N THR D 78 9.60 12.11 -34.41
CA THR D 78 10.03 10.76 -34.10
C THR D 78 9.02 9.72 -34.56
N ILE D 79 7.75 10.10 -34.66
CA ILE D 79 6.73 9.20 -35.19
C ILE D 79 6.95 8.99 -36.68
N VAL D 80 7.27 10.05 -37.42
CA VAL D 80 7.50 9.94 -38.85
C VAL D 80 8.79 9.17 -39.12
N HIS D 81 9.83 9.42 -38.34
CA HIS D 81 11.11 8.77 -38.58
C HIS D 81 11.07 7.29 -38.23
N ASN D 82 10.37 6.91 -37.17
CA ASN D 82 10.32 5.51 -36.79
C ASN D 82 9.29 4.72 -37.58
N ASN D 83 8.48 5.37 -38.40
CA ASN D 83 7.60 4.68 -39.33
C ASN D 83 8.22 4.57 -40.72
N HIS D 84 9.48 4.95 -40.85
CA HIS D 84 10.29 4.79 -42.08
C HIS D 84 9.68 5.54 -43.25
N ILE D 85 9.11 6.71 -42.98
CA ILE D 85 8.68 7.63 -44.02
C ILE D 85 9.92 8.45 -44.39
N VAL D 86 10.56 8.08 -45.49
CA VAL D 86 11.76 8.76 -45.95
C VAL D 86 11.44 9.48 -47.26
N PHE D 87 12.42 10.24 -47.75
CA PHE D 87 12.20 11.11 -48.89
C PHE D 87 12.64 10.52 -50.23
N ASP D 88 13.05 9.25 -50.25
CA ASP D 88 13.29 8.47 -51.47
C ASP D 88 14.38 9.11 -52.36
N GLY D 89 15.60 9.15 -51.83
CA GLY D 89 16.69 9.70 -52.61
C GLY D 89 17.94 9.88 -51.79
N TYR D 90 18.74 10.88 -52.18
CA TYR D 90 20.01 11.18 -51.54
C TYR D 90 19.91 12.51 -50.82
N LEU D 91 20.15 12.49 -49.51
CA LEU D 91 20.30 13.75 -48.79
C LEU D 91 21.60 14.43 -49.17
N SER D 92 22.69 13.67 -49.15
CA SER D 92 24.00 14.18 -49.57
C SER D 92 24.61 13.20 -50.57
N PRO D 93 24.45 13.45 -51.87
CA PRO D 93 25.17 12.63 -52.85
C PRO D 93 26.67 12.84 -52.83
N SER D 94 27.15 13.97 -52.31
CA SER D 94 28.59 14.15 -52.12
C SER D 94 29.09 13.24 -51.02
N ASN D 95 28.29 12.98 -50.00
CA ASN D 95 28.63 12.04 -48.94
C ASN D 95 28.15 10.63 -49.24
N ASN D 96 27.50 10.43 -50.40
CA ASN D 96 26.82 9.19 -50.78
C ASN D 96 25.82 8.77 -49.69
N LEU D 97 25.09 9.75 -49.17
CA LEU D 97 24.23 9.56 -48.01
C LEU D 97 22.78 9.66 -48.45
N LYS D 98 22.03 8.57 -48.25
CA LYS D 98 20.62 8.56 -48.56
C LYS D 98 19.81 9.02 -47.36
N PHE D 99 18.52 9.29 -47.61
CA PHE D 99 17.61 9.60 -46.51
C PHE D 99 17.35 8.38 -45.64
N SER D 100 17.42 7.19 -46.22
CA SER D 100 17.19 5.95 -45.49
C SER D 100 18.43 5.47 -44.74
N ASP D 101 19.59 6.09 -44.97
CA ASP D 101 20.80 5.71 -44.25
C ASP D 101 20.91 6.40 -42.89
N ILE D 102 20.20 7.51 -42.71
CA ILE D 102 20.23 8.26 -41.45
C ILE D 102 19.49 7.45 -40.38
N PRO D 103 20.03 7.36 -39.16
CA PRO D 103 19.29 6.69 -38.08
C PRO D 103 18.03 7.45 -37.70
N THR D 104 17.02 6.68 -37.27
CA THR D 104 15.73 7.23 -36.91
C THR D 104 15.61 7.49 -35.41
N GLY D 105 16.72 7.64 -34.71
CA GLY D 105 16.69 7.89 -33.29
C GLY D 105 17.27 9.24 -32.93
N VAL D 106 17.97 9.32 -31.80
CA VAL D 106 18.54 10.59 -31.36
C VAL D 106 19.76 10.97 -32.18
N ASP D 107 20.38 10.01 -32.86
CA ASP D 107 21.60 10.24 -33.61
C ASP D 107 21.33 10.61 -35.06
N GLY D 108 20.10 11.00 -35.38
CA GLY D 108 19.78 11.36 -36.75
C GLY D 108 20.28 12.74 -37.14
N ILE D 109 20.33 13.67 -36.19
CA ILE D 109 20.85 15.00 -36.48
C ILE D 109 22.37 14.96 -36.66
N ARG D 110 23.04 13.96 -36.10
CA ARG D 110 24.48 13.84 -36.24
C ARG D 110 24.88 13.23 -37.57
N ALA D 111 23.99 12.48 -38.21
CA ALA D 111 24.29 11.88 -39.50
C ALA D 111 24.23 12.90 -40.63
N ILE D 112 23.58 14.03 -40.42
CA ILE D 112 23.55 15.09 -41.43
C ILE D 112 24.94 15.73 -41.51
N PRO D 113 25.49 15.94 -42.70
CA PRO D 113 26.77 16.64 -42.80
C PRO D 113 26.64 18.10 -42.42
N THR D 114 27.76 18.66 -41.95
CA THR D 114 27.76 20.01 -41.40
C THR D 114 27.57 21.08 -42.46
N ALA D 115 27.81 20.76 -43.73
CA ALA D 115 27.44 21.69 -44.80
C ALA D 115 25.93 21.74 -44.99
N GLY D 116 25.22 20.69 -44.60
CA GLY D 116 23.78 20.70 -44.64
C GLY D 116 23.18 21.21 -43.35
N LEU D 117 23.88 20.98 -42.24
CA LEU D 117 23.44 21.54 -40.96
C LEU D 117 23.63 23.05 -40.92
N ALA D 118 24.56 23.58 -41.72
CA ALA D 118 24.68 25.03 -41.83
C ALA D 118 23.53 25.61 -42.63
N GLN D 119 22.98 24.84 -43.56
CA GLN D 119 21.84 25.33 -44.35
C GLN D 119 20.57 25.37 -43.51
N ILE D 120 20.49 24.54 -42.48
CA ILE D 120 19.35 24.58 -41.58
C ILE D 120 19.39 25.83 -40.71
N LEU D 121 20.56 26.11 -40.13
CA LEU D 121 20.70 27.25 -39.23
C LEU D 121 20.66 28.57 -39.97
N ALA D 122 21.02 28.59 -41.25
CA ALA D 122 20.99 29.83 -42.00
C ALA D 122 19.57 30.23 -42.36
N PHE D 123 18.67 29.26 -42.51
CA PHE D 123 17.30 29.57 -42.90
C PHE D 123 16.43 29.88 -41.69
N PHE D 124 16.66 29.19 -40.57
CA PHE D 124 15.93 29.49 -39.35
C PHE D 124 16.47 30.72 -38.63
N ALA D 125 17.65 31.20 -38.99
CA ALA D 125 18.04 32.54 -38.59
C ALA D 125 17.19 33.59 -39.30
N LEU D 126 16.80 33.30 -40.54
CA LEU D 126 15.87 34.19 -41.23
C LEU D 126 14.47 34.08 -40.65
N VAL D 127 14.13 32.93 -40.06
CA VAL D 127 12.82 32.77 -39.47
C VAL D 127 12.77 33.40 -38.08
N GLU D 128 13.68 33.01 -37.20
CA GLU D 128 13.59 33.38 -35.79
C GLU D 128 14.03 34.80 -35.51
N LEU D 129 14.63 35.50 -36.48
CA LEU D 129 15.00 36.89 -36.29
C LEU D 129 14.21 37.85 -37.16
N ALA D 130 13.78 37.40 -38.34
CA ALA D 130 13.19 38.30 -39.32
C ALA D 130 11.74 37.97 -39.63
N TRP D 131 11.43 36.72 -39.98
CA TRP D 131 10.10 36.40 -40.44
C TRP D 131 9.12 36.26 -39.28
N MET D 132 9.37 35.31 -38.39
CA MET D 132 8.59 35.15 -37.16
C MET D 132 9.57 35.36 -36.01
N PRO D 133 9.82 36.61 -35.63
CA PRO D 133 10.88 36.89 -34.65
C PRO D 133 10.52 36.40 -33.26
N ALA D 134 11.45 35.68 -32.64
CA ALA D 134 11.20 35.16 -31.31
C ALA D 134 11.31 36.22 -30.23
N SER D 135 11.77 37.43 -30.56
CA SER D 135 11.65 38.56 -29.66
C SER D 135 10.20 39.00 -29.47
N LYS D 136 9.32 38.68 -30.41
CA LYS D 136 7.89 38.92 -30.25
C LYS D 136 7.36 37.95 -29.21
N TYR D 137 7.12 38.45 -28.00
CA TYR D 137 6.74 37.60 -26.88
C TYR D 137 5.27 37.19 -26.90
N ASP D 138 4.50 37.67 -27.87
CA ASP D 138 3.10 37.29 -27.95
C ASP D 138 2.95 35.85 -28.43
N GLY D 139 3.89 35.38 -29.24
CA GLY D 139 3.69 34.17 -30.01
C GLY D 139 2.79 34.35 -31.22
N ASP D 140 2.39 35.59 -31.49
CA ASP D 140 1.36 35.91 -32.47
C ASP D 140 2.04 36.49 -33.71
N TYR D 141 1.84 35.84 -34.84
CA TYR D 141 2.36 36.35 -36.10
C TYR D 141 1.21 36.44 -37.08
N GLY D 142 1.51 36.67 -38.36
CA GLY D 142 0.45 36.92 -39.33
C GLY D 142 -0.45 35.73 -39.59
N VAL D 143 0.05 34.53 -39.36
CA VAL D 143 -0.78 33.34 -39.47
C VAL D 143 -1.63 33.22 -38.22
N GLY D 144 -2.79 32.60 -38.36
CA GLY D 144 -3.64 32.31 -37.24
C GLY D 144 -3.69 30.82 -36.97
N TYR D 145 -4.88 30.32 -36.66
CA TYR D 145 -5.10 28.89 -36.54
C TYR D 145 -5.65 28.44 -37.87
N PHE D 146 -4.78 27.83 -38.68
CA PHE D 146 -5.04 27.51 -40.09
C PHE D 146 -5.52 28.73 -40.85
N GLY D 147 -4.78 29.83 -40.70
CA GLY D 147 -5.08 31.07 -41.40
C GLY D 147 -6.26 31.84 -40.87
N THR D 148 -6.91 31.36 -39.82
CA THR D 148 -8.14 31.95 -39.31
C THR D 148 -7.89 32.55 -37.93
N ASP D 149 -8.31 33.79 -37.76
CA ASP D 149 -8.40 34.38 -36.43
C ASP D 149 -9.76 34.06 -35.82
N ILE D 150 -9.74 33.63 -34.57
CA ILE D 150 -10.95 33.16 -33.88
C ILE D 150 -11.53 34.35 -33.12
N LYS D 151 -12.68 34.84 -33.59
CA LYS D 151 -13.30 36.01 -32.97
C LYS D 151 -14.00 35.69 -31.66
N ASP D 152 -14.45 34.46 -31.46
CA ASP D 152 -15.06 34.10 -30.19
C ASP D 152 -13.97 33.99 -29.13
N PRO D 153 -14.03 34.76 -28.04
CA PRO D 153 -12.90 34.79 -27.10
C PRO D 153 -12.77 33.54 -26.26
N GLU D 154 -13.87 32.85 -25.95
CA GLU D 154 -13.76 31.60 -25.21
C GLU D 154 -13.33 30.47 -26.14
N GLU D 155 -13.75 30.51 -27.41
CA GLU D 155 -13.28 29.53 -28.38
C GLU D 155 -11.82 29.76 -28.72
N LYS D 156 -11.36 31.01 -28.76
CA LYS D 156 -9.96 31.29 -29.03
C LYS D 156 -9.08 30.89 -27.85
N ALA D 157 -9.54 31.16 -26.62
CA ALA D 157 -8.80 30.74 -25.45
C ALA D 157 -8.85 29.24 -25.23
N ARG D 158 -9.81 28.55 -25.85
CA ARG D 158 -9.81 27.10 -25.79
C ARG D 158 -8.71 26.52 -26.66
N LYS D 159 -8.46 27.11 -27.83
CA LYS D 159 -7.38 26.63 -28.68
C LYS D 159 -6.01 27.06 -28.17
N LEU D 160 -5.92 28.23 -27.56
CA LEU D 160 -4.66 28.67 -26.96
C LEU D 160 -4.28 27.79 -25.77
N ASN D 161 -5.28 27.30 -25.04
CA ASN D 161 -5.02 26.34 -23.97
C ASN D 161 -4.58 24.99 -24.51
N VAL D 162 -5.08 24.62 -25.69
CA VAL D 162 -4.74 23.33 -26.28
C VAL D 162 -3.30 23.34 -26.79
N GLU D 163 -2.89 24.44 -27.41
CA GLU D 163 -1.52 24.59 -27.89
C GLU D 163 -0.53 24.54 -26.74
N LEU D 164 -0.88 25.16 -25.60
CA LEU D 164 -0.02 25.08 -24.43
C LEU D 164 -0.03 23.68 -23.84
N ASN D 165 -1.20 23.05 -23.75
CA ASN D 165 -1.28 21.74 -23.12
C ASN D 165 -0.68 20.66 -23.99
N ASN D 166 -0.95 20.68 -25.31
CA ASN D 166 -0.27 19.74 -26.18
C ASN D 166 1.20 20.09 -26.33
N GLY D 167 1.56 21.36 -26.14
CA GLY D 167 2.97 21.71 -26.09
C GLY D 167 3.65 21.21 -24.83
N ARG D 168 2.95 21.26 -23.69
CA ARG D 168 3.51 20.76 -22.45
C ARG D 168 3.62 19.25 -22.45
N ALA D 169 2.63 18.57 -23.04
CA ALA D 169 2.66 17.12 -23.10
C ALA D 169 3.68 16.60 -24.10
N ALA D 170 4.04 17.41 -25.09
CA ALA D 170 5.07 17.01 -26.02
C ALA D 170 6.47 17.32 -25.52
N MET D 171 6.61 18.27 -24.60
CA MET D 171 7.90 18.47 -23.93
C MET D 171 8.24 17.28 -23.07
N MET D 172 7.28 16.79 -22.29
CA MET D 172 7.47 15.57 -21.53
C MET D 172 7.46 14.33 -22.40
N GLY D 173 6.99 14.44 -23.64
CA GLY D 173 7.00 13.33 -24.55
C GLY D 173 8.31 13.19 -25.31
N ILE D 174 8.87 14.31 -25.75
CA ILE D 174 10.14 14.27 -26.45
C ILE D 174 11.28 13.99 -25.49
N MET D 175 11.09 14.25 -24.19
CA MET D 175 12.13 13.93 -23.23
C MET D 175 12.08 12.47 -22.81
N GLY D 176 10.89 11.93 -22.62
CA GLY D 176 10.75 10.51 -22.35
C GLY D 176 11.02 9.61 -23.53
N ASN D 177 11.10 10.17 -24.74
CA ASN D 177 11.51 9.41 -25.90
C ASN D 177 13.02 9.41 -26.09
N MET D 178 13.70 10.49 -25.69
CA MET D 178 15.15 10.52 -25.81
C MET D 178 15.82 9.84 -24.63
N VAL D 179 15.22 9.91 -23.45
CA VAL D 179 15.77 9.23 -22.28
C VAL D 179 15.60 7.73 -22.41
N ALA D 180 14.42 7.27 -22.83
CA ALA D 180 14.21 5.84 -22.96
C ALA D 180 14.94 5.23 -24.14
N GLU D 181 15.43 6.05 -25.08
CA GLU D 181 16.24 5.52 -26.16
C GLU D 181 17.65 5.20 -25.66
N VAL D 182 18.30 6.16 -24.99
CA VAL D 182 19.65 5.95 -24.48
C VAL D 182 19.69 5.03 -23.28
N LEU D 183 18.56 4.82 -22.60
CA LEU D 183 18.47 3.82 -21.55
C LEU D 183 18.30 2.41 -22.09
N THR D 184 18.07 2.25 -23.40
CA THR D 184 18.01 0.94 -24.01
C THR D 184 18.95 0.79 -25.19
N GLY D 185 19.48 1.88 -25.74
CA GLY D 185 20.35 1.82 -26.89
C GLY D 185 19.66 1.67 -28.23
N GLN D 186 18.43 1.19 -28.25
CA GLN D 186 17.67 1.00 -29.47
C GLN D 186 16.83 2.23 -29.77
N THR D 187 16.52 2.43 -31.04
CA THR D 187 15.57 3.47 -31.42
C THR D 187 14.15 3.02 -31.06
N MET D 188 13.18 3.89 -31.34
CA MET D 188 11.80 3.54 -31.04
C MET D 188 11.28 2.45 -31.98
N TYR D 189 11.83 2.37 -33.18
CA TYR D 189 11.43 1.28 -34.08
C TYR D 189 11.97 -0.06 -33.60
N GLU D 190 13.21 -0.08 -33.13
CA GLU D 190 13.82 -1.35 -32.72
C GLU D 190 13.38 -1.78 -31.33
N GLN D 191 12.99 -0.82 -30.48
CA GLN D 191 12.50 -1.17 -29.16
C GLN D 191 11.12 -1.81 -29.24
N TYR D 192 10.27 -1.29 -30.11
CA TYR D 192 8.92 -1.82 -30.26
C TYR D 192 8.93 -3.16 -30.98
N ALA D 193 9.89 -3.36 -31.90
CA ALA D 193 9.99 -4.63 -32.62
C ALA D 193 10.50 -5.74 -31.71
N SER D 194 11.30 -5.40 -30.71
CA SER D 194 11.85 -6.38 -29.79
C SER D 194 10.92 -6.67 -28.62
N GLY D 195 9.78 -5.99 -28.53
CA GLY D 195 8.90 -6.17 -27.39
C GLY D 195 9.45 -5.63 -26.09
N HIS D 196 10.22 -4.53 -26.16
CA HIS D 196 10.92 -3.97 -25.01
C HIS D 196 10.12 -2.86 -24.35
N ILE D 197 8.81 -3.01 -24.29
CA ILE D 197 7.96 -1.94 -23.75
C ILE D 197 7.96 -1.98 -22.22
N SER D 198 7.81 -3.16 -21.63
CA SER D 198 7.68 -3.27 -20.18
C SER D 198 9.03 -3.01 -19.51
N PRO D 199 9.06 -2.29 -18.39
CA PRO D 199 10.33 -1.97 -17.74
C PRO D 199 10.92 -3.17 -17.01
N PHE D 200 11.63 -4.00 -17.76
CA PHE D 200 12.31 -5.16 -17.20
C PHE D 200 13.62 -4.75 -16.54
N GLY D 201 14.54 -4.18 -17.31
CA GLY D 201 15.86 -3.85 -16.80
C GLY D 201 15.92 -2.65 -15.88
N ASP D 202 14.84 -1.86 -15.83
CA ASP D 202 14.81 -0.68 -14.97
C ASP D 202 13.64 -0.75 -14.00
N SER E 31 3.98 -6.24 63.48
CA SER E 31 5.06 -6.17 64.45
C SER E 31 5.89 -7.46 64.44
N GLU E 32 6.08 -8.05 65.61
CA GLU E 32 6.86 -9.26 65.77
C GLU E 32 6.10 -10.39 66.45
N ILE E 33 5.29 -10.08 67.46
CA ILE E 33 4.57 -11.12 68.19
C ILE E 33 3.36 -11.61 67.39
N GLU E 34 2.83 -10.79 66.49
CA GLU E 34 1.71 -11.20 65.64
C GLU E 34 2.18 -11.79 64.32
N LEU E 35 3.13 -12.73 64.38
CA LEU E 35 3.70 -13.26 63.16
C LEU E 35 3.54 -14.77 62.98
N GLY E 36 3.22 -15.52 64.03
CA GLY E 36 3.01 -16.94 63.85
C GLY E 36 1.56 -17.35 63.97
N VAL E 37 0.66 -16.50 63.49
CA VAL E 37 -0.77 -16.63 63.71
C VAL E 37 -1.47 -16.58 62.36
N THR E 38 -1.72 -17.74 61.74
CA THR E 38 -2.10 -17.58 60.34
C THR E 38 -3.61 -17.54 60.14
N GLU E 39 -4.28 -18.67 59.87
CA GLU E 39 -5.70 -18.83 60.19
C GLU E 39 -6.03 -19.82 61.30
N PRO E 40 -5.74 -21.16 61.12
CA PRO E 40 -6.61 -22.17 61.73
C PRO E 40 -6.42 -22.35 63.22
N LEU E 41 -5.16 -22.43 63.64
CA LEU E 41 -4.85 -22.65 65.04
C LEU E 41 -4.63 -21.36 65.80
N GLY E 42 -4.37 -20.26 65.09
CA GLY E 42 -4.16 -18.98 65.74
C GLY E 42 -2.83 -18.91 66.47
N VAL E 43 -2.89 -18.81 67.79
CA VAL E 43 -1.74 -18.46 68.62
C VAL E 43 -1.34 -19.73 69.37
N TYR E 44 -1.46 -20.86 68.66
CA TYR E 44 -1.39 -22.20 69.22
C TYR E 44 -0.11 -22.47 70.01
N ASP E 45 -0.27 -22.70 71.30
CA ASP E 45 0.80 -23.20 72.15
C ASP E 45 0.20 -23.99 73.31
N PRO E 46 0.27 -25.32 73.25
CA PRO E 46 -0.14 -26.13 74.41
C PRO E 46 0.96 -26.31 75.44
N LEU E 47 1.68 -25.22 75.75
CA LEU E 47 2.66 -25.19 76.82
C LEU E 47 2.56 -23.93 77.66
N GLY E 48 1.83 -22.91 77.21
CA GLY E 48 1.69 -21.69 77.97
C GLY E 48 2.94 -20.84 78.02
N TRP E 49 3.82 -20.96 77.04
CA TRP E 49 5.11 -20.29 77.12
C TRP E 49 5.10 -18.87 76.56
N LEU E 50 3.98 -18.45 75.96
CA LEU E 50 3.83 -17.04 75.64
C LEU E 50 3.38 -16.22 76.83
N GLU E 51 2.77 -16.85 77.83
CA GLU E 51 2.39 -16.16 79.06
C GLU E 51 3.32 -16.46 80.23
N SER E 52 4.04 -17.58 80.19
CA SER E 52 5.02 -17.87 81.23
C SER E 52 6.25 -16.98 81.08
N GLU E 53 6.87 -16.99 79.89
CA GLU E 53 8.05 -16.18 79.60
C GLU E 53 7.74 -15.23 78.45
N PRO E 54 7.21 -14.04 78.74
CA PRO E 54 6.94 -13.08 77.66
C PRO E 54 8.21 -12.44 77.10
N GLU E 55 9.29 -12.40 77.87
CA GLU E 55 10.52 -11.80 77.38
C GLU E 55 11.44 -12.81 76.69
N ALA E 56 11.24 -14.10 76.94
CA ALA E 56 11.98 -15.13 76.21
C ALA E 56 11.20 -15.60 74.99
N PHE E 57 10.76 -14.64 74.18
CA PHE E 57 10.05 -14.91 72.94
C PHE E 57 10.83 -14.47 71.71
N GLU E 58 11.44 -13.29 71.76
CA GLU E 58 12.28 -12.81 70.67
C GLU E 58 13.48 -13.71 70.44
N ARG E 59 14.02 -14.30 71.50
CA ARG E 59 15.03 -15.33 71.34
C ARG E 59 14.45 -16.57 70.68
N ARG E 60 13.27 -17.00 71.12
CA ARG E 60 12.68 -18.23 70.59
C ARG E 60 12.12 -18.07 69.19
N ARG E 61 11.62 -16.87 68.85
CA ARG E 61 11.20 -16.62 67.48
C ARG E 61 12.40 -16.57 66.55
N ALA E 62 13.55 -16.09 67.03
CA ALA E 62 14.75 -16.08 66.21
C ALA E 62 15.30 -17.48 65.99
N VAL E 63 15.09 -18.38 66.95
CA VAL E 63 15.47 -19.78 66.73
C VAL E 63 14.47 -20.45 65.79
N GLU E 64 13.18 -20.12 65.94
CA GLU E 64 12.15 -20.66 65.07
C GLU E 64 12.34 -20.20 63.62
N ARG E 65 12.77 -18.96 63.43
CA ARG E 65 13.02 -18.48 62.08
C ARG E 65 14.31 -19.07 61.52
N LYS E 66 15.34 -19.24 62.36
CA LYS E 66 16.59 -19.82 61.86
C LYS E 66 16.45 -21.30 61.58
N HIS E 67 15.75 -22.03 62.45
CA HIS E 67 15.48 -23.45 62.19
C HIS E 67 14.59 -23.63 60.98
N GLY E 68 13.72 -22.65 60.70
CA GLY E 68 12.91 -22.71 59.51
C GLY E 68 13.72 -22.50 58.24
N ARG E 69 14.64 -21.52 58.26
CA ARG E 69 15.46 -21.24 57.10
C ARG E 69 16.44 -22.36 56.81
N VAL E 70 16.93 -23.04 57.84
CA VAL E 70 17.82 -24.19 57.63
C VAL E 70 17.04 -25.35 57.04
N ALA E 71 15.87 -25.66 57.61
CA ALA E 71 15.13 -26.84 57.19
C ALA E 71 14.46 -26.64 55.83
N MET E 72 14.18 -25.40 55.45
CA MET E 72 13.64 -25.14 54.12
C MET E 72 14.66 -25.41 53.04
N ALA E 73 15.91 -25.01 53.28
CA ALA E 73 16.97 -25.26 52.31
C ALA E 73 17.36 -26.73 52.30
N ALA E 74 17.10 -27.45 53.38
CA ALA E 74 17.40 -28.87 53.42
C ALA E 74 16.36 -29.72 52.71
N VAL E 75 15.11 -29.28 52.67
CA VAL E 75 14.07 -30.02 51.94
C VAL E 75 14.32 -29.90 50.44
N VAL E 76 14.57 -28.69 49.96
CA VAL E 76 14.92 -28.46 48.56
C VAL E 76 16.24 -29.13 48.22
N GLY E 77 17.14 -29.24 49.19
CA GLY E 77 18.36 -30.01 48.99
C GLY E 77 18.11 -31.48 48.73
N THR E 78 17.23 -32.10 49.53
CA THR E 78 16.92 -33.52 49.33
C THR E 78 16.15 -33.75 48.03
N ILE E 79 15.43 -32.74 47.55
CA ILE E 79 14.76 -32.84 46.27
C ILE E 79 15.76 -32.81 45.13
N VAL E 80 16.77 -31.93 45.23
CA VAL E 80 17.77 -31.82 44.17
C VAL E 80 18.71 -33.03 44.18
N HIS E 81 19.07 -33.52 45.38
CA HIS E 81 19.95 -34.68 45.47
C HIS E 81 19.28 -35.94 44.93
N ASN E 82 18.03 -36.18 45.29
CA ASN E 82 17.35 -37.38 44.86
C ASN E 82 16.74 -37.26 43.47
N ASN E 83 16.86 -36.10 42.83
CA ASN E 83 16.59 -35.99 41.40
C ASN E 83 17.86 -36.18 40.59
N HIS E 84 18.97 -36.53 41.24
CA HIS E 84 20.26 -36.84 40.63
C HIS E 84 20.80 -35.68 39.81
N ILE E 85 20.57 -34.47 40.30
CA ILE E 85 21.23 -33.28 39.77
C ILE E 85 22.56 -33.17 40.49
N VAL E 86 23.65 -33.49 39.79
CA VAL E 86 24.99 -33.49 40.38
C VAL E 86 25.85 -32.48 39.65
N PHE E 87 27.01 -32.20 40.21
CA PHE E 87 27.83 -31.08 39.77
C PHE E 87 28.80 -31.40 38.64
N ASP E 88 28.84 -32.67 38.19
CA ASP E 88 29.58 -33.11 36.99
C ASP E 88 31.07 -32.83 37.12
N GLY E 89 31.68 -33.51 38.09
CA GLY E 89 33.11 -33.38 38.31
C GLY E 89 33.63 -34.22 39.46
N TYR E 90 34.60 -33.67 40.18
CA TYR E 90 35.20 -34.34 41.33
C TYR E 90 35.09 -33.42 42.55
N LEU E 91 34.53 -33.94 43.65
CA LEU E 91 34.52 -33.17 44.88
C LEU E 91 35.91 -33.11 45.50
N SER E 92 36.59 -34.25 45.57
CA SER E 92 37.96 -34.32 46.07
C SER E 92 38.71 -35.30 45.18
N PRO E 93 39.51 -34.80 44.23
CA PRO E 93 40.28 -35.72 43.38
C PRO E 93 41.44 -36.38 44.10
N SER E 94 41.92 -35.77 45.20
CA SER E 94 42.96 -36.43 46.00
C SER E 94 42.37 -37.63 46.75
N ASN E 95 41.15 -37.50 47.25
CA ASN E 95 40.45 -38.63 47.81
C ASN E 95 39.78 -39.49 46.75
N ASN E 96 39.72 -39.01 45.51
CA ASN E 96 39.20 -39.72 44.34
C ASN E 96 37.73 -40.14 44.54
N LEU E 97 36.88 -39.14 44.74
CA LEU E 97 35.44 -39.35 44.71
C LEU E 97 34.80 -38.27 43.85
N LYS E 98 33.89 -38.66 42.99
CA LYS E 98 33.20 -37.72 42.14
C LYS E 98 32.01 -37.12 42.89
N PHE E 99 31.37 -36.14 42.24
CA PHE E 99 30.14 -35.58 42.81
C PHE E 99 28.99 -36.57 42.72
N SER E 100 28.99 -37.42 41.70
CA SER E 100 28.01 -38.49 41.61
C SER E 100 28.53 -39.78 42.24
N ASP E 101 29.08 -39.64 43.45
CA ASP E 101 29.49 -40.76 44.28
C ASP E 101 29.03 -40.63 45.71
N ILE E 102 28.71 -39.42 46.16
CA ILE E 102 28.10 -39.21 47.47
C ILE E 102 26.65 -39.69 47.43
N PRO E 103 26.19 -40.44 48.42
CA PRO E 103 24.78 -40.85 48.43
C PRO E 103 23.84 -39.68 48.63
N THR E 104 22.66 -39.80 48.05
CA THR E 104 21.66 -38.72 48.06
C THR E 104 20.73 -38.80 49.27
N GLY E 105 21.17 -39.39 50.36
CA GLY E 105 20.33 -39.51 51.54
C GLY E 105 20.98 -38.97 52.79
N VAL E 106 20.89 -39.74 53.88
CA VAL E 106 21.40 -39.27 55.17
C VAL E 106 22.92 -39.34 55.28
N ASP E 107 23.57 -40.13 54.44
CA ASP E 107 25.01 -40.30 54.50
C ASP E 107 25.75 -39.38 53.54
N GLY E 108 25.18 -38.22 53.22
CA GLY E 108 25.81 -37.28 52.32
C GLY E 108 26.94 -36.50 52.97
N ILE E 109 26.68 -35.98 54.17
CA ILE E 109 27.73 -35.26 54.88
C ILE E 109 28.79 -36.22 55.40
N ARG E 110 28.40 -37.45 55.71
CA ARG E 110 29.36 -38.46 56.17
C ARG E 110 30.32 -38.86 55.05
N ALA E 111 29.88 -38.82 53.80
CA ALA E 111 30.74 -39.09 52.66
C ALA E 111 31.35 -37.82 52.10
N ILE E 112 31.95 -37.02 52.97
CA ILE E 112 32.65 -35.80 52.61
C ILE E 112 33.96 -35.82 53.39
N PRO E 113 35.11 -35.56 52.76
CA PRO E 113 36.37 -35.54 53.51
C PRO E 113 36.42 -34.39 54.50
N THR E 114 37.16 -34.62 55.60
CA THR E 114 37.14 -33.70 56.72
C THR E 114 37.86 -32.39 56.41
N ALA E 115 38.70 -32.35 55.38
CA ALA E 115 39.23 -31.07 54.92
C ALA E 115 38.17 -30.28 54.17
N GLY E 116 37.21 -30.98 53.57
CA GLY E 116 36.10 -30.29 52.94
C GLY E 116 35.05 -29.84 53.92
N LEU E 117 34.85 -30.60 55.00
CA LEU E 117 33.98 -30.15 56.08
C LEU E 117 34.60 -28.99 56.83
N ALA E 118 35.93 -28.95 56.92
CA ALA E 118 36.59 -27.82 57.57
C ALA E 118 36.45 -26.55 56.76
N GLN E 119 36.29 -26.66 55.44
CA GLN E 119 36.03 -25.48 54.63
C GLN E 119 34.59 -25.02 54.76
N ILE E 120 33.65 -25.94 54.99
CA ILE E 120 32.25 -25.57 55.15
C ILE E 120 32.03 -24.92 56.51
N LEU E 121 32.58 -25.52 57.57
CA LEU E 121 32.38 -25.02 58.91
C LEU E 121 33.11 -23.70 59.16
N ALA E 122 34.15 -23.39 58.39
CA ALA E 122 34.88 -22.14 58.60
C ALA E 122 34.33 -21.00 57.76
N PHE E 123 33.82 -21.27 56.56
CA PHE E 123 33.20 -20.23 55.77
C PHE E 123 31.88 -19.79 56.40
N PHE E 124 31.09 -20.73 56.89
CA PHE E 124 29.85 -20.37 57.56
C PHE E 124 30.07 -19.88 58.98
N ALA E 125 31.27 -20.03 59.52
CA ALA E 125 31.63 -19.29 60.73
C ALA E 125 31.70 -17.80 60.44
N LEU E 126 32.20 -17.45 59.25
CA LEU E 126 32.20 -16.05 58.85
C LEU E 126 30.80 -15.56 58.57
N VAL E 127 29.91 -16.44 58.13
CA VAL E 127 28.53 -16.04 57.89
C VAL E 127 27.77 -15.90 59.21
N GLU E 128 27.87 -16.90 60.09
CA GLU E 128 27.07 -16.90 61.30
C GLU E 128 27.56 -15.91 62.35
N LEU E 129 28.80 -15.43 62.24
CA LEU E 129 29.34 -14.48 63.22
C LEU E 129 29.66 -13.13 62.58
N ALA E 130 30.51 -13.12 61.56
CA ALA E 130 31.03 -11.86 61.04
C ALA E 130 30.05 -11.22 60.07
N TRP E 131 29.56 -11.99 59.11
CA TRP E 131 28.46 -11.61 58.23
C TRP E 131 27.15 -11.81 58.97
N MET E 132 26.02 -12.00 58.26
CA MET E 132 24.65 -12.08 58.81
C MET E 132 24.54 -12.96 60.04
N PRO E 133 24.48 -12.37 61.23
CA PRO E 133 24.75 -13.16 62.45
C PRO E 133 23.53 -13.90 62.95
N ALA E 134 23.72 -14.73 63.96
CA ALA E 134 22.61 -15.37 64.63
C ALA E 134 22.25 -14.66 65.93
N SER E 135 23.12 -13.79 66.43
CA SER E 135 22.78 -12.95 67.56
C SER E 135 21.86 -11.80 67.18
N LYS E 136 21.73 -11.50 65.89
CA LYS E 136 20.78 -10.50 65.41
C LYS E 136 19.41 -11.17 65.37
N TYR E 137 18.68 -11.05 66.47
CA TYR E 137 17.40 -11.72 66.64
C TYR E 137 16.28 -11.07 65.85
N ASP E 138 16.51 -9.89 65.26
CA ASP E 138 15.50 -9.20 64.48
C ASP E 138 15.22 -9.97 63.18
N GLY E 139 16.21 -10.66 62.65
CA GLY E 139 16.04 -11.41 61.43
C GLY E 139 16.48 -10.70 60.17
N ASP E 140 16.12 -9.43 59.99
CA ASP E 140 16.50 -8.75 58.75
C ASP E 140 17.91 -8.21 58.88
N TYR E 141 18.80 -8.74 58.05
CA TYR E 141 20.18 -8.25 58.06
C TYR E 141 20.34 -7.04 57.13
N GLY E 142 20.25 -7.27 55.83
CA GLY E 142 20.13 -6.14 54.92
C GLY E 142 19.40 -6.45 53.63
N VAL E 143 19.00 -7.70 53.45
CA VAL E 143 18.68 -8.18 52.11
C VAL E 143 17.21 -8.02 51.77
N GLY E 144 16.31 -8.26 52.72
CA GLY E 144 14.91 -8.15 52.38
C GLY E 144 14.44 -9.32 51.53
N TYR E 145 13.33 -9.09 50.84
CA TYR E 145 12.70 -10.12 50.01
C TYR E 145 13.09 -9.84 48.58
N PHE E 146 14.02 -10.65 48.07
CA PHE E 146 14.62 -10.52 46.74
C PHE E 146 15.20 -9.11 46.54
N GLY E 147 16.04 -8.70 47.49
CA GLY E 147 16.79 -7.48 47.39
C GLY E 147 16.10 -6.25 47.93
N THR E 148 14.79 -6.16 47.81
CA THR E 148 14.05 -4.96 48.16
C THR E 148 13.31 -5.15 49.47
N ASP E 149 12.66 -4.07 49.91
CA ASP E 149 11.79 -4.07 51.07
C ASP E 149 10.34 -4.01 50.62
N ILE E 150 9.49 -4.77 51.29
CA ILE E 150 8.07 -4.79 50.99
C ILE E 150 7.43 -3.54 51.57
N LYS E 151 6.84 -2.72 50.70
CA LYS E 151 6.36 -1.40 51.12
C LYS E 151 5.04 -1.50 51.90
N ASP E 152 4.12 -2.30 51.41
CA ASP E 152 2.82 -2.46 52.07
C ASP E 152 3.03 -3.29 53.33
N PRO E 153 2.71 -2.78 54.52
CA PRO E 153 2.97 -3.54 55.75
C PRO E 153 2.08 -4.76 55.91
N GLU E 154 0.87 -4.74 55.34
CA GLU E 154 0.04 -5.93 55.40
C GLU E 154 0.53 -6.99 54.42
N GLU E 155 1.09 -6.57 53.29
CA GLU E 155 1.77 -7.50 52.40
C GLU E 155 3.07 -8.00 53.02
N LYS E 156 3.77 -7.13 53.74
CA LYS E 156 5.02 -7.52 54.37
C LYS E 156 4.79 -8.49 55.53
N ALA E 157 3.76 -8.25 56.33
CA ALA E 157 3.43 -9.17 57.41
C ALA E 157 2.85 -10.48 56.90
N ARG E 158 2.34 -10.49 55.68
CA ARG E 158 1.85 -11.74 55.09
C ARG E 158 3.02 -12.66 54.74
N LYS E 159 4.04 -12.13 54.08
CA LYS E 159 5.20 -12.94 53.71
C LYS E 159 6.03 -13.35 54.92
N LEU E 160 5.95 -12.59 56.01
CA LEU E 160 6.62 -12.98 57.24
C LEU E 160 5.96 -14.19 57.87
N ASN E 161 4.64 -14.34 57.72
CA ASN E 161 3.99 -15.56 58.15
C ASN E 161 4.30 -16.71 57.21
N VAL E 162 4.49 -16.41 55.92
CA VAL E 162 4.77 -17.45 54.94
C VAL E 162 6.13 -18.09 55.19
N GLU E 163 7.15 -17.27 55.48
CA GLU E 163 8.46 -17.78 55.87
C GLU E 163 8.36 -18.61 57.15
N LEU E 164 7.49 -18.20 58.06
CA LEU E 164 7.32 -18.96 59.29
C LEU E 164 6.57 -20.26 59.05
N ASN E 165 5.48 -20.22 58.28
CA ASN E 165 4.71 -21.43 58.03
C ASN E 165 5.48 -22.41 57.16
N ASN E 166 6.10 -21.92 56.09
CA ASN E 166 6.89 -22.82 55.24
C ASN E 166 8.13 -23.30 55.96
N GLY E 167 8.68 -22.48 56.84
CA GLY E 167 9.77 -22.95 57.68
C GLY E 167 9.32 -23.96 58.70
N ARG E 168 8.10 -23.81 59.23
CA ARG E 168 7.58 -24.76 60.19
C ARG E 168 7.20 -26.07 59.52
N ALA E 169 6.68 -26.00 58.30
CA ALA E 169 6.31 -27.20 57.56
C ALA E 169 7.54 -27.96 57.08
N ALA E 170 8.60 -27.25 56.70
CA ALA E 170 9.82 -27.91 56.29
C ALA E 170 10.61 -28.45 57.46
N MET E 171 10.38 -27.92 58.66
CA MET E 171 10.96 -28.52 59.86
C MET E 171 10.39 -29.91 60.10
N MET E 172 9.08 -30.06 59.98
CA MET E 172 8.48 -31.38 60.01
C MET E 172 8.77 -32.14 58.73
N GLY E 173 8.99 -31.44 57.63
CA GLY E 173 9.23 -32.10 56.36
C GLY E 173 10.59 -32.76 56.28
N ILE E 174 11.65 -32.03 56.66
CA ILE E 174 12.98 -32.62 56.63
C ILE E 174 13.17 -33.64 57.76
N MET E 175 12.40 -33.52 58.83
CA MET E 175 12.52 -34.52 59.89
C MET E 175 11.89 -35.83 59.48
N GLY E 176 10.78 -35.76 58.74
CA GLY E 176 10.17 -36.96 58.23
C GLY E 176 10.79 -37.51 56.97
N ASN E 177 11.74 -36.79 56.38
CA ASN E 177 12.50 -37.37 55.29
C ASN E 177 13.68 -38.17 55.80
N MET E 178 14.27 -37.74 56.91
CA MET E 178 15.39 -38.48 57.47
C MET E 178 14.93 -39.67 58.31
N VAL E 179 13.79 -39.55 58.99
CA VAL E 179 13.26 -40.66 59.77
C VAL E 179 12.75 -41.77 58.85
N ALA E 180 12.06 -41.39 57.77
CA ALA E 180 11.61 -42.39 56.81
C ALA E 180 12.73 -43.00 56.00
N GLU E 181 13.92 -42.40 56.02
CA GLU E 181 15.06 -43.04 55.37
C GLU E 181 15.72 -44.06 56.29
N VAL E 182 15.98 -43.67 57.53
CA VAL E 182 16.67 -44.57 58.46
C VAL E 182 15.78 -45.71 58.93
N LEU E 183 14.47 -45.60 58.79
CA LEU E 183 13.55 -46.68 59.11
C LEU E 183 13.15 -47.48 57.88
N THR E 184 13.85 -47.30 56.78
CA THR E 184 13.66 -48.06 55.55
C THR E 184 14.96 -48.65 55.06
N GLY E 185 16.06 -47.92 55.17
CA GLY E 185 17.31 -48.33 54.60
C GLY E 185 17.51 -47.86 53.17
N GLN E 186 16.52 -47.22 52.58
CA GLN E 186 16.59 -46.70 51.23
C GLN E 186 16.59 -45.18 51.26
N THR E 187 17.10 -44.57 50.20
CA THR E 187 17.04 -43.12 50.06
C THR E 187 15.66 -42.71 49.57
N MET E 188 15.48 -41.40 49.37
CA MET E 188 14.21 -40.93 48.83
C MET E 188 14.04 -41.33 47.37
N TYR E 189 15.13 -41.46 46.63
CA TYR E 189 15.05 -41.94 45.26
C TYR E 189 14.67 -43.41 45.20
N GLU E 190 15.19 -44.21 46.13
CA GLU E 190 14.96 -45.65 46.09
C GLU E 190 13.61 -46.03 46.67
N GLN E 191 13.07 -45.23 47.60
CA GLN E 191 11.73 -45.50 48.11
C GLN E 191 10.67 -45.29 47.03
N TYR E 192 10.93 -44.38 46.11
CA TYR E 192 9.96 -44.04 45.07
C TYR E 192 10.08 -44.94 43.86
N ALA E 193 11.30 -45.29 43.47
CA ALA E 193 11.49 -46.09 42.26
C ALA E 193 11.11 -47.54 42.49
N SER E 194 11.32 -48.06 43.69
CA SER E 194 10.99 -49.44 44.02
C SER E 194 9.53 -49.63 44.38
N GLY E 195 8.72 -48.57 44.36
CA GLY E 195 7.32 -48.69 44.69
C GLY E 195 7.01 -48.90 46.16
N HIS E 196 8.00 -48.72 47.03
CA HIS E 196 7.82 -48.94 48.46
C HIS E 196 7.50 -47.59 49.10
N ILE E 197 6.20 -47.27 49.16
CA ILE E 197 5.72 -46.01 49.70
C ILE E 197 4.76 -46.24 50.87
N SER E 198 3.76 -47.09 50.68
CA SER E 198 2.83 -47.40 51.75
C SER E 198 3.51 -48.32 52.76
N PRO E 199 3.53 -47.97 54.05
CA PRO E 199 4.21 -48.81 55.04
C PRO E 199 3.44 -50.07 55.41
N PHE E 200 2.16 -50.14 55.10
CA PHE E 200 1.34 -51.31 55.42
C PHE E 200 1.55 -52.41 54.40
N GLU F 32 -15.33 -4.74 40.89
CA GLU F 32 -16.34 -3.92 41.54
C GLU F 32 -17.03 -3.02 40.52
N LEU F 33 -18.25 -2.59 40.84
CA LEU F 33 -19.06 -1.82 39.91
C LEU F 33 -18.59 -0.38 39.79
N GLU F 34 -18.13 0.22 40.89
CA GLU F 34 -17.93 1.65 40.92
C GLU F 34 -16.68 2.06 40.16
N ASP F 35 -15.59 1.32 40.34
CA ASP F 35 -14.38 1.57 39.56
C ASP F 35 -14.43 0.96 38.17
N GLY F 36 -15.41 0.10 37.89
CA GLY F 36 -15.64 -0.43 36.56
C GLY F 36 -14.55 -1.36 36.10
N ILE F 37 -14.41 -2.50 36.76
CA ILE F 37 -13.26 -3.36 36.53
C ILE F 37 -13.46 -4.22 35.28
N GLY F 38 -14.64 -4.83 35.14
CA GLY F 38 -14.84 -5.62 33.94
C GLY F 38 -15.10 -4.82 32.69
N ALA F 39 -15.51 -3.56 32.82
CA ALA F 39 -15.90 -2.74 31.68
C ALA F 39 -14.64 -2.18 31.03
N VAL F 40 -14.22 -2.80 29.95
CA VAL F 40 -13.03 -2.37 29.23
C VAL F 40 -13.44 -1.66 27.96
N ALA F 41 -12.51 -0.93 27.41
CA ALA F 41 -12.70 0.08 26.38
C ALA F 41 -13.27 -0.31 25.00
N PRO F 42 -13.23 -1.56 24.52
CA PRO F 42 -14.02 -1.84 23.30
C PRO F 42 -15.51 -1.73 23.51
N LEU F 43 -16.06 -2.39 24.53
CA LEU F 43 -17.51 -2.46 24.67
C LEU F 43 -18.06 -1.71 25.87
N GLY F 44 -17.22 -1.29 26.82
CA GLY F 44 -17.75 -0.63 27.99
C GLY F 44 -18.42 -1.62 28.92
N TYR F 45 -19.49 -1.17 29.58
CA TYR F 45 -20.29 -2.01 30.46
C TYR F 45 -21.10 -2.96 29.58
N PHE F 46 -20.47 -4.05 29.17
CA PHE F 46 -21.09 -4.98 28.23
C PHE F 46 -21.95 -5.97 29.00
N ASP F 47 -23.15 -5.51 29.34
CA ASP F 47 -24.21 -6.37 29.89
C ASP F 47 -25.39 -6.31 28.93
N PRO F 48 -25.24 -6.86 27.72
CA PRO F 48 -26.18 -6.50 26.65
C PRO F 48 -27.56 -7.14 26.78
N LEU F 49 -27.70 -8.21 27.55
CA LEU F 49 -29.00 -8.84 27.74
C LEU F 49 -29.67 -8.42 29.03
N GLY F 50 -29.08 -7.49 29.78
CA GLY F 50 -29.68 -6.97 30.98
C GLY F 50 -29.75 -7.93 32.13
N TYR F 51 -28.59 -8.43 32.57
CA TYR F 51 -28.56 -9.39 33.67
C TYR F 51 -28.27 -8.76 35.01
N ILE F 52 -27.71 -7.56 35.06
CA ILE F 52 -27.42 -6.88 36.31
C ILE F 52 -28.62 -5.97 36.61
N LYS F 53 -29.48 -6.44 37.50
CA LYS F 53 -30.57 -5.64 38.03
C LYS F 53 -30.36 -5.33 39.50
N ASP F 54 -29.17 -5.62 40.01
CA ASP F 54 -28.87 -5.54 41.43
C ASP F 54 -27.36 -5.48 41.57
N GLU F 55 -26.89 -4.75 42.58
CA GLU F 55 -25.46 -4.70 42.83
C GLU F 55 -24.99 -5.96 43.55
N GLU F 56 -25.89 -6.64 44.25
CA GLU F 56 -25.52 -7.87 44.95
C GLU F 56 -25.34 -9.03 43.99
N THR F 57 -26.14 -9.10 42.92
CA THR F 57 -25.99 -10.15 41.93
C THR F 57 -24.82 -9.89 40.98
N PHE F 58 -24.20 -8.72 41.03
CA PHE F 58 -22.97 -8.51 40.28
C PHE F 58 -21.78 -9.12 40.99
N ILE F 59 -21.74 -9.03 42.32
CA ILE F 59 -20.62 -9.58 43.09
C ILE F 59 -20.62 -11.10 43.03
N ARG F 60 -21.80 -11.71 42.91
CA ARG F 60 -21.86 -13.15 42.73
C ARG F 60 -21.36 -13.56 41.35
N TYR F 61 -21.75 -12.80 40.32
CA TYR F 61 -21.38 -13.15 38.96
C TYR F 61 -19.89 -12.89 38.70
N ARG F 62 -19.36 -11.81 39.28
CA ARG F 62 -17.94 -11.51 39.11
C ARG F 62 -17.08 -12.51 39.88
N ALA F 63 -17.57 -13.02 41.00
CA ALA F 63 -16.86 -14.08 41.71
C ALA F 63 -16.80 -15.35 40.90
N VAL F 64 -17.79 -15.59 40.06
CA VAL F 64 -17.81 -16.76 39.20
C VAL F 64 -17.00 -16.54 37.94
N GLU F 65 -17.14 -15.36 37.33
CA GLU F 65 -16.43 -15.04 36.10
C GLU F 65 -14.92 -15.03 36.30
N ARG F 66 -14.46 -14.45 37.39
CA ARG F 66 -13.04 -14.44 37.71
C ARG F 66 -12.54 -15.83 38.05
N LYS F 67 -13.36 -16.64 38.71
CA LYS F 67 -12.97 -18.00 39.02
C LYS F 67 -12.94 -18.88 37.78
N HIS F 68 -13.95 -18.74 36.91
CA HIS F 68 -13.96 -19.48 35.66
C HIS F 68 -12.83 -19.06 34.75
N GLY F 69 -12.47 -17.77 34.77
CA GLY F 69 -11.38 -17.31 33.95
C GLY F 69 -10.02 -17.77 34.43
N ARG F 70 -9.84 -17.88 35.74
CA ARG F 70 -8.59 -18.41 36.27
C ARG F 70 -8.44 -19.89 35.99
N VAL F 71 -9.55 -20.64 35.95
CA VAL F 71 -9.48 -22.05 35.62
C VAL F 71 -9.26 -22.24 34.13
N ALA F 72 -9.99 -21.49 33.30
CA ALA F 72 -9.88 -21.64 31.86
C ALA F 72 -8.60 -21.07 31.28
N MET F 73 -7.87 -20.25 32.03
CA MET F 73 -6.57 -19.81 31.55
C MET F 73 -5.53 -20.90 31.70
N MET F 74 -5.53 -21.60 32.82
CA MET F 74 -4.65 -22.74 32.98
C MET F 74 -5.07 -23.90 32.09
N ALA F 75 -6.36 -24.00 31.77
CA ALA F 75 -6.79 -24.99 30.80
C ALA F 75 -6.31 -24.64 29.41
N MET F 76 -6.20 -23.35 29.11
CA MET F 76 -5.76 -22.92 27.79
C MET F 76 -4.25 -23.02 27.64
N LEU F 77 -3.50 -22.81 28.71
CA LEU F 77 -2.07 -23.09 28.69
C LEU F 77 -1.80 -24.59 28.65
N GLY F 78 -2.72 -25.40 29.16
CA GLY F 78 -2.57 -26.84 29.06
C GLY F 78 -2.59 -27.32 27.62
N THR F 79 -3.62 -26.92 26.88
CA THR F 79 -3.74 -27.35 25.49
C THR F 79 -2.67 -26.76 24.59
N PHE F 80 -2.04 -25.66 25.00
CA PHE F 80 -0.89 -25.18 24.25
C PHE F 80 0.33 -26.04 24.51
N VAL F 81 0.52 -26.50 25.73
CA VAL F 81 1.66 -27.35 26.06
C VAL F 81 1.42 -28.79 25.63
N HIS F 82 0.19 -29.30 25.80
CA HIS F 82 -0.10 -30.68 25.47
C HIS F 82 -0.02 -30.93 23.97
N ASN F 83 -0.63 -30.05 23.17
CA ASN F 83 -0.63 -30.23 21.72
C ASN F 83 0.71 -29.90 21.08
N ASN F 84 1.60 -29.23 21.79
CA ASN F 84 2.96 -29.07 21.31
C ASN F 84 3.85 -30.27 21.60
N GLY F 85 3.31 -31.30 22.23
CA GLY F 85 4.05 -32.51 22.50
C GLY F 85 5.04 -32.42 23.63
N TRP F 86 5.07 -31.31 24.35
CA TRP F 86 6.01 -31.14 25.45
C TRP F 86 5.52 -31.96 26.63
N THR F 87 6.11 -33.13 26.82
CA THR F 87 5.75 -34.00 27.91
C THR F 87 6.95 -34.24 28.83
N PHE F 88 6.66 -34.68 30.04
CA PHE F 88 7.70 -35.11 30.95
C PHE F 88 8.27 -36.44 30.48
N ASP F 89 9.43 -36.78 31.03
CA ASP F 89 10.09 -38.05 30.74
C ASP F 89 9.82 -39.01 31.88
N GLY F 90 9.45 -40.25 31.52
CA GLY F 90 9.25 -41.29 32.51
C GLY F 90 7.83 -41.83 32.47
N TYR F 91 7.38 -42.30 33.62
CA TYR F 91 6.09 -42.95 33.76
C TYR F 91 5.23 -42.12 34.69
N LEU F 92 4.04 -41.73 34.22
CA LEU F 92 3.06 -41.17 35.13
C LEU F 92 2.57 -42.23 36.11
N SER F 93 2.27 -43.42 35.61
CA SER F 93 1.89 -44.55 36.44
C SER F 93 2.78 -45.73 36.08
N PRO F 94 3.84 -45.98 36.84
CA PRO F 94 4.62 -47.21 36.62
C PRO F 94 3.89 -48.46 37.05
N SER F 95 2.90 -48.35 37.93
CA SER F 95 2.09 -49.51 38.31
C SER F 95 1.24 -49.99 37.15
N GLN F 96 0.75 -49.07 36.33
CA GLN F 96 -0.02 -49.42 35.15
C GLN F 96 0.77 -49.27 33.86
N GLY F 97 2.04 -48.91 33.94
CA GLY F 97 2.88 -48.80 32.76
C GLY F 97 2.53 -47.63 31.87
N LEU F 98 1.94 -46.58 32.42
CA LEU F 98 1.48 -45.45 31.63
C LEU F 98 2.56 -44.37 31.61
N LYS F 99 3.24 -44.24 30.48
CA LYS F 99 4.20 -43.17 30.32
C LYS F 99 3.49 -41.84 30.10
N PHE F 100 4.25 -40.76 30.20
CA PHE F 100 3.66 -39.44 29.98
C PHE F 100 3.36 -39.19 28.52
N SER F 101 4.09 -39.85 27.62
CA SER F 101 3.84 -39.71 26.18
C SER F 101 2.72 -40.60 25.69
N ASP F 102 2.18 -41.48 26.53
CA ASP F 102 1.05 -42.31 26.14
C ASP F 102 -0.27 -41.59 26.29
N ILE F 103 -0.29 -40.44 26.94
CA ILE F 103 -1.52 -39.69 27.18
C ILE F 103 -1.80 -38.83 25.96
N ASP F 104 -3.05 -38.90 25.47
CA ASP F 104 -3.47 -38.12 24.32
C ASP F 104 -3.46 -36.63 24.65
N SER F 105 -3.09 -35.82 23.66
CA SER F 105 -3.02 -34.37 23.83
C SER F 105 -4.34 -33.68 23.56
N GLY F 106 -5.46 -34.40 23.63
CA GLY F 106 -6.75 -33.81 23.37
C GLY F 106 -7.66 -33.81 24.56
N ILE F 107 -8.97 -33.88 24.31
CA ILE F 107 -9.96 -33.77 25.39
C ILE F 107 -10.10 -35.05 26.19
N GLY F 108 -9.51 -36.15 25.75
CA GLY F 108 -9.57 -37.40 26.48
C GLY F 108 -8.32 -37.74 27.25
N GLY F 109 -7.33 -36.86 27.31
CA GLY F 109 -6.09 -37.17 28.01
C GLY F 109 -6.18 -37.12 29.51
N LEU F 110 -7.12 -36.34 30.06
CA LEU F 110 -7.28 -36.25 31.50
C LEU F 110 -7.81 -37.56 32.07
N PHE F 111 -8.54 -38.32 31.27
CA PHE F 111 -9.21 -39.52 31.73
C PHE F 111 -8.47 -40.80 31.34
N GLN F 112 -7.34 -40.67 30.64
CA GLN F 112 -6.38 -41.76 30.57
C GLN F 112 -5.54 -41.85 31.83
N VAL F 113 -5.52 -40.80 32.63
CA VAL F 113 -4.87 -40.82 33.95
C VAL F 113 -5.61 -41.80 34.85
N PRO F 114 -4.91 -42.64 35.62
CA PRO F 114 -5.60 -43.56 36.51
C PRO F 114 -6.36 -42.82 37.60
N PRO F 115 -7.50 -43.35 38.04
CA PRO F 115 -8.30 -42.62 39.04
C PRO F 115 -7.68 -42.60 40.42
N ALA F 116 -6.72 -43.48 40.70
CA ALA F 116 -5.93 -43.33 41.92
C ALA F 116 -5.03 -42.11 41.84
N GLY F 117 -4.64 -41.71 40.63
CA GLY F 117 -3.87 -40.50 40.44
C GLY F 117 -4.76 -39.30 40.24
N LEU F 118 -5.96 -39.53 39.70
CA LEU F 118 -6.91 -38.44 39.55
C LEU F 118 -7.50 -38.03 40.88
N ALA F 119 -7.56 -38.95 41.85
CA ALA F 119 -8.03 -38.58 43.17
C ALA F 119 -7.03 -37.70 43.89
N GLN F 120 -5.74 -37.81 43.55
CA GLN F 120 -4.74 -36.93 44.13
C GLN F 120 -4.88 -35.51 43.62
N ILE F 121 -5.29 -35.34 42.36
CA ILE F 121 -5.48 -34.00 41.82
C ILE F 121 -6.70 -33.34 42.43
N ILE F 122 -7.80 -34.09 42.58
CA ILE F 122 -9.04 -33.53 43.13
C ILE F 122 -8.89 -33.26 44.62
N LEU F 123 -8.10 -34.06 45.34
CA LEU F 123 -7.91 -33.84 46.77
C LEU F 123 -7.08 -32.59 47.03
N LEU F 124 -6.01 -32.37 46.25
CA LEU F 124 -5.21 -31.18 46.45
C LEU F 124 -5.93 -29.94 45.97
N CYS F 125 -6.55 -30.00 44.79
CA CYS F 125 -7.29 -28.85 44.28
C CYS F 125 -8.51 -28.57 45.13
N GLY F 126 -9.10 -29.59 45.74
CA GLY F 126 -10.19 -29.36 46.66
C GLY F 126 -9.73 -28.82 48.00
N PHE F 127 -8.51 -29.12 48.40
CA PHE F 127 -7.98 -28.53 49.62
C PHE F 127 -7.65 -27.06 49.42
N VAL F 128 -7.27 -26.67 48.21
CA VAL F 128 -7.05 -25.25 47.93
C VAL F 128 -8.38 -24.52 47.91
N GLU F 129 -9.42 -25.15 47.37
CA GLU F 129 -10.72 -24.52 47.21
C GLU F 129 -11.46 -24.30 48.53
N LEU F 130 -11.04 -24.97 49.60
CA LEU F 130 -11.71 -24.85 50.88
C LEU F 130 -10.85 -24.23 51.97
N ALA F 131 -9.54 -24.34 51.88
CA ALA F 131 -8.65 -23.90 52.94
C ALA F 131 -7.75 -22.74 52.50
N TRP F 132 -7.00 -22.91 51.43
CA TRP F 132 -5.93 -21.97 51.11
C TRP F 132 -6.43 -20.80 50.26
N TRP F 133 -7.11 -21.09 49.16
CA TRP F 133 -7.80 -20.10 48.35
C TRP F 133 -9.28 -20.42 48.41
N PRO F 134 -9.97 -20.08 49.49
CA PRO F 134 -11.36 -20.53 49.67
C PRO F 134 -12.27 -19.87 48.66
N ALA F 135 -12.89 -20.69 47.82
CA ALA F 135 -13.69 -20.19 46.71
C ALA F 135 -14.99 -19.54 47.17
N SER F 136 -15.36 -19.70 48.44
CA SER F 136 -16.48 -18.96 49.01
C SER F 136 -16.16 -17.48 49.16
N ASN F 137 -14.89 -17.09 49.17
CA ASN F 137 -14.50 -15.69 49.18
C ASN F 137 -14.83 -15.07 47.84
N LEU F 138 -15.93 -14.30 47.80
CA LEU F 138 -16.41 -13.75 46.54
C LEU F 138 -15.55 -12.62 46.01
N SER F 139 -14.62 -12.09 46.80
CA SER F 139 -13.76 -11.02 46.31
C SER F 139 -12.72 -11.55 45.33
N GLY F 140 -12.32 -12.81 45.48
CA GLY F 140 -11.26 -13.37 44.67
C GLY F 140 -9.86 -13.02 45.13
N ASP F 141 -9.72 -12.06 46.03
CA ASP F 141 -8.43 -11.65 46.56
C ASP F 141 -7.99 -12.64 47.63
N TYR F 142 -6.86 -13.30 47.40
CA TYR F 142 -6.31 -14.24 48.36
C TYR F 142 -4.92 -13.81 48.81
N GLY F 143 -4.61 -12.53 48.69
CA GLY F 143 -3.36 -12.00 49.21
C GLY F 143 -2.15 -12.29 48.36
N VAL F 144 -2.33 -12.75 47.12
CA VAL F 144 -1.19 -13.08 46.28
C VAL F 144 -0.65 -11.77 45.71
N ARG F 145 0.42 -11.27 46.32
CA ARG F 145 1.05 -10.02 45.87
C ARG F 145 2.49 -10.33 45.50
N LEU F 146 2.86 -10.02 44.28
CA LEU F 146 4.23 -10.15 43.78
C LEU F 146 4.84 -8.76 43.69
N GLY F 147 5.40 -8.31 44.81
CA GLY F 147 5.46 -6.92 45.26
C GLY F 147 5.72 -5.77 44.30
N THR F 148 6.91 -5.68 43.74
CA THR F 148 7.20 -4.54 42.88
C THR F 148 6.61 -4.67 41.49
N LEU F 149 6.12 -5.86 41.13
CA LEU F 149 5.43 -6.01 39.86
C LEU F 149 3.98 -5.52 39.94
N ASN F 150 3.45 -5.33 41.15
CA ASN F 150 2.18 -4.62 41.35
C ASN F 150 2.36 -3.70 42.56
N ASP F 151 2.88 -2.51 42.33
CA ASP F 151 2.94 -1.50 43.38
C ASP F 151 1.73 -0.58 43.22
N TRP F 152 0.61 -1.06 43.73
CA TRP F 152 -0.68 -0.44 43.46
C TRP F 152 -0.87 0.85 44.24
N GLU F 153 -0.17 1.02 45.36
CA GLU F 153 -0.30 2.24 46.14
C GLU F 153 0.38 3.43 45.45
N GLU F 154 1.47 3.20 44.73
CA GLU F 154 2.07 4.29 43.97
C GLU F 154 1.44 4.42 42.60
N GLN F 155 1.09 3.30 41.97
CA GLN F 155 0.56 3.27 40.61
C GLN F 155 -0.83 2.67 40.63
N PRO F 156 -1.88 3.47 40.85
CA PRO F 156 -3.24 2.91 40.78
C PRO F 156 -3.70 2.61 39.37
N ALA F 157 -3.06 3.18 38.35
CA ALA F 157 -3.41 2.83 36.97
C ALA F 157 -2.91 1.43 36.63
N LYS F 158 -1.86 0.96 37.30
CA LYS F 158 -1.42 -0.41 37.11
C LYS F 158 -2.37 -1.40 37.79
N TYR F 159 -3.08 -0.95 38.82
CA TYR F 159 -4.08 -1.79 39.46
C TYR F 159 -5.23 -2.06 38.51
N TYR F 160 -5.72 -1.01 37.85
CA TYR F 160 -6.81 -1.18 36.90
C TYR F 160 -6.36 -1.91 35.65
N ARG F 161 -5.09 -1.78 35.28
CA ARG F 161 -4.61 -2.52 34.11
C ARG F 161 -4.52 -4.00 34.39
N GLN F 162 -4.03 -4.38 35.57
CA GLN F 162 -3.91 -5.79 35.90
C GLN F 162 -5.22 -6.41 36.36
N LYS F 163 -6.16 -5.61 36.85
CA LYS F 163 -7.45 -6.18 37.23
C LYS F 163 -8.29 -6.46 35.99
N ASN F 164 -8.24 -5.57 35.00
CA ASN F 164 -8.98 -5.81 33.76
C ASN F 164 -8.35 -6.92 32.96
N ALA F 165 -7.02 -7.03 32.99
CA ALA F 165 -6.35 -8.05 32.20
C ALA F 165 -6.47 -9.44 32.80
N GLU F 166 -6.82 -9.55 34.07
CA GLU F 166 -7.15 -10.85 34.62
C GLU F 166 -8.50 -11.31 34.11
N LEU F 167 -9.44 -10.39 33.99
CA LEU F 167 -10.77 -10.73 33.49
C LEU F 167 -10.74 -10.95 31.99
N ASN F 168 -10.10 -10.06 31.25
CA ASN F 168 -10.12 -10.12 29.79
C ASN F 168 -9.36 -11.34 29.27
N ASN F 169 -8.22 -11.67 29.88
CA ASN F 169 -7.53 -12.89 29.51
C ASN F 169 -8.29 -14.11 29.97
N GLY F 170 -9.04 -13.99 31.06
CA GLY F 170 -9.88 -15.09 31.50
C GLY F 170 -11.10 -15.26 30.64
N ARG F 171 -11.62 -14.17 30.09
CA ARG F 171 -12.77 -14.26 29.20
C ARG F 171 -12.37 -14.79 27.84
N ALA F 172 -11.22 -14.39 27.34
CA ALA F 172 -10.75 -14.89 26.05
C ALA F 172 -10.31 -16.34 26.15
N ALA F 173 -9.83 -16.77 27.31
CA ALA F 173 -9.49 -18.17 27.48
C ALA F 173 -10.68 -19.04 27.81
N MET F 174 -11.76 -18.46 28.34
CA MET F 174 -13.00 -19.21 28.52
C MET F 174 -13.60 -19.60 27.19
N MET F 175 -13.59 -18.68 26.23
CA MET F 175 -14.10 -19.02 24.91
C MET F 175 -13.10 -19.84 24.10
N GLY F 176 -11.81 -19.70 24.40
CA GLY F 176 -10.83 -20.54 23.73
C GLY F 176 -10.89 -21.99 24.18
N ILE F 177 -11.31 -22.23 25.42
CA ILE F 177 -11.41 -23.62 25.87
C ILE F 177 -12.75 -24.22 25.48
N LEU F 178 -13.79 -23.42 25.25
CA LEU F 178 -14.92 -23.92 24.48
C LEU F 178 -14.59 -24.05 23.01
N GLY F 179 -13.65 -23.26 22.50
CA GLY F 179 -13.15 -23.50 21.17
C GLY F 179 -12.45 -24.84 21.08
N THR F 180 -11.51 -25.10 21.99
CA THR F 180 -10.71 -26.32 21.93
C THR F 180 -11.55 -27.55 22.22
N PHE F 181 -12.60 -27.44 23.04
CA PHE F 181 -13.39 -28.61 23.38
C PHE F 181 -14.28 -29.03 22.23
N THR F 182 -15.03 -28.09 21.65
CA THR F 182 -15.97 -28.44 20.60
C THR F 182 -15.30 -28.71 19.26
N HIS F 183 -14.12 -28.12 18.99
CA HIS F 183 -13.42 -28.44 17.75
C HIS F 183 -12.96 -29.89 17.73
N GLU F 184 -12.67 -30.47 18.89
CA GLU F 184 -12.33 -31.89 18.93
C GLU F 184 -13.56 -32.76 18.83
N VAL F 185 -14.69 -32.30 19.35
CA VAL F 185 -15.93 -33.08 19.31
C VAL F 185 -16.43 -33.20 17.88
N ILE F 186 -16.53 -32.07 17.17
CA ILE F 186 -17.12 -32.08 15.84
C ILE F 186 -16.20 -32.60 14.75
N THR F 187 -14.89 -32.73 15.03
CA THR F 187 -13.96 -33.24 14.03
C THR F 187 -13.38 -34.58 14.36
N GLY F 188 -13.38 -34.97 15.63
CA GLY F 188 -12.77 -36.22 16.05
C GLY F 188 -11.27 -36.16 16.24
N GLN F 189 -10.60 -35.13 15.75
CA GLN F 189 -9.17 -34.94 15.90
C GLN F 189 -8.92 -33.90 16.96
N ASN F 190 -7.81 -34.03 17.67
CA ASN F 190 -7.41 -33.01 18.63
C ASN F 190 -6.78 -31.84 17.88
N PHE F 191 -6.23 -30.88 18.62
CA PHE F 191 -5.75 -29.67 17.97
C PHE F 191 -4.44 -29.90 17.22
N ALA F 192 -3.62 -30.84 17.68
CA ALA F 192 -2.40 -31.14 16.93
C ALA F 192 -2.72 -31.93 15.67
N GLU F 193 -3.76 -32.77 15.70
CA GLU F 193 -4.09 -33.59 14.54
C GLU F 193 -4.91 -32.83 13.51
N GLN F 194 -5.79 -31.94 13.96
CA GLN F 194 -6.57 -31.16 13.01
C GLN F 194 -5.79 -30.00 12.42
N ALA F 195 -4.65 -29.65 13.01
CA ALA F 195 -3.78 -28.64 12.42
C ALA F 195 -2.75 -29.24 11.49
N ALA F 196 -2.36 -30.49 11.74
CA ALA F 196 -1.49 -31.20 10.82
C ALA F 196 -2.20 -31.48 9.50
N ALA F 197 -3.51 -31.71 9.56
CA ALA F 197 -4.31 -31.95 8.36
C ALA F 197 -4.79 -30.67 7.71
N GLY F 198 -4.60 -29.52 8.34
CA GLY F 198 -5.12 -28.27 7.82
C GLY F 198 -6.63 -28.17 7.88
N HIS F 199 -7.27 -28.95 8.73
CA HIS F 199 -8.73 -29.04 8.79
C HIS F 199 -9.26 -27.88 9.63
N PHE F 200 -9.45 -26.75 8.96
CA PHE F 200 -9.91 -25.53 9.61
C PHE F 200 -11.11 -24.93 8.87
N SER F 201 -11.91 -25.76 8.21
CA SER F 201 -13.07 -25.29 7.50
C SER F 201 -14.14 -26.37 7.61
N PRO F 202 -15.35 -26.02 8.03
CA PRO F 202 -16.42 -27.02 8.06
C PRO F 202 -17.18 -27.13 6.75
N PHE F 203 -16.48 -27.07 5.63
CA PHE F 203 -17.12 -27.09 4.32
C PHE F 203 -16.34 -28.01 3.42
N GLY F 204 -17.03 -28.94 2.77
CA GLY F 204 -16.40 -29.90 1.89
C GLY F 204 -15.85 -31.13 2.58
N ASP F 205 -15.77 -31.13 3.90
CA ASP F 205 -15.34 -32.32 4.61
C ASP F 205 -16.51 -33.30 4.73
N GLY F 206 -16.21 -34.50 5.20
CA GLY F 206 -17.22 -35.50 5.39
C GLY F 206 -17.93 -35.44 6.72
N GLN F 207 -17.78 -34.36 7.47
CA GLN F 207 -18.35 -34.22 8.80
C GLN F 207 -19.43 -33.14 8.80
N GLY F 208 -20.51 -33.41 9.51
CA GLY F 208 -21.63 -32.48 9.58
C GLY F 208 -22.40 -32.44 8.28
N PHE F 209 -23.48 -31.66 8.29
CA PHE F 209 -24.20 -31.42 7.03
C PHE F 209 -23.78 -30.11 6.37
N PHE F 210 -22.48 -29.90 6.24
CA PHE F 210 -21.93 -28.73 5.56
C PHE F 210 -20.58 -29.08 4.95
N SER G 31 7.31 17.48 29.46
CA SER G 31 6.67 17.77 28.19
C SER G 31 7.28 16.95 27.07
N GLU G 32 6.65 17.01 25.89
CA GLU G 32 7.09 16.21 24.75
C GLU G 32 8.19 16.89 23.97
N ILE G 33 8.20 18.22 23.93
CA ILE G 33 9.09 18.94 23.00
C ILE G 33 10.52 19.02 23.50
N GLU G 34 10.78 18.68 24.76
CA GLU G 34 12.16 18.57 25.21
C GLU G 34 12.69 17.14 25.18
N LEU G 35 11.85 16.16 24.89
CA LEU G 35 12.33 14.80 24.69
C LEU G 35 12.96 14.68 23.31
N GLY G 36 13.97 13.83 23.22
CA GLY G 36 14.67 13.64 21.97
C GLY G 36 15.82 14.58 21.74
N ALA G 37 16.09 15.49 22.67
CA ALA G 37 17.20 16.44 22.58
C ALA G 37 18.19 16.09 23.67
N THR G 38 19.23 15.34 23.32
CA THR G 38 20.24 14.90 24.26
C THR G 38 21.53 15.68 24.02
N GLU G 39 22.61 15.25 24.69
CA GLU G 39 23.77 16.10 24.92
C GLU G 39 24.54 16.54 23.68
N PRO G 40 25.02 15.64 22.77
CA PRO G 40 25.99 16.12 21.77
C PRO G 40 25.43 17.02 20.70
N LEU G 41 24.11 17.02 20.48
CA LEU G 41 23.51 17.89 19.49
C LEU G 41 22.52 18.88 20.05
N GLY G 42 21.98 18.64 21.24
CA GLY G 42 20.94 19.52 21.75
C GLY G 42 19.65 19.33 20.97
N VAL G 43 18.91 20.43 20.82
CA VAL G 43 17.71 20.43 20.01
C VAL G 43 18.13 20.56 18.55
N PHE G 44 18.22 19.44 17.85
CA PHE G 44 18.82 19.38 16.52
C PHE G 44 17.74 19.38 15.45
N ASP G 45 17.56 20.50 14.78
CA ASP G 45 16.64 20.61 13.66
C ASP G 45 17.21 21.51 12.58
N PRO G 46 18.03 20.96 11.68
CA PRO G 46 18.60 21.79 10.60
C PRO G 46 17.59 22.24 9.57
N LEU G 47 16.44 21.58 9.46
CA LEU G 47 15.38 22.09 8.61
C LEU G 47 14.63 23.25 9.26
N GLY G 48 14.71 23.38 10.58
CA GLY G 48 14.08 24.50 11.24
C GLY G 48 12.59 24.39 11.41
N TRP G 49 12.04 23.19 11.31
CA TRP G 49 10.60 23.01 11.34
C TRP G 49 10.00 23.09 12.73
N LEU G 50 10.80 23.29 13.78
CA LEU G 50 10.24 23.50 15.10
C LEU G 50 9.68 24.91 15.25
N GLU G 51 10.44 25.91 14.82
CA GLU G 51 9.94 27.28 14.87
C GLU G 51 9.15 27.64 13.63
N THR G 52 9.19 26.82 12.60
CA THR G 52 8.39 27.06 11.40
C THR G 52 7.03 26.39 11.49
N GLU G 53 7.00 25.09 11.82
CA GLU G 53 5.76 24.33 11.95
C GLU G 53 5.67 23.72 13.34
N PRO G 54 5.26 24.49 14.35
CA PRO G 54 5.05 23.90 15.67
C PRO G 54 3.75 23.11 15.78
N GLU G 55 2.83 23.27 14.83
CA GLU G 55 1.58 22.51 14.85
C GLU G 55 1.78 21.06 14.46
N ALA G 56 2.75 20.78 13.59
CA ALA G 56 2.98 19.45 13.07
C ALA G 56 3.96 18.64 13.90
N PHE G 57 4.46 19.19 15.01
CA PHE G 57 5.43 18.48 15.83
C PHE G 57 4.79 17.34 16.59
N GLU G 58 3.55 17.52 17.04
CA GLU G 58 2.92 16.55 17.94
C GLU G 58 2.61 15.24 17.24
N ARG G 59 2.45 15.26 15.92
CA ARG G 59 2.39 14.03 15.16
C ARG G 59 3.75 13.57 14.67
N ARG G 60 4.65 14.50 14.32
CA ARG G 60 5.97 14.12 13.85
C ARG G 60 6.83 13.48 14.93
N ARG G 61 6.56 13.78 16.20
CA ARG G 61 7.15 12.98 17.27
C ARG G 61 6.58 11.58 17.28
N ALA G 62 5.28 11.45 17.04
CA ALA G 62 4.63 10.15 17.04
C ALA G 62 5.09 9.29 15.87
N VAL G 63 5.40 9.92 14.73
CA VAL G 63 5.95 9.16 13.61
C VAL G 63 7.37 8.74 13.92
N GLU G 64 8.14 9.61 14.57
CA GLU G 64 9.52 9.29 14.94
C GLU G 64 9.57 8.17 15.97
N ARG G 65 8.67 8.20 16.95
CA ARG G 65 8.66 7.16 17.96
C ARG G 65 8.17 5.83 17.40
N LYS G 66 7.21 5.88 16.49
CA LYS G 66 6.72 4.65 15.87
C LYS G 66 7.73 4.07 14.90
N HIS G 67 8.37 4.93 14.08
CA HIS G 67 9.43 4.46 13.19
C HIS G 67 10.61 3.91 13.97
N GLY G 68 10.86 4.48 15.15
CA GLY G 68 11.91 3.94 15.99
C GLY G 68 11.57 2.57 16.55
N ARG G 69 10.36 2.42 17.11
CA ARG G 69 9.95 1.16 17.71
C ARG G 69 9.81 0.05 16.68
N VAL G 70 9.42 0.41 15.45
CA VAL G 70 9.36 -0.57 14.37
C VAL G 70 10.77 -1.01 13.99
N ALA G 71 11.70 -0.07 13.89
CA ALA G 71 13.05 -0.38 13.44
C ALA G 71 13.87 -1.07 14.53
N MET G 72 13.51 -0.90 15.80
CA MET G 72 14.21 -1.62 16.85
C MET G 72 13.87 -3.10 16.83
N ALA G 73 12.60 -3.43 16.59
CA ALA G 73 12.24 -4.82 16.41
C ALA G 73 12.72 -5.36 15.08
N ALA G 74 12.93 -4.50 14.09
CA ALA G 74 13.45 -4.94 12.81
C ALA G 74 14.94 -5.21 12.88
N VAL G 75 15.68 -4.42 13.65
CA VAL G 75 17.12 -4.66 13.79
C VAL G 75 17.38 -5.91 14.63
N VAL G 76 16.61 -6.09 15.70
CA VAL G 76 16.71 -7.27 16.54
C VAL G 76 16.32 -8.51 15.76
N GLY G 77 15.37 -8.37 14.83
CA GLY G 77 14.97 -9.50 14.00
C GLY G 77 16.06 -9.96 13.06
N THR G 78 16.80 -9.03 12.46
CA THR G 78 17.87 -9.40 11.54
C THR G 78 19.02 -10.10 12.25
N ILE G 79 19.24 -9.78 13.52
CA ILE G 79 20.24 -10.51 14.30
C ILE G 79 19.75 -11.93 14.57
N VAL G 80 18.46 -12.08 14.87
CA VAL G 80 17.94 -13.41 15.18
C VAL G 80 17.85 -14.26 13.92
N HIS G 81 17.49 -13.65 12.77
CA HIS G 81 17.39 -14.41 11.52
C HIS G 81 18.75 -14.89 11.07
N ASN G 82 19.75 -14.01 11.07
CA ASN G 82 21.05 -14.35 10.55
C ASN G 82 21.89 -15.18 11.53
N ASN G 83 21.44 -15.33 12.76
CA ASN G 83 22.03 -16.30 13.68
C ASN G 83 21.41 -17.68 13.53
N HIS G 84 20.54 -17.86 12.53
CA HIS G 84 19.89 -19.14 12.20
C HIS G 84 19.08 -19.67 13.37
N ILE G 85 18.43 -18.77 14.10
CA ILE G 85 17.46 -19.13 15.12
C ILE G 85 16.12 -19.23 14.40
N VAL G 86 15.72 -20.45 14.07
CA VAL G 86 14.44 -20.72 13.44
C VAL G 86 13.61 -21.58 14.39
N PHE G 87 12.32 -21.73 14.09
CA PHE G 87 11.51 -22.40 15.08
C PHE G 87 11.62 -23.91 14.98
N ASP G 88 10.90 -24.50 14.01
CA ASP G 88 10.94 -25.89 13.55
C ASP G 88 9.85 -26.06 12.50
N GLY G 89 9.94 -27.10 11.68
CA GLY G 89 8.80 -27.47 10.88
C GLY G 89 8.52 -26.51 9.74
N TYR G 90 7.26 -26.54 9.30
CA TYR G 90 6.83 -25.86 8.09
C TYR G 90 5.98 -24.66 8.43
N ILE G 91 6.32 -23.50 7.86
CA ILE G 91 5.43 -22.36 7.98
C ILE G 91 4.21 -22.57 7.09
N SER G 92 4.36 -23.33 6.01
CA SER G 92 3.26 -23.61 5.10
C SER G 92 3.44 -25.04 4.61
N PRO G 93 2.78 -26.00 5.25
CA PRO G 93 2.91 -27.40 4.80
C PRO G 93 2.24 -27.68 3.46
N SER G 94 1.30 -26.83 3.02
CA SER G 94 0.74 -27.02 1.69
C SER G 94 1.73 -26.56 0.62
N ASN G 95 2.46 -25.49 0.88
CA ASN G 95 3.50 -25.02 -0.04
C ASN G 95 4.79 -25.81 0.10
N ASN G 96 4.86 -26.71 1.10
CA ASN G 96 6.06 -27.44 1.49
C ASN G 96 7.22 -26.46 1.72
N LEU G 97 7.02 -25.59 2.70
CA LEU G 97 7.92 -24.47 2.94
C LEU G 97 8.29 -24.47 4.42
N LYS G 98 9.52 -24.87 4.72
CA LYS G 98 9.98 -24.89 6.09
C LYS G 98 10.27 -23.47 6.58
N PHE G 99 10.44 -23.34 7.89
CA PHE G 99 10.87 -22.08 8.45
C PHE G 99 12.32 -21.78 8.08
N SER G 100 13.17 -22.81 8.01
CA SER G 100 14.54 -22.62 7.60
C SER G 100 14.67 -22.36 6.11
N ASP G 101 13.66 -22.70 5.32
CA ASP G 101 13.65 -22.41 3.89
C ASP G 101 13.44 -20.93 3.60
N ILE G 102 13.01 -20.15 4.57
CA ILE G 102 12.82 -18.71 4.40
C ILE G 102 14.19 -18.04 4.50
N PRO G 103 14.56 -17.18 3.56
CA PRO G 103 15.87 -16.53 3.61
C PRO G 103 15.95 -15.52 4.74
N THR G 104 17.18 -15.23 5.15
CA THR G 104 17.46 -14.36 6.28
C THR G 104 17.77 -12.93 5.85
N GLY G 105 17.29 -12.52 4.68
CA GLY G 105 17.58 -11.20 4.19
C GLY G 105 16.36 -10.38 3.82
N ILE G 106 16.41 -9.66 2.71
CA ILE G 106 15.27 -8.84 2.30
C ILE G 106 14.15 -9.71 1.78
N ASP G 107 14.49 -10.84 1.16
CA ASP G 107 13.51 -11.71 0.55
C ASP G 107 12.83 -12.63 1.55
N GLY G 108 13.05 -12.44 2.84
CA GLY G 108 12.47 -13.35 3.83
C GLY G 108 10.98 -13.14 4.01
N ILE G 109 10.56 -11.89 4.17
CA ILE G 109 9.15 -11.62 4.40
C ILE G 109 8.33 -11.79 3.12
N PHE G 110 8.99 -11.76 1.96
CA PHE G 110 8.30 -11.98 0.70
C PHE G 110 8.35 -13.43 0.24
N SER G 111 9.11 -14.27 0.93
CA SER G 111 9.05 -15.71 0.69
C SER G 111 7.93 -16.38 1.47
N VAL G 112 7.34 -15.67 2.43
CA VAL G 112 6.11 -16.14 3.08
C VAL G 112 5.00 -16.14 2.05
N PRO G 113 4.15 -17.18 2.00
CA PRO G 113 3.05 -17.18 1.03
C PRO G 113 2.04 -16.09 1.34
N THR G 114 1.27 -15.74 0.32
CA THR G 114 0.41 -14.55 0.38
C THR G 114 -0.72 -14.73 1.37
N ALA G 115 -1.22 -15.96 1.54
CA ALA G 115 -2.20 -16.22 2.58
C ALA G 115 -1.60 -16.14 3.97
N GLY G 116 -0.29 -16.31 4.10
CA GLY G 116 0.38 -16.14 5.37
C GLY G 116 0.71 -14.70 5.63
N LEU G 117 1.11 -13.98 4.58
CA LEU G 117 1.40 -12.56 4.72
C LEU G 117 0.15 -11.75 5.01
N ALA G 118 -1.00 -12.21 4.51
CA ALA G 118 -2.25 -11.53 4.81
C ALA G 118 -2.67 -11.75 6.26
N GLN G 119 -2.25 -12.86 6.87
CA GLN G 119 -2.58 -13.10 8.27
C GLN G 119 -1.74 -12.24 9.21
N ILE G 120 -0.52 -11.90 8.80
CA ILE G 120 0.32 -11.04 9.62
C ILE G 120 -0.21 -9.60 9.58
N ILE G 121 -0.51 -9.11 8.39
CA ILE G 121 -0.94 -7.73 8.21
C ILE G 121 -2.33 -7.51 8.80
N ALA G 122 -3.17 -8.55 8.78
CA ALA G 122 -4.48 -8.44 9.44
C ALA G 122 -4.35 -8.38 10.95
N PHE G 123 -3.39 -9.11 11.53
CA PHE G 123 -3.20 -9.04 12.97
C PHE G 123 -2.47 -7.78 13.37
N LEU G 124 -1.48 -7.37 12.58
CA LEU G 124 -0.76 -6.13 12.88
C LEU G 124 -1.63 -4.91 12.67
N GLY G 125 -2.66 -4.99 11.83
CA GLY G 125 -3.63 -3.92 11.76
C GLY G 125 -4.59 -3.94 12.90
N PHE G 126 -4.83 -5.11 13.48
CA PHE G 126 -5.62 -5.19 14.70
C PHE G 126 -4.85 -4.61 15.88
N VAL G 127 -3.53 -4.77 15.90
CA VAL G 127 -2.73 -4.21 16.99
C VAL G 127 -2.59 -2.70 16.80
N GLU G 128 -2.44 -2.25 15.57
CA GLU G 128 -2.13 -0.85 15.33
C GLU G 128 -3.39 0.00 15.16
N LEU G 129 -4.57 -0.57 15.40
CA LEU G 129 -5.79 0.22 15.38
C LEU G 129 -6.62 0.04 16.65
N ALA G 130 -6.53 -1.14 17.26
CA ALA G 130 -7.36 -1.44 18.42
C ALA G 130 -6.57 -1.55 19.71
N TRP G 131 -5.56 -2.42 19.75
CA TRP G 131 -4.83 -2.64 20.99
C TRP G 131 -3.87 -1.51 21.29
N LEU G 132 -2.99 -1.18 20.34
CA LEU G 132 -2.10 -0.03 20.43
C LEU G 132 -2.43 0.90 19.27
N PRO G 133 -3.45 1.74 19.41
CA PRO G 133 -3.91 2.56 18.28
C PRO G 133 -2.91 3.65 17.95
N ALA G 134 -2.39 3.63 16.73
CA ALA G 134 -1.35 4.57 16.35
C ALA G 134 -1.87 5.96 16.03
N SER G 135 -3.18 6.20 16.15
CA SER G 135 -3.67 7.57 16.13
C SER G 135 -3.52 8.26 17.48
N GLN G 136 -3.17 7.50 18.51
CA GLN G 136 -2.79 8.05 19.81
C GLN G 136 -1.33 8.51 19.72
N TYR G 137 -1.11 9.82 19.76
CA TYR G 137 0.16 10.40 19.34
C TYR G 137 1.19 10.52 20.44
N ASP G 138 0.81 10.39 21.71
CA ASP G 138 1.83 10.45 22.74
C ASP G 138 2.48 9.10 22.99
N GLY G 139 2.11 8.06 22.24
CA GLY G 139 2.68 6.74 22.39
C GLY G 139 2.31 6.03 23.66
N ASP G 140 1.28 6.50 24.37
CA ASP G 140 0.93 6.00 25.69
C ASP G 140 -0.23 5.03 25.55
N TYR G 141 0.01 3.76 25.88
CA TYR G 141 -0.96 2.71 25.62
C TYR G 141 -1.28 1.89 26.87
N GLY G 142 -1.13 2.49 28.04
CA GLY G 142 -1.49 1.83 29.28
C GLY G 142 -0.39 0.97 29.88
N VAL G 143 0.42 0.33 29.06
CA VAL G 143 1.63 -0.31 29.56
C VAL G 143 2.66 0.77 29.82
N GLY G 144 3.51 0.55 30.80
CA GLY G 144 4.55 1.50 31.08
C GLY G 144 5.87 1.02 30.51
N TYR G 145 6.95 1.25 31.24
CA TYR G 145 8.23 0.64 30.93
C TYR G 145 8.33 -0.60 31.78
N PHE G 146 8.15 -1.76 31.14
CA PHE G 146 7.93 -3.05 31.81
C PHE G 146 6.78 -2.94 32.79
N GLY G 147 5.68 -2.36 32.32
CA GLY G 147 4.47 -2.24 33.10
C GLY G 147 4.40 -1.07 34.04
N ASN G 148 5.53 -0.58 34.54
CA ASN G 148 5.56 0.43 35.58
C ASN G 148 5.55 1.82 34.97
N ASP G 149 4.87 2.73 35.65
CA ASP G 149 5.06 4.15 35.42
C ASP G 149 6.35 4.59 36.11
N ILE G 150 7.12 5.44 35.44
CA ILE G 150 8.34 5.99 36.01
C ILE G 150 7.93 7.27 36.70
N LEU G 151 7.77 7.20 38.02
CA LEU G 151 7.21 8.31 38.78
C LEU G 151 8.17 9.46 38.91
N ASP G 152 9.46 9.19 38.87
CA ASP G 152 10.46 10.24 38.88
C ASP G 152 10.45 10.94 37.52
N PRO G 153 10.22 12.25 37.46
CA PRO G 153 10.07 12.90 36.14
C PRO G 153 11.36 13.02 35.36
N GLU G 154 12.51 13.12 36.02
CA GLU G 154 13.77 13.16 35.30
C GLU G 154 14.27 11.77 34.95
N GLU G 155 13.84 10.74 35.67
CA GLU G 155 14.14 9.37 35.26
C GLU G 155 13.23 8.94 34.12
N LYS G 156 12.00 9.44 34.10
CA LYS G 156 11.08 9.13 33.00
C LYS G 156 11.54 9.81 31.71
N ALA G 157 12.07 11.03 31.81
CA ALA G 157 12.58 11.72 30.64
C ALA G 157 13.87 11.10 30.13
N ARG G 158 14.62 10.40 31.00
CA ARG G 158 15.84 9.75 30.56
C ARG G 158 15.53 8.50 29.75
N LYS G 159 14.54 7.72 30.18
CA LYS G 159 14.16 6.54 29.42
C LYS G 159 13.28 6.89 28.23
N LEU G 160 12.64 8.06 28.23
CA LEU G 160 11.96 8.51 27.03
C LEU G 160 12.95 8.94 25.98
N ASN G 161 14.08 9.49 26.39
CA ASN G 161 15.15 9.81 25.44
C ASN G 161 15.88 8.56 24.99
N ALA G 162 16.01 7.56 25.87
CA ALA G 162 16.68 6.33 25.51
C ALA G 162 15.86 5.51 24.51
N GLU G 163 14.53 5.62 24.57
CA GLU G 163 13.70 4.99 23.55
C GLU G 163 13.86 5.69 22.21
N LEU G 164 13.90 7.02 22.24
CA LEU G 164 14.04 7.77 21.00
C LEU G 164 15.43 7.60 20.39
N ASN G 165 16.47 7.60 21.21
CA ASN G 165 17.82 7.51 20.68
C ASN G 165 18.13 6.12 20.17
N ASN G 166 17.70 5.08 20.89
CA ASN G 166 17.85 3.73 20.36
C ASN G 166 16.94 3.51 19.16
N GLY G 167 15.80 4.19 19.13
CA GLY G 167 14.94 4.09 17.98
C GLY G 167 15.48 4.82 16.76
N ARG G 168 16.14 5.95 17.00
CA ARG G 168 16.76 6.66 15.88
C ARG G 168 18.01 5.94 15.39
N ALA G 169 18.76 5.31 16.30
CA ALA G 169 19.92 4.52 15.89
C ALA G 169 19.52 3.26 15.14
N ALA G 170 18.37 2.67 15.48
CA ALA G 170 17.92 1.48 14.79
C ALA G 170 17.30 1.78 13.44
N MET G 171 16.85 3.02 13.22
CA MET G 171 16.39 3.40 11.89
C MET G 171 17.55 3.42 10.90
N MET G 172 18.70 3.93 11.32
CA MET G 172 19.89 3.85 10.50
C MET G 172 20.41 2.44 10.39
N GLY G 173 20.23 1.64 11.45
CA GLY G 173 20.72 0.27 11.42
C GLY G 173 19.94 -0.63 10.49
N ILE G 174 18.63 -0.42 10.36
CA ILE G 174 17.86 -1.30 9.51
C ILE G 174 17.97 -0.87 8.05
N MET G 175 18.07 0.42 7.78
CA MET G 175 18.29 0.87 6.41
C MET G 175 19.74 0.71 5.99
N GLY G 176 20.65 0.62 6.95
CA GLY G 176 22.01 0.26 6.64
C GLY G 176 22.25 -1.22 6.51
N ASN G 177 21.31 -2.04 6.98
CA ASN G 177 21.37 -3.47 6.72
C ASN G 177 20.59 -3.86 5.47
N MET G 178 19.63 -3.04 5.07
CA MET G 178 18.85 -3.35 3.88
C MET G 178 19.58 -2.89 2.61
N VAL G 179 20.19 -1.71 2.66
CA VAL G 179 20.92 -1.20 1.50
C VAL G 179 22.20 -2.00 1.28
N ALA G 180 22.92 -2.31 2.36
CA ALA G 180 24.16 -3.06 2.24
C ALA G 180 23.94 -4.52 1.88
N GLU G 181 22.72 -5.03 1.98
CA GLU G 181 22.46 -6.35 1.42
C GLU G 181 22.26 -6.28 -0.09
N LYS G 182 21.47 -5.31 -0.55
CA LYS G 182 21.16 -5.22 -1.97
C LYS G 182 22.31 -4.66 -2.79
N ILE G 183 23.32 -4.08 -2.16
CA ILE G 183 24.50 -3.62 -2.88
C ILE G 183 25.55 -4.71 -2.96
N THR G 184 25.84 -5.38 -1.84
CA THR G 184 26.79 -6.48 -1.87
C THR G 184 26.20 -7.77 -2.38
N GLY G 185 24.88 -7.87 -2.47
CA GLY G 185 24.24 -9.05 -3.02
C GLY G 185 24.10 -10.22 -2.07
N GLN G 186 24.70 -10.15 -0.88
CA GLN G 186 24.66 -11.24 0.08
C GLN G 186 23.90 -10.81 1.32
N THR G 187 23.34 -11.79 2.03
CA THR G 187 22.68 -11.51 3.29
C THR G 187 23.72 -11.22 4.37
N MET G 188 23.23 -10.86 5.55
CA MET G 188 24.10 -10.52 6.67
C MET G 188 24.90 -11.72 7.18
N TYR G 189 24.43 -12.93 6.95
CA TYR G 189 25.22 -14.09 7.31
C TYR G 189 26.26 -14.43 6.25
N GLU G 190 25.86 -14.41 4.98
CA GLU G 190 26.76 -14.77 3.89
C GLU G 190 27.88 -13.75 3.72
N GLN G 191 27.58 -12.47 3.96
CA GLN G 191 28.61 -11.44 3.90
C GLN G 191 29.63 -11.61 5.01
N TYR G 192 29.18 -12.04 6.17
CA TYR G 192 30.07 -12.15 7.32
C TYR G 192 30.88 -13.45 7.28
N ALA G 193 30.23 -14.59 6.93
CA ALA G 193 30.89 -15.82 6.49
C ALA G 193 32.01 -15.56 5.48
N ALA G 194 31.75 -14.74 4.46
CA ALA G 194 32.74 -14.48 3.43
C ALA G 194 33.83 -13.52 3.88
N GLY G 195 33.64 -12.83 4.99
CA GLY G 195 34.59 -11.80 5.37
C GLY G 195 34.56 -10.57 4.50
N HIS G 196 33.43 -10.33 3.82
CA HIS G 196 33.30 -9.19 2.92
C HIS G 196 32.95 -7.95 3.73
N PHE G 197 33.94 -7.46 4.47
CA PHE G 197 33.78 -6.31 5.34
C PHE G 197 34.42 -5.05 4.78
N ASN G 198 35.54 -5.18 4.10
CA ASN G 198 36.21 -4.02 3.52
C ASN G 198 35.65 -3.73 2.15
N PRO G 199 35.02 -2.58 1.93
CA PRO G 199 34.51 -2.22 0.60
C PRO G 199 35.56 -1.55 -0.29
N PHE G 200 36.81 -1.49 0.14
CA PHE G 200 37.86 -0.83 -0.62
C PHE G 200 38.77 -1.79 -1.38
N ASN G 201 38.87 -3.05 -0.95
CA ASN G 201 39.70 -4.01 -1.66
C ASN G 201 38.89 -5.12 -2.31
N ASP G 202 37.56 -4.98 -2.39
CA ASP G 202 36.74 -5.98 -3.04
C ASP G 202 36.53 -5.59 -4.51
N GLY G 203 35.60 -6.27 -5.17
CA GLY G 203 35.11 -5.79 -6.45
C GLY G 203 33.78 -5.10 -6.31
N GLU G 204 33.79 -3.78 -6.21
CA GLU G 204 32.59 -2.97 -6.16
C GLU G 204 32.85 -1.69 -6.93
N GLY G 205 31.90 -0.76 -6.85
CA GLY G 205 32.16 0.59 -7.31
C GLY G 205 33.12 1.28 -6.35
N PHE G 206 34.17 1.89 -6.91
CA PHE G 206 35.24 2.58 -6.18
C PHE G 206 35.94 1.70 -5.16
N SER H 31 25.28 10.97 51.46
CA SER H 31 26.55 11.55 51.03
C SER H 31 27.59 10.46 50.83
N GLU H 32 28.62 10.76 50.03
CA GLU H 32 29.62 9.76 49.69
C GLU H 32 30.68 9.58 50.76
N ILE H 33 30.63 10.36 51.83
CA ILE H 33 31.65 10.27 52.87
C ILE H 33 31.45 9.02 53.73
N GLU H 34 30.20 8.70 54.07
CA GLU H 34 29.91 7.52 54.85
C GLU H 34 29.64 6.29 53.98
N LEU H 35 29.78 6.40 52.66
CA LEU H 35 29.36 5.35 51.76
C LEU H 35 30.29 4.14 51.73
N GLY H 36 31.48 4.23 52.29
CA GLY H 36 32.39 3.12 52.21
C GLY H 36 32.76 2.50 53.53
N VAL H 37 32.16 2.98 54.62
CA VAL H 37 32.51 2.51 55.94
C VAL H 37 31.56 1.38 56.36
N THR H 38 32.15 0.29 56.86
CA THR H 38 31.39 -0.85 57.34
C THR H 38 31.84 -1.16 58.76
N GLU H 39 31.42 -2.31 59.30
CA GLU H 39 31.67 -2.58 60.71
C GLU H 39 33.14 -2.88 61.02
N PRO H 40 33.76 -3.94 60.50
CA PRO H 40 35.01 -4.41 61.13
C PRO H 40 36.24 -3.57 60.86
N LEU H 41 36.12 -2.47 60.11
CA LEU H 41 37.25 -1.59 59.91
C LEU H 41 36.87 -0.13 60.17
N GLY H 42 35.59 0.19 59.97
CA GLY H 42 35.15 1.55 60.17
C GLY H 42 35.64 2.50 59.10
N VAL H 43 36.35 3.55 59.51
CA VAL H 43 36.87 4.53 58.56
C VAL H 43 38.22 4.08 58.00
N TYR H 44 39.14 3.69 58.89
CA TYR H 44 40.40 2.99 58.57
C TYR H 44 41.26 3.76 57.57
N ASP H 45 41.77 4.89 58.04
CA ASP H 45 42.74 5.65 57.24
C ASP H 45 44.10 5.64 57.92
N PRO H 46 44.98 4.70 57.58
CA PRO H 46 46.35 4.76 58.10
C PRO H 46 47.15 5.92 57.52
N LEU H 47 46.77 6.42 56.36
CA LEU H 47 47.37 7.64 55.82
C LEU H 47 46.72 8.90 56.35
N GLY H 48 45.48 8.81 56.83
CA GLY H 48 44.77 9.97 57.35
C GLY H 48 44.43 10.99 56.29
N TRP H 49 43.99 10.54 55.12
CA TRP H 49 43.77 11.44 53.98
C TRP H 49 42.34 11.92 53.87
N LEU H 50 41.55 11.82 54.95
CA LEU H 50 40.31 12.56 55.03
C LEU H 50 40.43 13.86 55.81
N GLU H 51 41.38 13.93 56.74
CA GLU H 51 41.70 15.20 57.37
C GLU H 51 42.67 16.00 56.52
N SER H 52 43.79 15.40 56.14
CA SER H 52 44.69 16.00 55.17
C SER H 52 44.10 15.81 53.77
N GLU H 53 44.28 16.85 52.93
CA GLU H 53 43.68 17.09 51.60
C GLU H 53 42.26 16.56 51.45
N PRO H 54 41.28 17.10 52.19
CA PRO H 54 39.92 16.55 52.08
C PRO H 54 39.20 16.94 50.80
N GLU H 55 39.73 17.89 50.03
CA GLU H 55 39.09 18.27 48.78
C GLU H 55 39.33 17.24 47.68
N ALA H 56 40.30 16.34 47.85
CA ALA H 56 40.60 15.31 46.87
C ALA H 56 39.83 14.02 47.12
N PHE H 57 38.98 13.98 48.15
CA PHE H 57 38.22 12.77 48.44
C PHE H 57 37.17 12.49 47.37
N GLU H 58 36.60 13.55 46.78
CA GLU H 58 35.52 13.40 45.81
C GLU H 58 36.00 12.75 44.51
N ARG H 59 37.29 12.79 44.22
CA ARG H 59 37.85 12.06 43.09
C ARG H 59 38.42 10.70 43.49
N ARG H 60 39.01 10.61 44.69
CA ARG H 60 39.53 9.32 45.15
C ARG H 60 38.42 8.31 45.38
N ARG H 61 37.24 8.79 45.78
CA ARG H 61 36.07 7.91 45.82
C ARG H 61 35.67 7.50 44.42
N ALA H 62 35.73 8.43 43.47
CA ALA H 62 35.39 8.12 42.08
C ALA H 62 36.41 7.20 41.43
N VAL H 63 37.65 7.18 41.93
CA VAL H 63 38.63 6.25 41.40
C VAL H 63 38.47 4.86 42.02
N GLU H 64 38.21 4.82 43.33
CA GLU H 64 37.99 3.55 44.01
C GLU H 64 36.73 2.85 43.52
N ARG H 65 35.68 3.63 43.24
CA ARG H 65 34.49 3.06 42.62
C ARG H 65 34.77 2.60 41.20
N LYS H 66 35.62 3.33 40.47
CA LYS H 66 35.97 2.94 39.12
C LYS H 66 36.89 1.73 39.11
N HIS H 67 37.91 1.75 39.96
CA HIS H 67 38.79 0.59 40.09
C HIS H 67 38.05 -0.62 40.64
N GLY H 68 37.02 -0.39 41.45
CA GLY H 68 36.22 -1.50 41.95
C GLY H 68 35.40 -2.14 40.85
N ARG H 69 34.70 -1.33 40.06
CA ARG H 69 33.82 -1.84 39.01
C ARG H 69 34.58 -2.53 37.89
N VAL H 70 35.81 -2.09 37.61
CA VAL H 70 36.61 -2.77 36.60
C VAL H 70 37.13 -4.09 37.14
N ALA H 71 37.56 -4.10 38.40
CA ALA H 71 38.16 -5.32 38.96
C ALA H 71 37.12 -6.39 39.24
N MET H 72 35.87 -6.01 39.51
CA MET H 72 34.81 -7.01 39.64
C MET H 72 34.50 -7.65 38.30
N ALA H 73 34.44 -6.84 37.24
CA ALA H 73 34.21 -7.39 35.91
C ALA H 73 35.42 -8.13 35.37
N ALA H 74 36.61 -7.89 35.93
CA ALA H 74 37.80 -8.62 35.51
C ALA H 74 37.93 -9.95 36.21
N VAL H 75 37.34 -10.11 37.39
CA VAL H 75 37.55 -11.32 38.17
C VAL H 75 36.38 -12.29 38.03
N VAL H 76 35.20 -11.82 37.64
CA VAL H 76 34.16 -12.75 37.23
C VAL H 76 34.41 -13.17 35.79
N GLY H 77 35.23 -12.41 35.05
CA GLY H 77 35.66 -12.85 33.75
C GLY H 77 36.80 -13.83 33.81
N THR H 78 37.64 -13.74 34.84
CA THR H 78 38.66 -14.75 35.05
C THR H 78 38.05 -16.10 35.40
N ILE H 79 36.91 -16.09 36.08
CA ILE H 79 36.21 -17.33 36.42
C ILE H 79 35.68 -17.99 35.15
N VAL H 80 35.01 -17.22 34.30
CA VAL H 80 34.41 -17.81 33.11
C VAL H 80 35.44 -18.09 32.02
N HIS H 81 36.64 -17.51 32.11
CA HIS H 81 37.68 -17.88 31.16
C HIS H 81 38.24 -19.25 31.48
N ASN H 82 38.56 -19.49 32.75
CA ASN H 82 39.16 -20.75 33.16
C ASN H 82 38.14 -21.87 33.32
N ASN H 83 36.85 -21.58 33.21
CA ASN H 83 35.83 -22.61 33.17
C ASN H 83 35.49 -23.05 31.75
N HIS H 84 36.13 -22.45 30.75
CA HIS H 84 36.03 -22.79 29.32
C HIS H 84 34.57 -22.66 28.83
N ILE H 85 34.10 -21.42 28.82
CA ILE H 85 32.74 -21.11 28.41
C ILE H 85 32.84 -20.36 27.09
N VAL H 86 33.81 -20.75 26.25
CA VAL H 86 34.17 -19.97 25.06
C VAL H 86 33.05 -19.91 24.02
N PHE H 87 33.21 -18.99 23.07
CA PHE H 87 32.17 -18.61 22.12
C PHE H 87 32.08 -19.51 20.90
N ASP H 88 32.76 -20.67 20.91
CA ASP H 88 32.63 -21.78 19.93
C ASP H 88 32.79 -21.35 18.46
N GLY H 89 33.45 -20.22 18.21
CA GLY H 89 33.63 -19.76 16.84
C GLY H 89 35.05 -19.35 16.53
N TYR H 90 35.20 -18.33 15.69
CA TYR H 90 36.49 -17.75 15.37
C TYR H 90 36.50 -16.29 15.80
N LEU H 91 37.50 -15.91 16.59
CA LEU H 91 37.67 -14.50 16.91
C LEU H 91 38.09 -13.71 15.68
N SER H 92 39.09 -14.22 14.96
CA SER H 92 39.54 -13.60 13.72
C SER H 92 39.87 -14.71 12.73
N PRO H 93 38.98 -14.99 11.78
CA PRO H 93 39.30 -15.99 10.75
C PRO H 93 40.38 -15.55 9.79
N SER H 94 40.62 -14.24 9.66
CA SER H 94 41.73 -13.78 8.84
C SER H 94 43.07 -14.10 9.47
N ASN H 95 43.12 -14.17 10.80
CA ASN H 95 44.32 -14.58 11.51
C ASN H 95 44.22 -16.00 12.05
N ASN H 96 43.10 -16.68 11.77
CA ASN H 96 42.81 -18.05 12.19
C ASN H 96 42.89 -18.18 13.71
N LEU H 97 42.12 -17.35 14.41
CA LEU H 97 42.02 -17.41 15.86
C LEU H 97 40.64 -17.90 16.25
N LYS H 98 40.57 -19.15 16.67
CA LYS H 98 39.37 -19.61 17.34
C LYS H 98 39.30 -18.99 18.73
N PHE H 99 38.08 -18.97 19.29
CA PHE H 99 37.91 -18.42 20.63
C PHE H 99 38.53 -19.32 21.69
N SER H 100 38.61 -20.62 21.42
CA SER H 100 39.29 -21.53 22.33
C SER H 100 40.81 -21.45 22.20
N ASP H 101 41.33 -20.87 21.13
CA ASP H 101 42.77 -20.76 20.94
C ASP H 101 43.39 -19.73 21.86
N ILE H 102 42.60 -18.76 22.32
CA ILE H 102 43.10 -17.71 23.22
C ILE H 102 43.38 -18.32 24.60
N PRO H 103 44.52 -18.02 25.22
CA PRO H 103 44.78 -18.52 26.58
C PRO H 103 43.82 -17.94 27.59
N THR H 104 43.50 -18.75 28.60
CA THR H 104 42.54 -18.38 29.64
C THR H 104 43.20 -17.78 30.86
N GLY H 105 44.38 -17.18 30.69
CA GLY H 105 45.11 -16.63 31.81
C GLY H 105 45.56 -15.20 31.61
N VAL H 106 46.83 -14.93 31.91
CA VAL H 106 47.30 -13.54 31.92
C VAL H 106 47.65 -13.05 30.52
N ASP H 107 48.00 -13.93 29.59
CA ASP H 107 48.38 -13.53 28.24
C ASP H 107 47.23 -13.64 27.26
N GLY H 108 46.01 -13.86 27.74
CA GLY H 108 44.86 -13.92 26.85
C GLY H 108 44.49 -12.58 26.24
N ILE H 109 44.83 -11.49 26.92
CA ILE H 109 44.61 -10.16 26.35
C ILE H 109 45.60 -9.87 25.24
N ARG H 110 46.73 -10.59 25.18
CA ARG H 110 47.74 -10.35 24.17
C ARG H 110 47.48 -11.14 22.90
N ALA H 111 46.65 -12.19 22.97
CA ALA H 111 46.30 -12.96 21.80
C ALA H 111 45.32 -12.23 20.89
N ILE H 112 44.66 -11.20 21.38
CA ILE H 112 43.73 -10.40 20.56
C ILE H 112 44.53 -9.63 19.52
N PRO H 113 44.15 -9.67 18.25
CA PRO H 113 44.96 -9.01 17.21
C PRO H 113 44.86 -7.50 17.22
N THR H 114 45.47 -6.89 16.20
CA THR H 114 45.62 -5.44 16.12
C THR H 114 44.26 -4.76 15.96
N ALA H 115 43.47 -5.19 14.96
CA ALA H 115 42.15 -4.61 14.77
C ALA H 115 41.19 -5.03 15.87
N GLY H 116 41.50 -6.10 16.60
CA GLY H 116 40.68 -6.46 17.75
C GLY H 116 40.84 -5.50 18.90
N LEU H 117 42.09 -5.19 19.26
CA LEU H 117 42.33 -4.23 20.33
C LEU H 117 42.02 -2.80 19.91
N ALA H 118 41.99 -2.52 18.62
CA ALA H 118 41.57 -1.19 18.18
C ALA H 118 40.07 -1.01 18.29
N GLN H 119 39.30 -2.08 18.12
CA GLN H 119 37.85 -1.98 18.26
C GLN H 119 37.43 -1.82 19.71
N ILE H 120 38.23 -2.34 20.64
CA ILE H 120 37.94 -2.13 22.05
C ILE H 120 38.29 -0.71 22.46
N LEU H 121 39.40 -0.18 21.96
CA LEU H 121 39.78 1.19 22.29
C LEU H 121 38.87 2.21 21.60
N ALA H 122 38.29 1.87 20.46
CA ALA H 122 37.39 2.79 19.80
C ALA H 122 36.02 2.83 20.43
N PHE H 123 35.54 1.68 20.91
CA PHE H 123 34.20 1.61 21.49
C PHE H 123 34.17 2.16 22.90
N PHE H 124 35.18 1.84 23.70
CA PHE H 124 35.19 2.33 25.07
C PHE H 124 35.71 3.75 25.18
N ALA H 125 36.17 4.35 24.08
CA ALA H 125 36.31 5.79 24.07
C ALA H 125 34.95 6.48 24.00
N LEU H 126 33.99 5.81 23.39
CA LEU H 126 32.61 6.27 23.36
C LEU H 126 31.86 5.96 24.64
N VAL H 127 32.41 5.11 25.49
CA VAL H 127 31.81 4.86 26.80
C VAL H 127 32.42 5.78 27.85
N GLU H 128 33.74 5.87 27.87
CA GLU H 128 34.44 6.59 28.93
C GLU H 128 34.41 8.10 28.77
N LEU H 129 34.10 8.61 27.58
CA LEU H 129 34.05 10.04 27.36
C LEU H 129 32.68 10.55 27.01
N ALA H 130 31.79 9.70 26.50
CA ALA H 130 30.51 10.14 25.98
C ALA H 130 29.34 9.59 26.78
N TRP H 131 29.24 8.27 26.91
CA TRP H 131 28.01 7.66 27.42
C TRP H 131 28.01 7.59 28.94
N MET H 132 28.97 6.92 29.51
CA MET H 132 29.18 6.95 30.95
C MET H 132 30.50 7.65 31.21
N PRO H 133 30.53 8.99 31.17
CA PRO H 133 31.81 9.70 31.16
C PRO H 133 32.54 9.56 32.48
N ALA H 134 33.76 9.05 32.40
CA ALA H 134 34.52 8.65 33.57
C ALA H 134 35.04 9.83 34.38
N SER H 135 34.90 11.06 33.86
CA SER H 135 35.17 12.28 34.62
C SER H 135 34.00 12.68 35.51
N LYS H 136 32.83 12.11 35.31
CA LYS H 136 31.70 12.35 36.22
C LYS H 136 31.95 11.60 37.50
N TYR H 137 32.29 12.33 38.56
CA TYR H 137 32.75 11.71 39.80
C TYR H 137 31.62 11.20 40.67
N ASP H 138 30.37 11.33 40.23
CA ASP H 138 29.27 10.78 40.99
C ASP H 138 29.23 9.25 40.89
N GLY H 139 29.75 8.70 39.79
CA GLY H 139 29.57 7.30 39.48
C GLY H 139 28.16 6.94 39.07
N ASP H 140 27.34 7.93 38.76
CA ASP H 140 25.90 7.78 38.61
C ASP H 140 25.55 8.19 37.19
N TYR H 141 25.33 7.22 36.33
CA TYR H 141 25.05 7.46 34.92
C TYR H 141 23.61 7.15 34.54
N GLY H 142 22.70 7.18 35.52
CA GLY H 142 21.29 7.05 35.24
C GLY H 142 20.80 5.65 34.95
N VAL H 143 21.60 4.63 35.25
CA VAL H 143 21.17 3.26 34.98
C VAL H 143 20.65 2.55 36.23
N GLY H 144 20.93 3.07 37.43
CA GLY H 144 20.43 2.49 38.65
C GLY H 144 21.01 1.12 38.95
N TYR H 145 20.36 0.43 39.89
CA TYR H 145 20.72 -0.94 40.25
C TYR H 145 19.70 -1.86 39.63
N PHE H 146 20.08 -2.48 38.51
CA PHE H 146 19.17 -3.23 37.64
C PHE H 146 17.97 -2.37 37.23
N GLY H 147 18.25 -1.12 36.89
CA GLY H 147 17.26 -0.26 36.28
C GLY H 147 16.42 0.57 37.22
N THR H 148 16.46 0.30 38.53
CA THR H 148 15.55 0.97 39.45
C THR H 148 16.30 1.97 40.33
N ASP H 149 15.58 3.04 40.68
CA ASP H 149 16.06 4.01 41.66
C ASP H 149 15.70 3.49 43.04
N ILE H 150 16.71 3.16 43.83
CA ILE H 150 16.48 2.67 45.19
C ILE H 150 16.15 3.89 46.05
N LYS H 151 14.86 4.11 46.28
CA LYS H 151 14.40 5.34 46.92
C LYS H 151 14.50 5.30 48.45
N ASP H 152 14.54 4.11 49.03
CA ASP H 152 14.76 3.98 50.47
C ASP H 152 16.21 4.35 50.76
N PRO H 153 16.48 5.42 51.51
CA PRO H 153 17.88 5.87 51.65
C PRO H 153 18.74 4.97 52.51
N GLU H 154 18.14 4.14 53.37
CA GLU H 154 18.92 3.16 54.11
C GLU H 154 19.21 1.93 53.26
N GLU H 155 18.28 1.57 52.38
CA GLU H 155 18.52 0.47 51.46
C GLU H 155 19.50 0.87 50.36
N LYS H 156 19.41 2.11 49.89
CA LYS H 156 20.30 2.58 48.83
C LYS H 156 21.72 2.75 49.33
N ALA H 157 21.89 3.22 50.56
CA ALA H 157 23.23 3.34 51.14
C ALA H 157 23.82 1.99 51.48
N ARG H 158 22.99 0.95 51.62
CA ARG H 158 23.55 -0.37 51.86
C ARG H 158 24.15 -0.95 50.58
N LYS H 159 23.45 -0.78 49.45
CA LYS H 159 23.94 -1.35 48.20
C LYS H 159 25.20 -0.66 47.71
N LEU H 160 25.37 0.63 48.01
CA LEU H 160 26.58 1.31 47.60
C LEU H 160 27.73 1.03 48.53
N ASN H 161 27.46 0.55 49.74
CA ASN H 161 28.50 -0.07 50.52
C ASN H 161 28.89 -1.42 49.93
N VAL H 162 27.95 -2.09 49.27
CA VAL H 162 28.24 -3.39 48.68
C VAL H 162 29.03 -3.23 47.39
N GLU H 163 28.69 -2.23 46.57
CA GLU H 163 29.47 -1.94 45.36
C GLU H 163 30.89 -1.53 45.69
N LEU H 164 31.10 -0.92 46.84
CA LEU H 164 32.46 -0.58 47.24
C LEU H 164 33.17 -1.76 47.87
N ASN H 165 32.49 -2.52 48.74
CA ASN H 165 33.16 -3.62 49.43
C ASN H 165 33.45 -4.77 48.50
N ASN H 166 32.52 -5.11 47.62
CA ASN H 166 32.80 -6.15 46.63
C ASN H 166 33.78 -5.68 45.57
N GLY H 167 33.92 -4.38 45.39
CA GLY H 167 34.93 -3.84 44.51
C GLY H 167 36.31 -3.84 45.17
N ARG H 168 36.34 -3.57 46.47
CA ARG H 168 37.60 -3.64 47.21
C ARG H 168 38.12 -5.06 47.29
N ALA H 169 37.23 -6.02 47.50
CA ALA H 169 37.67 -7.41 47.60
C ALA H 169 38.00 -8.01 46.25
N ALA H 170 37.48 -7.43 45.17
CA ALA H 170 37.85 -7.87 43.83
C ALA H 170 39.13 -7.22 43.33
N MET H 171 39.47 -6.03 43.84
CA MET H 171 40.75 -5.42 43.51
C MET H 171 41.90 -6.24 44.08
N MET H 172 41.78 -6.65 45.34
CA MET H 172 42.75 -7.60 45.89
C MET H 172 42.60 -8.97 45.28
N GLY H 173 41.44 -9.29 44.72
CA GLY H 173 41.23 -10.56 44.07
C GLY H 173 41.86 -10.64 42.70
N ILE H 174 41.67 -9.61 41.89
CA ILE H 174 42.24 -9.61 40.54
C ILE H 174 43.74 -9.32 40.59
N MET H 175 44.24 -8.76 41.68
CA MET H 175 45.68 -8.55 41.81
C MET H 175 46.36 -9.71 42.50
N GLY H 176 45.62 -10.53 43.22
CA GLY H 176 46.15 -11.78 43.71
C GLY H 176 46.01 -12.92 42.75
N ASN H 177 45.45 -12.67 41.57
CA ASN H 177 45.36 -13.67 40.52
C ASN H 177 46.42 -13.50 39.45
N MET H 178 46.83 -12.26 39.17
CA MET H 178 47.93 -12.03 38.25
C MET H 178 49.25 -12.52 38.84
N VAL H 179 49.50 -12.20 40.11
CA VAL H 179 50.72 -12.66 40.75
C VAL H 179 50.69 -14.13 41.09
N ALA H 180 49.51 -14.76 41.07
CA ALA H 180 49.45 -16.20 41.22
C ALA H 180 49.65 -16.94 39.91
N GLU H 181 49.68 -16.21 38.79
CA GLU H 181 49.92 -16.80 37.49
C GLU H 181 51.32 -16.52 36.98
N VAL H 182 51.81 -15.29 37.12
CA VAL H 182 53.15 -14.96 36.66
C VAL H 182 54.24 -15.51 37.56
N LEU H 183 53.90 -16.00 38.75
CA LEU H 183 54.89 -16.60 39.63
C LEU H 183 54.89 -18.12 39.58
N THR H 184 53.79 -18.73 39.13
CA THR H 184 53.72 -20.17 38.98
C THR H 184 53.74 -20.61 37.53
N GLY H 185 53.53 -19.70 36.58
CA GLY H 185 53.58 -20.02 35.16
C GLY H 185 52.26 -20.50 34.59
N GLN H 186 51.52 -21.30 35.35
CA GLN H 186 50.27 -21.86 34.89
C GLN H 186 49.15 -20.84 34.99
N THR H 187 48.06 -21.11 34.26
CA THR H 187 46.83 -20.35 34.43
C THR H 187 46.06 -20.89 35.63
N MET H 188 44.86 -20.36 35.85
CA MET H 188 44.07 -20.80 36.99
C MET H 188 43.48 -22.18 36.76
N TYR H 189 43.15 -22.52 35.52
CA TYR H 189 42.64 -23.87 35.23
C TYR H 189 43.71 -24.92 35.42
N GLU H 190 44.97 -24.56 35.18
CA GLU H 190 46.07 -25.48 35.37
C GLU H 190 46.64 -25.45 36.78
N GLN H 191 46.43 -24.35 37.52
CA GLN H 191 46.80 -24.34 38.93
C GLN H 191 45.87 -25.23 39.74
N TYR H 192 44.62 -25.33 39.33
CA TYR H 192 43.65 -26.15 40.08
C TYR H 192 43.70 -27.60 39.63
N ALA H 193 43.99 -27.86 38.35
CA ALA H 193 44.16 -29.24 37.88
C ALA H 193 45.62 -29.67 37.97
N SER H 194 46.23 -29.40 39.12
CA SER H 194 47.57 -29.90 39.44
C SER H 194 47.72 -30.30 40.90
N GLY H 195 46.79 -29.93 41.77
CA GLY H 195 47.03 -30.01 43.19
C GLY H 195 47.93 -28.93 43.72
N HIS H 196 48.14 -27.86 42.95
CA HIS H 196 49.10 -26.80 43.27
C HIS H 196 48.46 -25.66 44.04
N ILE H 197 47.38 -25.92 44.79
CA ILE H 197 46.75 -24.88 45.57
C ILE H 197 47.55 -24.59 46.83
N SER H 198 47.71 -25.60 47.68
CA SER H 198 48.47 -25.44 48.91
C SER H 198 49.97 -25.49 48.63
N GLY I 42 -26.86 0.76 40.56
CA GLY I 42 -27.51 -0.48 40.96
C GLY I 42 -27.76 -1.43 39.80
N ALA I 43 -28.62 -1.01 38.88
CA ALA I 43 -28.93 -1.80 37.70
C ALA I 43 -27.99 -1.44 36.56
N SER I 44 -27.97 -2.31 35.56
CA SER I 44 -27.15 -2.09 34.38
C SER I 44 -27.73 -0.97 33.53
N PRO I 45 -26.89 -0.25 32.78
CA PRO I 45 -27.43 0.71 31.81
C PRO I 45 -28.19 0.05 30.67
N SER I 46 -27.93 -1.23 30.41
CA SER I 46 -28.62 -1.97 29.38
C SER I 46 -29.79 -2.77 29.91
N ALA I 47 -29.86 -3.00 31.22
CA ALA I 47 -31.06 -3.60 31.79
C ALA I 47 -32.21 -2.61 31.85
N ASP I 48 -31.91 -1.32 31.83
CA ASP I 48 -32.94 -0.30 31.78
C ASP I 48 -33.48 -0.07 30.38
N ALA I 49 -32.72 -0.48 29.35
CA ALA I 49 -33.21 -0.43 27.99
C ALA I 49 -34.06 -1.63 27.62
N TRP I 50 -33.88 -2.74 28.33
CA TRP I 50 -34.78 -3.89 28.21
C TRP I 50 -35.98 -3.77 29.13
N ALA I 51 -36.01 -2.75 29.98
CA ALA I 51 -37.18 -2.50 30.82
C ALA I 51 -38.22 -1.66 30.11
N ASN I 52 -37.81 -0.77 29.20
CA ASN I 52 -38.78 -0.03 28.40
C ASN I 52 -39.27 -0.90 27.25
N SER I 53 -38.35 -1.27 26.35
CA SER I 53 -38.46 -2.45 25.47
C SER I 53 -39.68 -2.39 24.55
N ILE I 54 -39.61 -1.45 23.59
CA ILE I 54 -40.69 -1.22 22.63
C ILE I 54 -40.93 -2.43 21.72
N GLU I 55 -42.06 -2.45 21.03
CA GLU I 55 -42.36 -3.58 20.17
C GLU I 55 -41.56 -3.49 18.87
N SER I 56 -41.25 -4.65 18.32
CA SER I 56 -40.33 -4.76 17.20
C SER I 56 -41.08 -5.01 15.91
N LYS I 57 -40.33 -4.95 14.81
CA LYS I 57 -40.87 -5.24 13.49
C LYS I 57 -40.21 -6.44 12.85
N ALA I 58 -38.88 -6.56 12.96
CA ALA I 58 -38.18 -7.70 12.40
C ALA I 58 -38.44 -8.95 13.22
N LEU I 59 -38.42 -8.81 14.54
CA LEU I 59 -38.73 -9.89 15.47
C LEU I 59 -39.97 -9.45 16.26
N PRO I 60 -41.16 -9.54 15.66
CA PRO I 60 -42.34 -8.91 16.26
C PRO I 60 -42.86 -9.60 17.51
N PHE I 61 -42.24 -10.71 17.92
CA PHE I 61 -42.57 -11.44 19.12
C PHE I 61 -41.58 -11.21 20.25
N ALA I 62 -40.62 -10.30 20.08
CA ALA I 62 -39.43 -10.30 20.92
C ALA I 62 -39.13 -9.00 21.66
N ARG I 63 -39.83 -7.90 21.36
CA ARG I 63 -39.79 -6.64 22.12
C ARG I 63 -38.39 -6.04 22.18
N ALA I 64 -37.95 -5.51 21.02
CA ALA I 64 -36.73 -4.74 20.78
C ALA I 64 -36.44 -3.69 21.87
N PRO I 65 -35.18 -3.47 22.25
CA PRO I 65 -34.90 -2.60 23.39
C PRO I 65 -35.08 -1.13 23.04
N ALA I 66 -35.03 -0.31 24.09
CA ALA I 66 -35.35 1.11 23.98
C ALA I 66 -34.30 1.91 23.22
N THR I 67 -33.11 1.36 22.99
CA THR I 67 -32.06 2.11 22.31
C THR I 67 -32.25 2.18 20.81
N LEU I 68 -33.20 1.44 20.25
CA LEU I 68 -33.61 1.62 18.86
C LEU I 68 -34.76 2.62 18.86
N ASP I 69 -34.41 3.90 18.76
CA ASP I 69 -35.38 4.98 18.90
C ASP I 69 -36.26 5.15 17.66
N GLY I 70 -35.95 4.48 16.56
CA GLY I 70 -36.65 4.69 15.31
C GLY I 70 -36.12 5.83 14.49
N THR I 71 -35.25 6.66 15.05
CA THR I 71 -34.72 7.84 14.38
C THR I 71 -33.58 7.52 13.42
N MET I 72 -33.12 6.27 13.37
CA MET I 72 -32.04 5.89 12.48
C MET I 72 -32.60 5.22 11.23
N LEU I 73 -31.82 5.29 10.16
CA LEU I 73 -32.19 4.63 8.92
C LEU I 73 -32.04 3.12 9.05
N GLY I 74 -33.03 2.39 8.54
CA GLY I 74 -33.00 0.95 8.63
C GLY I 74 -33.35 0.40 9.98
N ASP I 75 -33.87 1.22 10.90
CA ASP I 75 -34.34 0.76 12.19
C ASP I 75 -35.58 -0.08 11.99
N PHE I 76 -35.43 -1.39 12.09
CA PHE I 76 -36.55 -2.31 12.01
C PHE I 76 -36.74 -3.06 13.32
N GLY I 77 -36.12 -2.61 14.40
CA GLY I 77 -36.30 -3.23 15.69
C GLY I 77 -35.65 -4.59 15.82
N PHE I 78 -34.50 -4.78 15.19
CA PHE I 78 -33.79 -6.05 15.22
C PHE I 78 -32.53 -5.87 16.05
N ASP I 79 -32.62 -6.20 17.31
CA ASP I 79 -31.46 -6.31 18.17
C ASP I 79 -31.76 -7.31 19.29
N PRO I 80 -31.84 -8.60 19.01
CA PRO I 80 -32.17 -9.56 20.07
C PRO I 80 -31.07 -9.75 21.08
N LEU I 81 -29.82 -9.51 20.71
CA LEU I 81 -28.71 -9.64 21.64
C LEU I 81 -28.37 -8.33 22.33
N GLY I 82 -28.99 -7.23 21.92
CA GLY I 82 -28.87 -5.98 22.64
C GLY I 82 -27.55 -5.26 22.48
N PHE I 83 -27.01 -5.23 21.26
CA PHE I 83 -25.77 -4.51 21.02
C PHE I 83 -25.96 -3.01 20.98
N SER I 84 -27.16 -2.53 20.65
CA SER I 84 -27.41 -1.09 20.65
C SER I 84 -27.47 -0.52 22.05
N THR I 85 -27.74 -1.34 23.04
CA THR I 85 -27.72 -0.90 24.43
C THR I 85 -26.31 -0.73 24.96
N VAL I 86 -25.32 -1.29 24.27
CA VAL I 86 -23.91 -1.13 24.61
C VAL I 86 -23.20 -0.45 23.45
N PRO I 87 -23.43 0.85 23.23
CA PRO I 87 -22.95 1.49 22.02
C PRO I 87 -21.45 1.75 22.06
N VAL I 88 -20.85 1.74 20.87
CA VAL I 88 -19.41 1.68 20.73
C VAL I 88 -18.93 3.02 20.18
N GLY I 89 -17.67 3.34 20.47
CA GLY I 89 -17.09 4.58 20.05
C GLY I 89 -16.02 4.38 19.00
N PRO I 90 -15.50 5.47 18.45
CA PRO I 90 -14.44 5.36 17.44
C PRO I 90 -13.09 5.07 18.09
N TRP I 91 -12.86 3.79 18.37
CA TRP I 91 -11.69 3.34 19.12
C TRP I 91 -10.40 3.54 18.36
N PHE I 92 -10.46 3.64 17.03
CA PHE I 92 -9.29 3.74 16.19
C PHE I 92 -8.63 5.10 16.28
N THR I 93 -9.33 6.11 16.80
CA THR I 93 -8.78 7.44 16.94
C THR I 93 -7.86 7.57 18.15
N GLY I 94 -7.82 6.57 19.02
CA GLY I 94 -6.97 6.59 20.19
C GLY I 94 -7.77 6.25 21.42
N ILE I 95 -7.14 6.44 22.57
CA ILE I 95 -7.75 6.05 23.84
C ILE I 95 -8.86 7.03 24.24
N GLU I 96 -8.77 8.28 23.77
CA GLU I 96 -9.80 9.26 24.08
C GLU I 96 -11.11 8.95 23.38
N GLY I 97 -11.06 8.25 22.25
CA GLY I 97 -12.24 7.84 21.53
C GLY I 97 -12.66 6.40 21.74
N ARG I 98 -12.05 5.69 22.70
CA ARG I 98 -12.39 4.30 22.93
C ARG I 98 -13.77 4.14 23.55
N ASN I 99 -14.17 5.07 24.42
CA ASN I 99 -15.46 4.98 25.07
C ASN I 99 -16.56 5.50 24.17
N GLY I 100 -17.67 4.76 24.12
CA GLY I 100 -18.80 5.15 23.28
C GLY I 100 -19.77 6.06 24.02
N GLN I 101 -20.32 7.02 23.28
CA GLN I 101 -21.34 7.90 23.83
C GLN I 101 -22.65 7.14 24.00
N ILE I 102 -23.48 7.63 24.91
CA ILE I 102 -24.74 6.96 25.20
C ILE I 102 -25.74 7.28 24.10
N GLY I 103 -26.46 6.24 23.65
CA GLY I 103 -27.47 6.40 22.63
C GLY I 103 -26.97 6.75 21.25
N ASN I 104 -25.69 6.50 20.97
CA ASN I 104 -25.08 6.86 19.69
C ASN I 104 -24.62 5.57 19.00
N LEU I 105 -25.35 5.17 17.96
CA LEU I 105 -25.00 4.00 17.17
C LEU I 105 -24.34 4.36 15.86
N ASN I 106 -23.68 5.51 15.80
CA ASN I 106 -23.10 5.97 14.54
C ASN I 106 -21.88 5.18 14.13
N TRP I 107 -21.23 4.49 15.06
CA TRP I 107 -20.06 3.69 14.73
C TRP I 107 -20.38 2.23 14.54
N TYR I 108 -21.49 1.76 15.11
CA TYR I 108 -22.06 0.48 14.68
C TYR I 108 -22.57 0.58 13.26
N ARG I 109 -23.19 1.71 12.90
CA ARG I 109 -23.67 1.93 11.54
C ARG I 109 -22.51 2.17 10.59
N GLU I 110 -21.42 2.75 11.09
CA GLU I 110 -20.22 2.91 10.27
C GLU I 110 -19.62 1.56 9.93
N ALA I 111 -19.58 0.64 10.89
CA ALA I 111 -19.08 -0.70 10.62
C ALA I 111 -20.06 -1.52 9.80
N GLU I 112 -21.36 -1.24 9.92
CA GLU I 112 -22.37 -1.94 9.13
C GLU I 112 -22.29 -1.54 7.66
N LEU I 113 -22.04 -0.26 7.39
CA LEU I 113 -21.96 0.19 6.01
C LEU I 113 -20.67 -0.24 5.34
N ILE I 114 -19.56 -0.26 6.08
CA ILE I 114 -18.30 -0.64 5.46
C ILE I 114 -18.21 -2.15 5.27
N HIS I 115 -18.90 -2.94 6.10
CA HIS I 115 -19.02 -4.36 5.80
C HIS I 115 -19.89 -4.60 4.59
N GLY I 116 -21.00 -3.87 4.49
CA GLY I 116 -21.93 -4.13 3.41
C GLY I 116 -21.47 -3.58 2.08
N ARG I 117 -20.69 -2.49 2.09
CA ARG I 117 -20.19 -1.94 0.84
C ARG I 117 -19.11 -2.84 0.24
N ILE I 118 -18.27 -3.43 1.08
CA ILE I 118 -17.28 -4.40 0.60
C ILE I 118 -17.97 -5.66 0.11
N ALA I 119 -18.96 -6.12 0.87
CA ALA I 119 -19.67 -7.35 0.54
C ALA I 119 -20.44 -7.25 -0.76
N GLN I 120 -20.88 -6.04 -1.14
CA GLN I 120 -21.54 -5.86 -2.41
C GLN I 120 -20.57 -6.03 -3.57
N VAL I 121 -19.41 -5.38 -3.49
CA VAL I 121 -18.37 -5.52 -4.50
C VAL I 121 -17.83 -6.94 -4.52
N ALA I 122 -17.82 -7.62 -3.37
CA ALA I 122 -17.26 -8.95 -3.29
C ALA I 122 -18.19 -10.04 -3.81
N VAL I 123 -19.51 -9.79 -3.84
CA VAL I 123 -20.41 -10.71 -4.52
C VAL I 123 -20.09 -10.77 -6.01
N VAL I 124 -19.86 -9.61 -6.63
CA VAL I 124 -19.49 -9.57 -8.03
C VAL I 124 -18.11 -10.18 -8.24
N GLY I 125 -17.18 -9.92 -7.31
CA GLY I 125 -15.86 -10.51 -7.40
C GLY I 125 -15.85 -12.00 -7.20
N PHE I 126 -16.83 -12.53 -6.48
CA PHE I 126 -17.02 -13.97 -6.37
C PHE I 126 -17.64 -14.57 -7.62
N ILE I 127 -18.20 -13.75 -8.51
CA ILE I 127 -19.00 -14.22 -9.63
C ILE I 127 -18.34 -13.93 -10.97
N ALA I 128 -17.92 -12.68 -11.18
CA ALA I 128 -17.50 -12.16 -12.48
C ALA I 128 -16.27 -12.81 -13.14
N PRO I 129 -15.28 -13.33 -12.42
CA PRO I 129 -14.30 -14.18 -13.11
C PRO I 129 -14.90 -15.47 -13.67
N GLY I 130 -15.90 -16.04 -13.00
CA GLY I 130 -16.54 -17.22 -13.53
C GLY I 130 -17.51 -16.96 -14.67
N LEU I 131 -18.02 -15.73 -14.77
CA LEU I 131 -18.94 -15.38 -15.85
C LEU I 131 -18.22 -14.76 -17.03
N PHE I 132 -17.50 -13.66 -16.81
CA PHE I 132 -16.91 -12.87 -17.89
C PHE I 132 -15.46 -13.24 -18.14
N GLY I 133 -15.06 -14.46 -17.81
CA GLY I 133 -13.70 -14.89 -18.07
C GLY I 133 -12.70 -14.29 -17.11
N THR I 134 -11.44 -14.65 -17.31
CA THR I 134 -10.33 -14.23 -16.46
C THR I 134 -9.35 -13.39 -17.27
N LEU I 135 -8.22 -13.07 -16.65
CA LEU I 135 -7.18 -12.23 -17.19
C LEU I 135 -5.96 -13.06 -17.58
N PRO I 136 -5.20 -12.64 -18.60
CA PRO I 136 -4.02 -13.41 -19.01
C PRO I 136 -2.76 -13.01 -18.24
N GLY I 137 -1.83 -13.96 -18.17
CA GLY I 137 -0.58 -13.74 -17.46
C GLY I 137 0.65 -13.84 -18.32
N ASN I 138 1.75 -13.28 -17.84
CA ASN I 138 3.03 -13.31 -18.53
C ASN I 138 3.76 -14.61 -18.22
N GLU I 139 5.04 -14.66 -18.55
CA GLU I 139 5.93 -15.63 -17.91
C GLU I 139 6.52 -15.09 -16.62
N TRP I 140 6.40 -13.77 -16.39
CA TRP I 140 6.83 -13.18 -15.13
C TRP I 140 5.88 -13.58 -14.01
N THR I 141 4.60 -13.23 -14.14
CA THR I 141 3.60 -13.66 -13.17
C THR I 141 3.29 -15.14 -13.30
N GLY I 142 3.61 -15.74 -14.44
CA GLY I 142 3.25 -17.12 -14.69
C GLY I 142 1.93 -17.20 -15.42
N VAL I 143 1.85 -18.04 -16.44
CA VAL I 143 0.55 -18.25 -17.07
C VAL I 143 -0.34 -19.05 -16.13
N ASP I 144 -1.65 -18.90 -16.34
CA ASP I 144 -2.71 -19.45 -15.48
C ASP I 144 -2.61 -18.95 -14.04
N ALA I 145 -2.03 -17.77 -13.83
CA ALA I 145 -1.99 -17.19 -12.50
C ALA I 145 -3.31 -16.53 -12.14
N TYR I 146 -3.91 -15.84 -13.10
CA TYR I 146 -5.19 -15.19 -12.91
C TYR I 146 -6.35 -16.07 -13.32
N SER I 147 -6.12 -17.36 -13.56
CA SER I 147 -7.11 -18.19 -14.22
C SER I 147 -7.80 -19.17 -13.28
N ASN I 148 -7.57 -19.07 -11.97
CA ASN I 148 -8.16 -20.03 -11.04
C ASN I 148 -9.62 -19.66 -10.79
N LEU I 149 -10.53 -20.43 -11.38
CA LEU I 149 -11.95 -20.11 -11.27
C LEU I 149 -12.52 -20.41 -9.89
N ASN I 150 -11.83 -21.18 -9.07
CA ASN I 150 -12.15 -21.23 -7.65
C ASN I 150 -11.68 -19.92 -7.03
N PRO I 151 -12.56 -19.10 -6.49
CA PRO I 151 -12.16 -17.75 -6.06
C PRO I 151 -11.30 -17.72 -4.81
N LEU I 152 -11.29 -18.77 -4.01
CA LEU I 152 -10.55 -18.72 -2.76
C LEU I 152 -9.09 -19.08 -2.97
N GLU I 153 -8.80 -20.10 -3.77
CA GLU I 153 -7.41 -20.40 -4.08
C GLU I 153 -6.88 -19.57 -5.23
N ALA I 154 -7.72 -18.72 -5.83
CA ALA I 154 -7.22 -17.67 -6.70
C ALA I 154 -6.50 -16.58 -5.92
N PHE I 155 -6.75 -16.49 -4.61
CA PHE I 155 -5.99 -15.59 -3.76
C PHE I 155 -4.53 -16.03 -3.67
N SER I 156 -4.29 -17.32 -3.50
CA SER I 156 -2.93 -17.83 -3.41
C SER I 156 -2.30 -18.15 -4.75
N GLN I 157 -3.03 -17.96 -5.85
CA GLN I 157 -2.50 -18.25 -7.18
C GLN I 157 -1.95 -17.03 -7.88
N VAL I 158 -2.61 -15.89 -7.74
CA VAL I 158 -2.18 -14.63 -8.36
C VAL I 158 -0.91 -14.17 -7.64
N PRO I 159 -0.06 -13.37 -8.27
CA PRO I 159 1.15 -12.89 -7.59
C PRO I 159 0.85 -12.01 -6.40
N GLY I 160 1.84 -11.90 -5.52
CA GLY I 160 1.68 -11.10 -4.31
C GLY I 160 1.60 -9.62 -4.59
N LEU I 161 2.23 -9.16 -5.68
CA LEU I 161 2.12 -7.77 -6.08
C LEU I 161 0.73 -7.42 -6.59
N ALA I 162 -0.06 -8.40 -7.01
CA ALA I 162 -1.44 -8.14 -7.37
C ALA I 162 -2.27 -7.82 -6.14
N ILE I 163 -2.03 -8.54 -5.04
CA ILE I 163 -2.78 -8.33 -3.82
C ILE I 163 -2.23 -7.18 -2.99
N LEU I 164 -0.92 -6.94 -3.06
CA LEU I 164 -0.33 -5.80 -2.36
C LEU I 164 -0.85 -4.49 -2.90
N GLN I 165 -1.04 -4.38 -4.22
CA GLN I 165 -1.55 -3.15 -4.78
C GLN I 165 -3.05 -2.99 -4.60
N ILE I 166 -3.78 -4.10 -4.51
CA ILE I 166 -5.19 -4.02 -4.15
C ILE I 166 -5.35 -3.58 -2.70
N PHE I 167 -4.53 -4.16 -1.82
CA PHE I 167 -4.59 -3.81 -0.40
C PHE I 167 -4.16 -2.37 -0.16
N LEU I 168 -3.20 -1.87 -0.93
CA LEU I 168 -2.76 -0.50 -0.77
C LEU I 168 -3.75 0.50 -1.32
N PHE I 169 -4.57 0.09 -2.29
CA PHE I 169 -5.64 0.96 -2.75
C PHE I 169 -6.83 0.93 -1.80
N MET I 170 -7.12 -0.25 -1.24
CA MET I 170 -8.06 -0.32 -0.12
C MET I 170 -7.54 0.45 1.08
N SER I 171 -6.22 0.50 1.24
CA SER I 171 -5.63 1.30 2.30
C SER I 171 -5.81 2.79 2.06
N TYR I 172 -5.69 3.24 0.82
CA TYR I 172 -5.68 4.66 0.51
C TYR I 172 -7.02 5.31 0.80
N LEU I 173 -8.12 4.61 0.54
CA LEU I 173 -9.42 5.18 0.84
C LEU I 173 -9.76 5.07 2.32
N GLU I 174 -9.06 4.21 3.06
CA GLU I 174 -9.24 4.17 4.50
C GLU I 174 -8.40 5.24 5.19
N VAL I 175 -7.32 5.68 4.56
CA VAL I 175 -6.64 6.90 4.99
C VAL I 175 -7.55 8.09 4.74
N ARG I 176 -8.29 8.07 3.63
CA ARG I 176 -9.26 9.11 3.34
C ARG I 176 -10.39 9.11 4.35
N ARG I 177 -10.79 7.93 4.85
CA ARG I 177 -11.88 7.87 5.81
C ARG I 177 -11.46 8.42 7.16
N ILE I 178 -10.23 8.16 7.59
CA ILE I 178 -9.76 8.66 8.87
C ILE I 178 -9.58 10.16 8.85
N ASN I 179 -9.07 10.70 7.74
CA ASN I 179 -8.94 12.14 7.61
C ASN I 179 -10.30 12.84 7.50
N ILE I 180 -11.35 12.12 7.16
CA ILE I 180 -12.70 12.67 7.22
C ILE I 180 -13.25 12.57 8.65
N ILE I 181 -12.99 11.45 9.32
CA ILE I 181 -13.46 11.23 10.68
C ILE I 181 -12.75 12.16 11.65
N LYS I 182 -11.43 12.32 11.49
CA LYS I 182 -10.66 13.21 12.35
C LYS I 182 -11.04 14.66 12.15
N GLU I 183 -11.39 15.05 10.93
CA GLU I 183 -11.76 16.43 10.67
C GLU I 183 -13.17 16.73 11.15
N GLU I 184 -14.14 15.91 10.78
CA GLU I 184 -15.53 16.20 11.11
C GLU I 184 -15.85 15.87 12.56
N GLY I 185 -15.36 14.76 13.07
CA GLY I 185 -15.50 14.43 14.48
C GLY I 185 -16.90 14.02 14.88
N GLU I 186 -17.59 14.89 15.61
CA GLU I 186 -18.96 14.61 16.04
C GLU I 186 -19.98 14.83 14.94
N ASN I 187 -19.67 15.68 13.96
CA ASN I 187 -20.59 15.99 12.88
C ASN I 187 -20.38 15.08 11.67
N TYR I 188 -19.87 13.88 11.88
CA TYR I 188 -19.57 12.95 10.81
C TYR I 188 -20.72 11.97 10.65
N MET I 189 -21.35 11.98 9.48
CA MET I 189 -22.38 10.99 9.25
C MET I 189 -21.76 9.68 8.80
N PRO I 190 -22.34 8.55 9.19
CA PRO I 190 -21.72 7.25 8.88
C PRO I 190 -21.78 6.92 7.39
N GLY I 191 -20.71 6.31 6.91
CA GLY I 191 -20.60 5.95 5.51
C GLY I 191 -20.18 7.08 4.60
N ASP I 192 -19.84 8.22 5.15
CA ASP I 192 -19.43 9.38 4.36
C ASP I 192 -17.95 9.26 4.01
N LEU I 193 -17.66 9.05 2.73
CA LEU I 193 -16.30 9.21 2.22
C LEU I 193 -16.22 10.42 1.31
N ARG I 194 -17.20 11.33 1.41
CA ARG I 194 -17.33 12.54 0.61
C ARG I 194 -17.37 12.22 -0.89
N ILE I 195 -18.33 11.38 -1.24
CA ILE I 195 -18.55 10.95 -2.62
C ILE I 195 -20.00 11.28 -2.96
N GLY I 196 -20.24 12.39 -3.62
CA GLY I 196 -21.57 12.60 -4.16
C GLY I 196 -22.22 13.96 -4.03
N GLN I 197 -23.47 13.95 -3.54
CA GLN I 197 -24.46 14.95 -3.92
C GLN I 197 -24.28 16.29 -3.21
N GLY I 198 -23.89 16.30 -1.95
CA GLY I 198 -24.22 17.43 -1.11
C GLY I 198 -23.20 18.55 -1.09
N GLU I 199 -22.44 18.64 0.00
CA GLU I 199 -21.43 19.67 0.22
C GLU I 199 -20.18 19.37 -0.59
N GLY I 200 -19.03 19.93 -0.21
CA GLY I 200 -17.82 19.76 -1.01
C GLY I 200 -17.30 18.34 -1.04
N ARG I 201 -18.06 17.48 -1.70
CA ARG I 201 -17.79 16.08 -1.96
C ARG I 201 -17.43 15.92 -3.43
N TRP I 202 -16.88 14.75 -3.75
CA TRP I 202 -16.50 14.48 -5.13
C TRP I 202 -17.72 13.99 -5.90
N ASN I 203 -18.11 14.74 -6.92
CA ASN I 203 -19.28 14.40 -7.75
C ASN I 203 -18.96 14.59 -9.23
N PRO I 204 -18.29 13.63 -9.86
CA PRO I 204 -18.06 13.72 -11.30
C PRO I 204 -19.27 13.32 -12.15
N PHE I 205 -20.39 12.95 -11.53
CA PHE I 205 -21.56 12.48 -12.27
C PHE I 205 -22.77 13.38 -12.07
N GLY I 206 -22.64 14.47 -11.33
CA GLY I 206 -23.76 15.33 -11.03
C GLY I 206 -24.55 14.85 -9.84
N LEU I 207 -25.39 13.83 -10.05
CA LEU I 207 -26.06 13.05 -9.00
C LEU I 207 -26.88 13.90 -8.04
N ASP I 208 -27.48 14.99 -8.52
CA ASP I 208 -28.22 15.87 -7.63
C ASP I 208 -29.61 15.31 -7.42
N TYR I 209 -29.74 14.40 -6.46
CA TYR I 209 -31.02 13.80 -6.12
C TYR I 209 -31.90 14.80 -5.39
N SER I 210 -33.17 14.48 -5.32
CA SER I 210 -34.10 15.19 -4.46
C SER I 210 -33.75 14.91 -3.00
N PRO I 211 -34.03 15.84 -2.08
CA PRO I 211 -33.72 15.61 -0.66
C PRO I 211 -34.57 14.56 0.01
N GLU I 212 -35.58 14.00 -0.64
CA GLU I 212 -36.29 12.83 -0.14
C GLU I 212 -36.09 11.60 -1.00
N ALA I 213 -35.67 11.76 -2.25
CA ALA I 213 -35.17 10.65 -3.04
C ALA I 213 -33.76 10.27 -2.65
N TYR I 214 -33.05 11.12 -1.92
CA TYR I 214 -31.74 10.78 -1.40
C TYR I 214 -31.85 9.83 -0.21
N GLU I 215 -32.95 9.88 0.52
CA GLU I 215 -33.11 8.99 1.66
C GLU I 215 -33.62 7.62 1.28
N GLU I 216 -34.20 7.45 0.09
CA GLU I 216 -34.44 6.09 -0.36
C GLU I 216 -33.22 5.47 -1.00
N LYS I 217 -32.30 6.28 -1.52
CA LYS I 217 -31.02 5.76 -1.97
C LYS I 217 -30.18 5.29 -0.79
N ARG I 218 -30.29 5.97 0.35
CA ARG I 218 -29.64 5.53 1.57
C ARG I 218 -30.25 4.22 2.07
N LEU I 219 -31.56 4.07 1.90
CA LEU I 219 -32.24 2.85 2.30
C LEU I 219 -32.01 1.73 1.31
N GLN I 220 -31.91 2.05 0.01
CA GLN I 220 -31.55 1.04 -0.98
C GLN I 220 -30.13 0.55 -0.77
N GLU I 221 -29.24 1.44 -0.35
CA GLU I 221 -27.86 1.05 -0.07
C GLU I 221 -27.78 0.15 1.16
N LEU I 222 -28.51 0.51 2.22
CA LEU I 222 -28.43 -0.25 3.47
C LEU I 222 -29.10 -1.61 3.33
N LYS I 223 -30.19 -1.68 2.58
CA LYS I 223 -30.84 -2.97 2.39
C LYS I 223 -30.03 -3.86 1.45
N HIS I 224 -29.25 -3.27 0.54
CA HIS I 224 -28.33 -4.06 -0.25
C HIS I 224 -27.06 -4.38 0.51
N CYS I 225 -26.70 -3.55 1.49
CA CYS I 225 -25.58 -3.85 2.37
C CYS I 225 -25.88 -5.09 3.20
N ARG I 226 -27.07 -5.15 3.79
CA ARG I 226 -27.43 -6.28 4.64
C ARG I 226 -27.70 -7.54 3.83
N LEU I 227 -28.12 -7.40 2.59
CA LEU I 227 -28.40 -8.57 1.77
C LEU I 227 -27.12 -9.17 1.22
N ALA I 228 -26.21 -8.33 0.71
CA ALA I 228 -24.99 -8.85 0.13
C ALA I 228 -24.02 -9.36 1.16
N MET I 229 -24.18 -8.96 2.43
CA MET I 229 -23.40 -9.56 3.50
C MET I 229 -23.77 -11.03 3.69
N ILE I 230 -25.07 -11.34 3.63
CA ILE I 230 -25.51 -12.73 3.66
C ILE I 230 -25.15 -13.43 2.37
N GLY I 231 -25.18 -12.72 1.24
CA GLY I 231 -24.88 -13.34 -0.03
C GLY I 231 -23.41 -13.66 -0.21
N VAL I 232 -22.53 -12.79 0.28
CA VAL I 232 -21.10 -13.07 0.15
C VAL I 232 -20.65 -14.12 1.15
N PHE I 233 -21.42 -14.34 2.23
CA PHE I 233 -21.10 -15.44 3.13
C PHE I 233 -21.43 -16.77 2.48
N GLY I 234 -22.56 -16.83 1.77
CA GLY I 234 -22.90 -18.04 1.06
C GLY I 234 -22.00 -18.30 -0.13
N LEU I 235 -21.49 -17.24 -0.76
CA LEU I 235 -20.53 -17.42 -1.84
C LEU I 235 -19.20 -17.95 -1.31
N TRP I 236 -18.77 -17.47 -0.15
CA TRP I 236 -17.54 -17.94 0.45
C TRP I 236 -17.70 -19.35 0.99
N ALA I 237 -18.88 -19.69 1.49
CA ALA I 237 -19.08 -21.00 2.07
C ALA I 237 -19.36 -22.07 1.03
N GLN I 238 -19.93 -21.69 -0.12
CA GLN I 238 -20.13 -22.66 -1.19
C GLN I 238 -18.85 -22.89 -1.98
N ALA I 239 -17.97 -21.90 -2.05
CA ALA I 239 -16.72 -22.08 -2.77
C ALA I 239 -15.78 -23.01 -2.02
N GLN I 240 -15.92 -23.10 -0.70
CA GLN I 240 -15.18 -24.10 0.05
C GLN I 240 -15.85 -25.46 -0.03
N ALA I 241 -17.18 -25.49 0.01
CA ALA I 241 -17.89 -26.76 0.07
C ALA I 241 -17.90 -27.47 -1.28
N SER I 242 -17.87 -26.73 -2.37
CA SER I 242 -17.84 -27.32 -3.70
C SER I 242 -16.46 -27.37 -4.30
N GLY I 243 -15.60 -26.42 -3.97
CA GLY I 243 -14.26 -26.36 -4.52
C GLY I 243 -14.15 -25.64 -5.84
N VAL I 244 -15.27 -25.21 -6.43
CA VAL I 244 -15.28 -24.50 -7.70
C VAL I 244 -15.95 -23.15 -7.50
N GLY I 245 -16.01 -22.36 -8.57
CA GLY I 245 -16.75 -21.11 -8.53
C GLY I 245 -18.25 -21.35 -8.54
N VAL I 246 -19.00 -20.25 -8.43
CA VAL I 246 -20.44 -20.39 -8.33
C VAL I 246 -21.07 -20.60 -9.71
N THR I 247 -20.41 -20.17 -10.79
CA THR I 247 -20.96 -20.42 -12.11
C THR I 247 -20.74 -21.86 -12.53
N GLU I 248 -19.66 -22.48 -12.05
CA GLU I 248 -19.40 -23.89 -12.28
C GLU I 248 -20.21 -24.78 -11.36
N GLN I 249 -20.88 -24.21 -10.36
CA GLN I 249 -21.76 -24.93 -9.46
C GLN I 249 -23.23 -24.75 -9.82
N ILE I 250 -23.63 -23.53 -10.17
CA ILE I 250 -24.99 -23.30 -10.64
C ILE I 250 -25.16 -23.85 -12.05
N GLY I 251 -24.17 -23.60 -12.92
CA GLY I 251 -24.24 -24.07 -14.29
C GLY I 251 -24.18 -25.58 -14.44
N ALA I 252 -23.61 -26.28 -13.47
CA ALA I 252 -23.64 -27.74 -13.46
C ALA I 252 -24.91 -28.28 -12.83
N ALA I 253 -25.64 -27.47 -12.06
CA ALA I 253 -26.91 -27.86 -11.50
C ALA I 253 -28.10 -27.39 -12.33
N LEU I 254 -27.92 -26.36 -13.14
CA LEU I 254 -28.94 -25.91 -14.08
C LEU I 254 -28.78 -26.55 -15.45
N THR I 255 -27.99 -27.61 -15.55
CA THR I 255 -27.85 -28.36 -16.79
C THR I 255 -28.29 -29.79 -16.55
N THR I 256 -28.65 -30.47 -17.62
CA THR I 256 -29.07 -31.85 -17.48
C THR I 256 -27.86 -32.76 -17.43
N PRO I 257 -27.93 -33.86 -16.67
CA PRO I 257 -26.81 -34.79 -16.62
C PRO I 257 -26.61 -35.52 -17.95
N ASP I 258 -25.36 -35.96 -18.16
CA ASP I 258 -25.00 -36.55 -19.45
C ASP I 258 -25.65 -37.91 -19.66
N TYR I 259 -25.94 -38.64 -18.58
CA TYR I 259 -26.70 -39.87 -18.71
C TYR I 259 -28.19 -39.62 -18.86
N TYR I 260 -28.66 -38.42 -18.51
CA TYR I 260 -30.07 -38.08 -18.61
C TYR I 260 -30.41 -37.37 -19.90
N ALA I 261 -29.43 -36.77 -20.58
CA ALA I 261 -29.71 -36.07 -21.82
C ALA I 261 -29.86 -37.07 -22.96
N GLU J 44 -45.92 -26.27 52.24
CA GLU J 44 -44.46 -26.27 52.24
C GLU J 44 -43.90 -27.67 52.58
N PRO J 45 -42.83 -28.07 51.91
CA PRO J 45 -42.36 -29.46 52.04
C PRO J 45 -41.34 -29.68 53.15
N LEU J 46 -41.18 -28.70 54.04
CA LEU J 46 -40.19 -28.78 55.10
C LEU J 46 -40.80 -28.95 56.48
N GLY J 47 -42.09 -29.28 56.57
CA GLY J 47 -42.72 -29.45 57.86
C GLY J 47 -42.33 -30.75 58.52
N LEU J 48 -42.55 -30.80 59.84
CA LEU J 48 -42.25 -31.96 60.64
C LEU J 48 -43.41 -32.93 60.74
N TYR J 49 -44.41 -32.80 59.87
CA TYR J 49 -45.64 -33.56 60.00
C TYR J 49 -45.84 -34.59 58.90
N ASP J 50 -44.85 -34.79 58.04
CA ASP J 50 -44.99 -35.76 56.96
C ASP J 50 -44.98 -37.21 57.46
N PRO J 51 -43.87 -37.75 58.01
CA PRO J 51 -43.70 -39.21 57.98
C PRO J 51 -44.31 -39.96 59.16
N LEU J 52 -45.24 -39.32 59.88
CA LEU J 52 -46.12 -39.91 60.90
C LEU J 52 -45.43 -40.26 62.21
N GLY J 53 -44.10 -40.20 62.25
CA GLY J 53 -43.35 -40.40 63.48
C GLY J 53 -43.36 -41.78 64.12
N TRP J 54 -42.42 -42.07 65.03
CA TRP J 54 -41.26 -41.23 65.35
C TRP J 54 -40.06 -42.15 65.56
N LEU J 55 -38.84 -41.60 65.57
CA LEU J 55 -37.67 -42.44 65.76
C LEU J 55 -36.66 -41.79 66.69
N ASP J 56 -35.63 -42.56 67.02
CA ASP J 56 -34.93 -42.51 68.30
C ASP J 56 -34.08 -41.27 68.60
N PRO J 57 -32.94 -41.02 67.91
CA PRO J 57 -31.82 -40.36 68.60
C PRO J 57 -31.94 -38.85 68.83
N GLU J 58 -32.40 -38.11 67.81
CA GLU J 58 -32.45 -36.64 67.66
C GLU J 58 -31.07 -36.01 67.47
N LYS J 59 -30.01 -36.81 67.64
CA LYS J 59 -28.63 -36.53 67.24
C LYS J 59 -28.08 -35.24 67.88
N ASP J 60 -27.95 -35.30 69.20
CA ASP J 60 -27.21 -34.30 69.94
C ASP J 60 -25.70 -34.27 69.65
N PRO J 61 -25.04 -35.38 69.23
CA PRO J 61 -23.69 -35.24 68.64
C PRO J 61 -23.58 -34.32 67.43
N ALA J 62 -24.67 -34.01 66.74
CA ALA J 62 -24.56 -33.17 65.55
C ALA J 62 -24.24 -31.72 65.91
N SER J 63 -24.60 -31.27 67.11
CA SER J 63 -24.39 -29.90 67.52
C SER J 63 -23.19 -29.74 68.44
N LYS J 64 -22.27 -30.72 68.46
CA LYS J 64 -21.08 -30.59 69.29
C LYS J 64 -20.11 -29.57 68.72
N PHE J 65 -19.59 -29.83 67.52
CA PHE J 65 -18.69 -28.90 66.88
C PHE J 65 -18.92 -28.76 65.37
N ALA J 66 -19.92 -29.43 64.82
CA ALA J 66 -20.23 -29.37 63.40
C ALA J 66 -21.65 -28.83 63.21
N THR J 67 -21.94 -27.70 63.85
CA THR J 67 -23.31 -27.24 64.10
C THR J 67 -24.09 -26.90 62.84
N PHE J 68 -23.43 -26.82 61.68
CA PHE J 68 -24.16 -26.63 60.43
C PHE J 68 -25.02 -27.84 60.09
N HIS J 69 -24.49 -29.04 60.35
CA HIS J 69 -25.18 -30.28 60.02
C HIS J 69 -26.25 -30.64 61.05
N ALA J 70 -26.36 -29.88 62.14
CA ALA J 70 -27.37 -30.13 63.17
C ALA J 70 -28.72 -29.51 62.83
N ASN J 71 -28.81 -28.76 61.75
CA ASN J 71 -30.07 -28.15 61.34
C ASN J 71 -31.03 -29.22 60.83
N PHE J 72 -32.28 -29.20 61.32
CA PHE J 72 -33.26 -30.19 60.88
C PHE J 72 -33.61 -30.00 59.41
N GLU J 73 -33.66 -28.75 58.96
CA GLU J 73 -34.11 -28.43 57.61
C GLU J 73 -33.16 -28.98 56.55
N ARG J 74 -31.89 -29.18 56.90
CA ARG J 74 -31.00 -29.86 55.98
C ARG J 74 -31.14 -31.38 56.07
N ARG J 75 -31.43 -31.91 57.26
CA ARG J 75 -31.57 -33.36 57.40
C ARG J 75 -32.81 -33.88 56.68
N ARG J 76 -33.87 -33.06 56.60
CA ARG J 76 -34.99 -33.41 55.76
C ARG J 76 -34.60 -33.31 54.28
N ALA J 77 -33.82 -32.29 53.93
CA ALA J 77 -33.34 -32.16 52.56
C ALA J 77 -32.36 -33.26 52.18
N VAL J 78 -31.68 -33.85 53.15
CA VAL J 78 -30.79 -34.97 52.87
C VAL J 78 -31.59 -36.27 52.77
N GLU J 79 -32.55 -36.47 53.67
CA GLU J 79 -33.36 -37.69 53.65
C GLU J 79 -34.21 -37.78 52.40
N ARG J 80 -34.75 -36.64 51.95
CA ARG J 80 -35.52 -36.62 50.72
C ARG J 80 -34.63 -36.87 49.50
N LYS J 81 -33.41 -36.33 49.52
CA LYS J 81 -32.54 -36.46 48.35
C LYS J 81 -31.88 -37.83 48.29
N HIS J 82 -31.47 -38.39 49.44
CA HIS J 82 -31.13 -39.81 49.47
C HIS J 82 -32.30 -40.69 49.10
N GLY J 83 -33.52 -40.25 49.40
CA GLY J 83 -34.69 -41.01 48.97
C GLY J 83 -34.87 -40.98 47.47
N ARG J 84 -34.76 -39.79 46.86
CA ARG J 84 -35.01 -39.64 45.43
C ARG J 84 -33.94 -40.33 44.59
N ILE J 85 -32.70 -40.35 45.08
CA ILE J 85 -31.63 -41.03 44.35
C ILE J 85 -31.76 -42.54 44.50
N ALA J 86 -32.24 -43.00 45.66
CA ALA J 86 -32.41 -44.44 45.86
C ALA J 86 -33.56 -45.00 45.04
N MET J 87 -34.59 -44.20 44.78
CA MET J 87 -35.73 -44.71 44.03
C MET J 87 -35.42 -44.86 42.55
N VAL J 88 -34.62 -43.95 41.99
CA VAL J 88 -34.18 -44.13 40.60
C VAL J 88 -32.99 -45.06 40.49
N ALA J 89 -32.51 -45.61 41.61
CA ALA J 89 -31.44 -46.59 41.57
C ALA J 89 -31.96 -48.02 41.62
N VAL J 90 -33.11 -48.25 42.25
CA VAL J 90 -33.68 -49.59 42.21
C VAL J 90 -34.37 -49.84 40.88
N VAL J 91 -34.93 -48.79 40.26
CA VAL J 91 -35.44 -48.93 38.90
C VAL J 91 -34.28 -49.13 37.93
N GLY J 92 -33.14 -48.48 38.20
CA GLY J 92 -31.93 -48.78 37.45
C GLY J 92 -31.40 -50.17 37.70
N MET J 93 -31.62 -50.71 38.90
CA MET J 93 -31.27 -52.10 39.14
C MET J 93 -32.21 -53.04 38.40
N LEU J 94 -33.47 -52.64 38.23
CA LEU J 94 -34.42 -53.50 37.54
C LEU J 94 -34.22 -53.47 36.03
N PHE J 95 -33.84 -52.32 35.48
CA PHE J 95 -33.67 -52.22 34.03
C PHE J 95 -32.41 -52.93 33.56
N HIS J 96 -31.32 -52.83 34.33
CA HIS J 96 -30.08 -53.45 33.91
C HIS J 96 -30.09 -54.95 34.12
N ASN J 97 -30.80 -55.43 35.14
CA ASN J 97 -30.85 -56.87 35.38
C ASN J 97 -31.89 -57.58 34.53
N ALA J 98 -32.82 -56.83 33.93
CA ALA J 98 -33.73 -57.39 32.94
C ALA J 98 -33.16 -57.33 31.54
N ASP J 99 -31.90 -56.92 31.40
CA ASP J 99 -31.15 -56.92 30.15
C ASP J 99 -31.82 -56.08 29.05
N ILE J 100 -32.28 -54.89 29.42
CA ILE J 100 -32.64 -53.87 28.42
C ILE J 100 -31.32 -53.19 28.11
N GLU J 101 -30.58 -53.78 27.17
CA GLU J 101 -29.13 -53.56 27.13
C GLU J 101 -28.76 -52.21 26.55
N PHE J 102 -29.02 -52.00 25.24
CA PHE J 102 -29.48 -50.82 24.49
C PHE J 102 -29.30 -51.17 23.02
N PRO J 103 -29.92 -50.46 22.09
CA PRO J 103 -29.49 -50.58 20.68
C PRO J 103 -28.28 -49.71 20.39
N GLY J 104 -27.15 -50.35 20.15
CA GLY J 104 -25.99 -49.68 19.58
C GLY J 104 -24.74 -49.82 20.43
N TYR J 105 -23.74 -49.03 20.07
CA TYR J 105 -22.47 -48.98 20.78
C TYR J 105 -22.51 -47.89 21.85
N LEU J 106 -21.78 -48.12 22.93
CA LEU J 106 -21.60 -47.04 23.91
C LEU J 106 -20.42 -46.17 23.54
N SER J 107 -19.31 -46.78 23.13
CA SER J 107 -18.13 -46.07 22.66
C SER J 107 -17.69 -46.70 21.35
N LYS J 108 -17.83 -45.95 20.26
CA LYS J 108 -17.38 -46.45 18.97
C LYS J 108 -15.87 -46.52 18.84
N GLU J 109 -15.15 -45.63 19.55
CA GLU J 109 -13.70 -45.64 19.48
C GLU J 109 -13.13 -46.84 20.24
N LEU J 110 -13.58 -47.05 21.48
CA LEU J 110 -13.14 -48.19 22.27
C LEU J 110 -13.82 -49.49 21.87
N GLY J 111 -14.86 -49.42 21.05
CA GLY J 111 -15.55 -50.62 20.61
C GLY J 111 -16.41 -51.26 21.68
N ILE J 112 -16.95 -50.45 22.59
CA ILE J 112 -17.73 -50.95 23.71
C ILE J 112 -19.21 -50.80 23.36
N ARG J 113 -19.89 -51.93 23.14
CA ARG J 113 -21.33 -51.88 23.02
C ARG J 113 -21.97 -51.79 24.40
N PHE J 114 -23.27 -51.51 24.40
CA PHE J 114 -24.00 -51.47 25.66
C PHE J 114 -24.21 -52.86 26.24
N SER J 115 -24.09 -53.92 25.44
CA SER J 115 -24.27 -55.26 25.95
C SER J 115 -23.05 -55.77 26.70
N ASP J 116 -21.91 -55.09 26.61
CA ASP J 116 -20.71 -55.56 27.27
C ASP J 116 -20.58 -55.09 28.70
N VAL J 117 -21.24 -54.00 29.08
CA VAL J 117 -21.13 -53.49 30.45
C VAL J 117 -21.94 -54.41 31.35
N PRO J 118 -21.50 -54.66 32.58
CA PRO J 118 -22.20 -55.61 33.44
C PRO J 118 -23.51 -55.06 33.97
N ASN J 119 -24.34 -55.96 34.47
CA ASN J 119 -25.61 -55.61 35.08
C ASN J 119 -25.51 -55.44 36.59
N GLY J 120 -24.42 -55.87 37.20
CA GLY J 120 -24.27 -55.80 38.63
C GLY J 120 -23.88 -54.41 39.11
N MET J 121 -23.29 -54.37 40.30
CA MET J 121 -22.92 -53.12 40.92
C MET J 121 -21.62 -52.54 40.38
N ASN J 122 -20.95 -53.22 39.45
CA ASN J 122 -19.78 -52.68 38.76
C ASN J 122 -20.13 -52.13 37.38
N GLY J 123 -21.32 -51.57 37.23
CA GLY J 123 -21.77 -51.07 35.95
C GLY J 123 -21.19 -49.73 35.59
N LEU J 124 -21.26 -48.77 36.52
CA LEU J 124 -20.71 -47.45 36.25
C LEU J 124 -19.19 -47.44 36.21
N PHE J 125 -18.55 -48.39 36.85
CA PHE J 125 -17.10 -48.43 36.95
C PHE J 125 -16.48 -49.31 35.87
N SER J 126 -17.28 -49.76 34.90
CA SER J 126 -16.79 -50.46 33.73
C SER J 126 -16.98 -49.69 32.44
N ILE J 127 -17.77 -48.62 32.46
CA ILE J 127 -17.87 -47.70 31.34
C ILE J 127 -16.61 -46.84 31.38
N PRO J 128 -16.18 -46.23 30.27
CA PRO J 128 -14.96 -45.41 30.30
C PRO J 128 -15.09 -44.19 31.18
N LEU J 129 -13.95 -43.76 31.73
CA LEU J 129 -13.92 -42.59 32.60
C LEU J 129 -14.19 -41.30 31.85
N ALA J 130 -14.00 -41.28 30.53
CA ALA J 130 -14.42 -40.14 29.73
C ALA J 130 -15.93 -40.09 29.58
N GLY J 131 -16.62 -41.21 29.77
CA GLY J 131 -18.06 -41.23 29.70
C GLY J 131 -18.69 -41.05 31.07
N LEU J 132 -18.05 -41.60 32.10
CA LEU J 132 -18.50 -41.38 33.47
C LEU J 132 -18.32 -39.92 33.88
N THR J 133 -17.35 -39.23 33.30
CA THR J 133 -17.17 -37.81 33.56
C THR J 133 -18.35 -37.00 33.04
N GLN J 134 -18.86 -37.35 31.85
CA GLN J 134 -19.99 -36.62 31.28
C GLN J 134 -21.27 -36.84 32.07
N ILE J 135 -21.39 -37.99 32.74
CA ILE J 135 -22.54 -38.23 33.60
C ILE J 135 -22.47 -37.34 34.84
N VAL J 136 -21.33 -37.36 35.53
CA VAL J 136 -21.17 -36.59 36.76
C VAL J 136 -21.13 -35.09 36.46
N PHE J 137 -20.69 -34.70 35.26
CA PHE J 137 -20.76 -33.29 34.88
C PHE J 137 -22.19 -32.84 34.73
N ALA J 138 -23.05 -33.65 34.11
CA ALA J 138 -24.42 -33.23 33.91
C ALA J 138 -25.23 -33.28 35.20
N ILE J 139 -24.86 -34.17 36.11
CA ILE J 139 -25.42 -34.11 37.47
C ILE J 139 -24.96 -32.84 38.17
N GLY J 140 -23.72 -32.42 37.90
CA GLY J 140 -23.20 -31.20 38.51
C GLY J 140 -23.90 -29.94 38.04
N VAL J 141 -24.38 -29.93 36.80
CA VAL J 141 -25.23 -28.83 36.35
C VAL J 141 -26.58 -28.91 37.03
N MET J 142 -27.09 -30.12 37.25
CA MET J 142 -28.33 -30.29 37.99
C MET J 142 -28.13 -29.93 39.46
N GLU J 143 -27.01 -30.33 40.05
CA GLU J 143 -26.79 -30.12 41.48
C GLU J 143 -26.52 -28.66 41.84
N LEU J 144 -26.27 -27.81 40.87
CA LEU J 144 -25.98 -26.41 41.16
C LEU J 144 -26.88 -25.43 40.44
N ALA J 145 -27.23 -25.67 39.18
CA ALA J 145 -27.94 -24.69 38.37
C ALA J 145 -29.42 -25.01 38.23
N ILE J 146 -29.78 -26.24 37.87
CA ILE J 146 -31.16 -26.52 37.50
C ILE J 146 -31.98 -26.90 38.72
N TRP J 147 -31.57 -27.92 39.45
CA TRP J 147 -32.22 -28.33 40.70
C TRP J 147 -31.22 -28.18 41.84
N PRO J 148 -30.95 -26.95 42.28
CA PRO J 148 -29.82 -26.72 43.19
C PRO J 148 -30.09 -27.29 44.56
N ALA J 149 -29.15 -28.12 45.04
CA ALA J 149 -29.34 -28.80 46.31
C ALA J 149 -29.16 -27.88 47.51
N SER J 150 -28.70 -26.64 47.30
CA SER J 150 -28.72 -25.67 48.38
C SER J 150 -30.14 -25.26 48.74
N ASN J 151 -31.06 -25.33 47.78
CA ASN J 151 -32.49 -25.14 48.05
C ASN J 151 -32.99 -26.34 48.83
N TYR J 152 -33.10 -26.19 50.14
CA TYR J 152 -33.38 -27.32 51.03
C TYR J 152 -34.83 -27.77 50.98
N SER J 153 -35.72 -27.00 50.35
CA SER J 153 -37.12 -27.41 50.27
C SER J 153 -37.29 -28.62 49.37
N GLY J 154 -36.47 -28.73 48.33
CA GLY J 154 -36.60 -29.78 47.35
C GLY J 154 -37.59 -29.47 46.26
N ASP J 155 -38.31 -28.36 46.35
CA ASP J 155 -39.34 -28.02 45.37
C ASP J 155 -38.71 -27.16 44.29
N TYR J 156 -38.48 -27.75 43.13
CA TYR J 156 -37.90 -27.03 42.00
C TYR J 156 -38.95 -26.65 40.96
N GLY J 157 -40.22 -26.64 41.36
CA GLY J 157 -41.30 -26.16 40.50
C GLY J 157 -41.64 -27.08 39.36
N THR J 158 -41.74 -28.38 39.61
CA THR J 158 -41.99 -29.35 38.57
C THR J 158 -43.33 -30.05 38.67
N GLY J 159 -44.06 -29.88 39.76
CA GLY J 159 -45.26 -30.66 39.91
C GLY J 159 -44.91 -32.09 40.24
N TYR J 160 -45.84 -33.00 40.00
CA TYR J 160 -45.64 -34.40 40.33
C TYR J 160 -45.54 -35.29 39.10
N GLY J 161 -46.57 -35.35 38.27
CA GLY J 161 -46.58 -36.39 37.26
C GLY J 161 -46.45 -35.91 35.85
N ARG J 162 -46.58 -34.60 35.66
CA ARG J 162 -46.68 -34.04 34.32
C ARG J 162 -45.45 -33.24 33.98
N PRO J 163 -44.63 -33.68 33.03
CA PRO J 163 -43.53 -32.83 32.54
C PRO J 163 -44.06 -31.73 31.64
N PHE J 164 -43.20 -30.70 31.48
CA PHE J 164 -43.34 -29.54 30.60
C PHE J 164 -44.41 -28.54 31.04
N VAL J 165 -45.21 -28.91 32.04
CA VAL J 165 -46.17 -28.05 32.73
C VAL J 165 -46.48 -28.72 34.06
N PRO J 166 -46.27 -28.02 35.19
CA PRO J 166 -46.28 -28.71 36.49
C PRO J 166 -47.68 -29.07 36.94
N ASN J 167 -47.82 -30.30 37.43
CA ASN J 167 -49.08 -30.80 37.99
C ASN J 167 -49.14 -30.38 39.46
N VAL J 168 -49.79 -29.27 39.71
CA VAL J 168 -49.79 -28.67 41.04
C VAL J 168 -50.84 -29.37 41.91
N LEU J 169 -50.41 -29.93 43.04
CA LEU J 169 -51.32 -30.51 44.00
C LEU J 169 -51.67 -29.47 45.06
N GLU J 170 -52.93 -29.47 45.49
CA GLU J 170 -53.50 -28.34 46.20
C GLU J 170 -53.56 -28.50 47.71
N GLY J 171 -54.26 -29.51 48.20
CA GLY J 171 -54.63 -29.51 49.60
C GLY J 171 -54.09 -30.63 50.45
N ASP J 172 -54.99 -31.48 50.94
CA ASP J 172 -54.60 -32.59 51.81
C ASP J 172 -53.83 -33.64 51.02
N GLU J 173 -54.20 -33.85 49.77
CA GLU J 173 -53.46 -34.80 48.92
C GLU J 173 -52.09 -34.27 48.53
N LEU J 174 -51.88 -32.96 48.57
CA LEU J 174 -50.53 -32.42 48.40
C LEU J 174 -49.65 -32.82 49.57
N LYS J 175 -50.14 -32.64 50.79
CA LYS J 175 -49.39 -33.08 51.96
C LYS J 175 -49.35 -34.59 52.09
N TYR J 176 -50.28 -35.30 51.46
CA TYR J 176 -50.26 -36.76 51.51
C TYR J 176 -49.22 -37.34 50.56
N LYS J 177 -49.07 -36.75 49.37
CA LYS J 177 -48.05 -37.22 48.43
C LYS J 177 -46.65 -36.87 48.90
N LEU J 178 -46.51 -35.87 49.77
CA LEU J 178 -45.18 -35.51 50.28
C LEU J 178 -44.62 -36.59 51.18
N ASP J 179 -45.44 -37.14 52.08
CA ASP J 179 -44.94 -38.20 52.95
C ASP J 179 -44.79 -39.52 52.22
N MET J 180 -45.56 -39.74 51.15
CA MET J 180 -45.37 -40.96 50.37
C MET J 180 -44.10 -40.90 49.55
N GLU J 181 -43.65 -39.69 49.19
CA GLU J 181 -42.32 -39.53 48.60
C GLU J 181 -41.24 -39.91 49.60
N ILE J 182 -41.41 -39.52 50.87
CA ILE J 182 -40.44 -39.86 51.89
C ILE J 182 -40.52 -41.35 52.25
N ASN J 183 -41.74 -41.88 52.36
CA ASN J 183 -41.90 -43.26 52.79
C ASN J 183 -41.45 -44.25 51.73
N GLN J 184 -41.73 -43.95 50.46
CA GLN J 184 -41.13 -44.75 49.40
C GLN J 184 -39.66 -44.45 49.21
N GLY J 185 -39.22 -43.24 49.58
CA GLY J 185 -37.80 -42.95 49.57
C GLY J 185 -37.05 -43.72 50.65
N ARG J 186 -37.71 -43.99 51.77
CA ARG J 186 -37.08 -44.75 52.84
C ARG J 186 -37.00 -46.23 52.50
N ALA J 187 -38.02 -46.77 51.83
CA ALA J 187 -38.01 -48.18 51.48
C ALA J 187 -36.98 -48.47 50.40
N ALA J 188 -36.72 -47.50 49.52
CA ALA J 188 -35.69 -47.67 48.51
C ALA J 188 -34.30 -47.53 49.09
N MET J 189 -34.15 -46.75 50.17
CA MET J 189 -32.86 -46.61 50.81
C MET J 189 -32.45 -47.89 51.51
N MET J 190 -33.38 -48.53 52.21
CA MET J 190 -33.09 -49.82 52.83
C MET J 190 -33.10 -50.96 51.83
N GLY J 191 -33.74 -50.77 50.67
CA GLY J 191 -33.75 -51.81 49.66
C GLY J 191 -32.47 -51.93 48.87
N ILE J 192 -31.68 -50.86 48.78
CA ILE J 192 -30.43 -50.91 48.04
C ILE J 192 -29.36 -51.66 48.82
N MET J 193 -29.21 -51.35 50.10
CA MET J 193 -28.30 -52.08 50.97
C MET J 193 -28.70 -53.53 51.16
N GLY J 194 -29.99 -53.85 50.98
CA GLY J 194 -30.39 -55.24 50.90
C GLY J 194 -30.04 -55.90 49.57
N ALA J 195 -29.86 -55.10 48.52
CA ALA J 195 -29.61 -55.63 47.19
C ALA J 195 -28.18 -55.39 46.71
N LEU J 196 -27.33 -54.77 47.52
CA LEU J 196 -25.94 -54.56 47.17
C LEU J 196 -24.96 -55.29 48.07
N VAL J 197 -25.42 -55.89 49.16
CA VAL J 197 -24.55 -56.78 49.93
C VAL J 197 -24.51 -58.18 49.35
N GLY J 198 -25.41 -58.51 48.43
CA GLY J 198 -25.44 -59.81 47.81
C GLY J 198 -26.44 -59.91 46.67
N PHE K 31 23.30 38.84 3.82
CA PHE K 31 24.53 38.05 3.73
C PHE K 31 25.42 38.55 2.62
N GLU K 32 25.49 39.87 2.45
CA GLU K 32 26.21 40.45 1.33
C GLU K 32 27.59 40.96 1.71
N ASN K 33 27.87 41.18 2.99
CA ASN K 33 29.18 41.63 3.46
C ASN K 33 29.64 40.73 4.62
N GLU K 34 30.31 39.64 4.26
CA GLU K 34 30.70 38.60 5.21
C GLU K 34 32.02 38.02 4.73
N LEU K 35 32.35 36.81 5.22
CA LEU K 35 33.60 36.16 4.84
C LEU K 35 33.62 35.78 3.36
N GLY K 36 32.46 35.45 2.79
CA GLY K 36 32.44 35.01 1.41
C GLY K 36 32.42 36.10 0.38
N ALA K 37 32.08 37.33 0.79
CA ALA K 37 32.09 38.45 -0.14
C ALA K 37 33.53 38.81 -0.49
N GLN K 38 33.89 38.66 -1.76
CA GLN K 38 35.23 38.82 -2.25
C GLN K 38 35.30 39.94 -3.29
N PRO K 39 36.46 40.57 -3.45
CA PRO K 39 36.63 41.59 -4.51
C PRO K 39 36.35 41.11 -5.94
N PRO K 40 36.65 39.86 -6.37
CA PRO K 40 36.21 39.51 -7.73
C PRO K 40 34.71 39.25 -7.84
N LEU K 41 34.12 38.56 -6.88
CA LEU K 41 32.69 38.25 -6.90
C LEU K 41 32.15 38.47 -5.49
N GLY K 42 31.44 39.57 -5.29
CA GLY K 42 30.87 39.84 -3.98
C GLY K 42 29.49 39.25 -3.83
N PHE K 43 29.38 38.18 -3.02
CA PHE K 43 28.14 37.46 -2.73
C PHE K 43 27.50 36.93 -4.01
N PHE K 44 28.17 35.95 -4.61
CA PHE K 44 27.81 35.38 -5.90
C PHE K 44 26.39 34.79 -5.89
N ASP K 45 26.20 33.69 -5.15
CA ASP K 45 24.94 33.00 -4.85
C ASP K 45 24.01 32.86 -6.05
N PRO K 46 24.31 31.98 -7.01
CA PRO K 46 23.46 31.88 -8.20
C PRO K 46 22.16 31.16 -7.95
N LEU K 47 22.19 30.13 -7.10
CA LEU K 47 21.02 29.32 -6.84
C LEU K 47 20.16 29.97 -5.76
N GLY K 48 19.06 29.31 -5.40
CA GLY K 48 18.17 29.81 -4.38
C GLY K 48 18.48 29.33 -2.98
N LEU K 49 19.58 29.77 -2.39
CA LEU K 49 19.99 29.24 -1.09
C LEU K 49 19.52 30.08 0.09
N VAL K 50 19.99 31.32 0.19
CA VAL K 50 19.85 32.07 1.44
C VAL K 50 19.13 33.40 1.24
N GLU K 51 18.15 33.45 0.34
CA GLU K 51 17.38 34.68 0.10
C GLU K 51 16.30 34.87 1.17
N ASP K 52 16.76 34.99 2.42
CA ASP K 52 15.94 35.27 3.58
C ASP K 52 16.87 35.72 4.70
N GLY K 53 16.28 35.99 5.87
CA GLY K 53 17.08 36.37 7.01
C GLY K 53 17.44 35.21 7.91
N ASN K 54 17.53 34.01 7.32
CA ASN K 54 17.79 32.79 8.10
C ASN K 54 19.27 32.73 8.45
N GLN K 55 19.60 33.12 9.68
CA GLN K 55 20.98 33.02 10.14
C GLN K 55 21.37 31.57 10.43
N ALA K 56 20.42 30.78 10.91
CA ALA K 56 20.70 29.38 11.24
C ALA K 56 20.95 28.52 10.01
N LYS K 57 20.36 28.88 8.87
CA LYS K 57 20.64 28.14 7.64
C LYS K 57 21.97 28.54 7.04
N PHE K 58 22.35 29.81 7.18
CA PHE K 58 23.65 30.25 6.67
C PHE K 58 24.78 29.68 7.52
N ASP K 59 24.61 29.66 8.84
CA ASP K 59 25.64 29.17 9.74
C ASP K 59 25.86 27.67 9.64
N ARG K 60 24.86 26.92 9.15
CA ARG K 60 25.10 25.52 8.83
C ARG K 60 25.87 25.39 7.53
N LEU K 61 25.49 26.16 6.50
CA LEU K 61 26.17 26.07 5.21
C LEU K 61 27.58 26.65 5.27
N ARG K 62 27.80 27.68 6.10
CA ARG K 62 29.15 28.20 6.28
C ARG K 62 30.02 27.21 7.04
N TYR K 63 29.42 26.41 7.93
CA TYR K 63 30.16 25.41 8.66
C TYR K 63 30.69 24.33 7.74
N VAL K 64 29.86 23.84 6.81
CA VAL K 64 30.25 22.72 5.97
C VAL K 64 31.24 23.17 4.89
N GLU K 65 31.12 24.40 4.40
CA GLU K 65 32.08 24.92 3.42
C GLU K 65 33.46 25.07 4.03
N LEU K 66 33.53 25.52 5.28
CA LEU K 66 34.80 25.49 6.00
C LEU K 66 35.21 24.08 6.34
N LYS K 67 34.25 23.17 6.51
CA LYS K 67 34.58 21.78 6.81
C LYS K 67 35.10 21.05 5.58
N HIS K 68 34.49 21.28 4.42
CA HIS K 68 34.98 20.68 3.19
C HIS K 68 36.32 21.26 2.77
N GLY K 69 36.55 22.53 3.09
CA GLY K 69 37.77 23.20 2.69
C GLY K 69 38.98 22.77 3.49
N ARG K 70 38.81 22.56 4.79
CA ARG K 70 39.92 22.14 5.62
C ARG K 70 40.33 20.70 5.35
N ILE K 71 39.42 19.88 4.85
CA ILE K 71 39.78 18.53 4.43
C ILE K 71 40.45 18.56 3.07
N SER K 72 39.88 19.31 2.12
CA SER K 72 40.41 19.35 0.77
C SER K 72 41.73 20.09 0.67
N MET K 73 42.05 20.94 1.65
CA MET K 73 43.37 21.55 1.70
C MET K 73 44.42 20.52 2.04
N LEU K 74 44.17 19.66 3.03
CA LEU K 74 45.09 18.59 3.33
C LEU K 74 45.09 17.52 2.25
N ALA K 75 43.99 17.41 1.50
CA ALA K 75 43.88 16.39 0.48
C ALA K 75 44.64 16.75 -0.79
N VAL K 76 44.70 18.04 -1.11
CA VAL K 76 45.49 18.50 -2.25
C VAL K 76 46.97 18.23 -1.99
N VAL K 77 47.44 18.55 -0.78
CA VAL K 77 48.80 18.18 -0.39
C VAL K 77 48.94 16.67 -0.28
N GLY K 78 47.92 16.02 0.29
CA GLY K 78 47.98 14.57 0.51
C GLY K 78 47.95 13.74 -0.75
N TYR K 79 47.51 14.31 -1.87
CA TYR K 79 47.68 13.64 -3.14
C TYR K 79 49.06 13.91 -3.72
N LEU K 80 49.47 15.18 -3.73
CA LEU K 80 50.71 15.57 -4.39
C LEU K 80 51.94 15.12 -3.64
N ILE K 81 51.82 14.76 -2.36
CA ILE K 81 52.91 14.08 -1.68
C ILE K 81 53.03 12.64 -2.18
N GLU K 82 51.90 11.95 -2.31
CA GLU K 82 51.92 10.58 -2.81
C GLU K 82 52.15 10.50 -4.31
N LYS K 83 51.68 11.49 -5.06
CA LYS K 83 51.91 11.48 -6.51
C LYS K 83 53.35 11.81 -6.85
N ALA K 84 54.06 12.51 -5.96
CA ALA K 84 55.47 12.73 -6.13
C ALA K 84 56.32 11.55 -5.68
N GLY K 85 55.69 10.52 -5.12
CA GLY K 85 56.40 9.34 -4.70
C GLY K 85 56.99 9.40 -3.31
N ILE K 86 56.71 10.45 -2.55
CA ILE K 86 57.24 10.58 -1.20
C ILE K 86 56.50 9.64 -0.27
N ARG K 87 57.25 8.95 0.59
CA ARG K 87 56.68 7.96 1.49
C ARG K 87 57.29 8.12 2.88
N LEU K 88 56.56 7.61 3.86
CA LEU K 88 57.13 7.39 5.18
C LEU K 88 58.20 6.29 5.09
N PRO K 89 59.19 6.27 6.03
CA PRO K 89 60.38 5.40 5.85
C PRO K 89 60.17 3.89 5.81
N GLY K 90 58.94 3.38 5.89
CA GLY K 90 58.72 1.99 5.57
C GLY K 90 57.99 1.20 6.64
N ASN K 91 57.54 0.00 6.27
CA ASN K 91 56.90 -0.98 7.16
C ASN K 91 55.64 -0.41 7.81
N ILE K 92 54.61 -0.25 6.98
CA ILE K 92 53.28 0.12 7.48
C ILE K 92 52.67 -0.99 8.36
N SER K 93 53.18 -2.21 8.30
CA SER K 93 52.67 -3.26 9.15
C SER K 93 53.82 -4.21 9.50
N TYR K 94 53.58 -5.04 10.52
CA TYR K 94 54.50 -6.10 10.88
C TYR K 94 54.42 -7.29 9.92
N ASP K 95 53.44 -7.32 9.03
CA ASP K 95 53.30 -8.37 8.04
C ASP K 95 54.36 -8.28 6.94
N GLY K 96 55.07 -7.17 6.83
CA GLY K 96 56.08 -7.02 5.81
C GLY K 96 55.59 -6.24 4.62
N THR K 97 54.93 -5.11 4.87
CA THR K 97 54.41 -4.26 3.80
C THR K 97 54.97 -2.86 4.00
N SER K 98 55.79 -2.41 3.05
CA SER K 98 56.40 -1.09 3.18
C SER K 98 55.40 -0.01 2.77
N PHE K 99 55.80 1.24 3.01
CA PHE K 99 54.98 2.36 2.54
C PHE K 99 55.11 2.54 1.04
N ALA K 100 56.26 2.20 0.47
CA ALA K 100 56.46 2.33 -0.97
C ALA K 100 55.67 1.30 -1.76
N ASP K 101 55.28 0.18 -1.12
CA ASP K 101 54.45 -0.80 -1.79
C ASP K 101 53.03 -0.29 -2.02
N ILE K 102 52.56 0.61 -1.17
CA ILE K 102 51.21 1.14 -1.28
C ILE K 102 51.17 2.11 -2.45
N PRO K 103 50.27 1.92 -3.42
CA PRO K 103 50.22 2.84 -4.56
C PRO K 103 49.61 4.18 -4.18
N ASP K 104 49.67 5.11 -5.13
CA ASP K 104 49.16 6.46 -4.94
C ASP K 104 47.86 6.65 -5.70
N GLY K 105 47.01 7.53 -5.17
CA GLY K 105 45.71 7.77 -5.75
C GLY K 105 44.63 6.94 -5.12
N PHE K 106 43.62 6.56 -5.90
CA PHE K 106 42.51 5.76 -5.37
C PHE K 106 42.92 4.34 -5.04
N ALA K 107 44.05 3.86 -5.59
CA ALA K 107 44.53 2.53 -5.28
C ALA K 107 45.18 2.41 -3.92
N ALA K 108 45.36 3.54 -3.21
CA ALA K 108 45.94 3.50 -1.88
C ALA K 108 45.01 2.83 -0.87
N LEU K 109 43.70 3.03 -1.03
CA LEU K 109 42.73 2.46 -0.09
C LEU K 109 42.60 0.95 -0.24
N SER K 110 43.02 0.39 -1.37
CA SER K 110 42.89 -1.04 -1.60
C SER K 110 44.04 -1.84 -1.03
N LYS K 111 45.23 -1.24 -0.92
CA LYS K 111 46.41 -1.94 -0.44
C LYS K 111 46.81 -1.57 0.97
N ILE K 112 46.16 -0.59 1.58
CA ILE K 112 46.30 -0.37 3.02
C ILE K 112 45.75 -1.58 3.76
N PRO K 113 46.49 -2.15 4.72
CA PRO K 113 45.97 -3.29 5.47
C PRO K 113 44.75 -2.91 6.31
N ASP K 114 43.79 -3.83 6.35
CA ASP K 114 42.45 -3.50 6.83
C ASP K 114 42.42 -3.30 8.34
N ALA K 115 43.40 -3.85 9.07
CA ALA K 115 43.51 -3.53 10.49
C ALA K 115 43.90 -2.08 10.70
N GLY K 116 44.71 -1.53 9.80
CA GLY K 116 45.03 -0.11 9.85
C GLY K 116 44.01 0.77 9.16
N LEU K 117 43.19 0.19 8.28
CA LEU K 117 42.12 0.96 7.67
C LEU K 117 41.00 1.23 8.69
N PHE K 118 40.83 0.35 9.67
CA PHE K 118 39.89 0.63 10.75
C PHE K 118 40.40 1.77 11.62
N GLN K 119 41.70 1.79 11.90
CA GLN K 119 42.28 2.80 12.78
C GLN K 119 42.23 4.20 12.17
N LEU K 120 42.28 4.28 10.84
CA LEU K 120 42.09 5.57 10.18
C LEU K 120 40.66 6.06 10.34
N PHE K 121 39.69 5.17 10.19
CA PHE K 121 38.29 5.59 10.34
C PHE K 121 37.89 5.77 11.80
N ALA K 122 38.48 5.00 12.71
CA ALA K 122 38.13 5.13 14.12
C ALA K 122 38.70 6.40 14.73
N PHE K 123 39.92 6.78 14.35
CA PHE K 123 40.53 7.98 14.93
C PHE K 123 39.95 9.25 14.34
N ILE K 124 39.67 9.27 13.05
CA ILE K 124 39.00 10.41 12.43
C ILE K 124 37.59 10.54 13.00
N GLY K 125 36.93 9.41 13.23
CA GLY K 125 35.68 9.43 13.93
C GLY K 125 35.81 9.84 15.39
N PHE K 126 36.93 9.51 16.03
CA PHE K 126 37.18 10.00 17.37
C PHE K 126 37.38 11.50 17.37
N LEU K 127 38.04 12.04 16.35
CA LEU K 127 38.19 13.48 16.22
C LEU K 127 36.85 14.14 15.95
N GLU K 128 36.07 13.59 15.04
CA GLU K 128 34.90 14.28 14.53
C GLU K 128 33.73 14.16 15.49
N VAL K 129 33.77 13.18 16.40
CA VAL K 129 32.78 13.10 17.45
C VAL K 129 33.21 13.92 18.66
N PHE K 130 34.43 13.69 19.17
CA PHE K 130 34.80 14.39 20.39
C PHE K 130 35.59 15.67 20.18
N VAL K 131 36.84 15.55 19.75
CA VAL K 131 37.69 16.74 19.75
C VAL K 131 37.78 17.39 18.38
N MET K 132 36.68 17.96 17.89
CA MET K 132 36.70 18.89 16.78
C MET K 132 35.61 19.94 16.85
N LYS K 133 34.88 20.05 17.95
CA LYS K 133 33.65 20.81 17.98
C LYS K 133 33.86 22.18 18.60
N ASP K 134 32.83 23.01 18.49
CA ASP K 134 32.76 24.28 19.22
C ASP K 134 32.14 24.00 20.58
N ILE K 135 32.95 23.45 21.48
CA ILE K 135 32.47 23.03 22.79
C ILE K 135 32.22 24.22 23.70
N THR K 136 33.27 24.98 23.98
CA THR K 136 33.18 26.11 24.89
C THR K 136 32.52 27.33 24.28
N GLY K 137 32.35 27.36 22.96
CA GLY K 137 31.78 28.52 22.30
C GLY K 137 32.85 29.43 21.74
N GLY K 138 33.01 29.42 20.41
CA GLY K 138 34.01 30.22 19.75
C GLY K 138 33.46 31.56 19.29
N GLU K 139 34.35 32.38 18.75
CA GLU K 139 33.97 33.71 18.28
C GLU K 139 33.16 33.67 17.01
N PHE K 140 33.27 32.60 16.22
CA PHE K 140 32.62 32.53 14.91
C PHE K 140 32.31 31.07 14.61
N VAL K 141 31.93 30.81 13.37
CA VAL K 141 31.67 29.46 12.90
C VAL K 141 32.99 28.85 12.43
N GLY K 142 33.33 27.69 12.98
CA GLY K 142 34.59 27.05 12.68
C GLY K 142 35.67 27.26 13.71
N ASP K 143 35.44 28.14 14.69
CA ASP K 143 36.36 28.32 15.80
C ASP K 143 36.31 27.08 16.68
N PHE K 144 37.36 26.27 16.64
CA PHE K 144 37.43 25.06 17.44
C PHE K 144 38.48 25.16 18.54
N ARG K 145 39.00 26.35 18.80
CA ARG K 145 39.83 26.58 19.97
C ARG K 145 38.95 26.55 21.21
N ASN K 146 39.04 25.47 21.98
CA ASN K 146 38.27 25.33 23.20
C ASN K 146 38.96 25.95 24.41
N GLY K 147 39.89 26.88 24.20
CA GLY K 147 40.75 27.29 25.27
C GLY K 147 41.83 26.28 25.60
N PHE K 148 42.08 25.35 24.70
CA PHE K 148 43.08 24.29 24.87
C PHE K 148 44.31 24.52 24.01
N ILE K 149 44.12 24.75 22.71
CA ILE K 149 45.19 25.06 21.78
C ILE K 149 44.91 26.44 21.20
N ASP K 150 45.92 27.31 21.22
CA ASP K 150 45.78 28.65 20.65
C ASP K 150 47.16 29.15 20.26
N PHE K 151 47.41 29.31 18.95
CA PHE K 151 48.67 29.83 18.45
C PHE K 151 48.52 31.33 18.16
N GLY K 152 48.25 32.06 19.20
CA GLY K 152 48.06 33.51 19.08
C GLY K 152 46.58 33.88 19.10
N TRP K 153 46.12 34.49 18.01
CA TRP K 153 44.77 35.02 17.74
C TRP K 153 44.42 36.23 18.60
N ASP K 154 45.29 36.63 19.53
CA ASP K 154 45.11 37.90 20.23
C ASP K 154 45.95 39.01 19.61
N SER K 155 47.08 38.67 19.02
CA SER K 155 47.96 39.65 18.37
C SER K 155 47.56 39.78 16.90
N PHE K 156 46.41 40.42 16.69
CA PHE K 156 45.95 40.72 15.35
C PHE K 156 45.21 42.06 15.37
N ASP K 157 45.01 42.61 14.18
CA ASP K 157 44.52 43.97 14.01
C ASP K 157 42.99 44.05 13.96
N GLU K 158 42.29 42.94 14.22
CA GLU K 158 40.84 42.77 14.30
C GLU K 158 40.15 42.90 12.93
N GLU K 159 40.90 43.27 11.90
CA GLU K 159 40.53 43.05 10.52
C GLU K 159 41.49 42.10 9.83
N THR K 160 42.70 41.95 10.36
CA THR K 160 43.57 40.86 9.97
C THR K 160 42.99 39.52 10.44
N LYS K 161 42.24 39.54 11.55
CA LYS K 161 41.46 38.38 11.96
C LYS K 161 40.44 37.99 10.89
N LEU K 162 39.73 38.98 10.34
CA LEU K 162 38.80 38.70 9.27
C LEU K 162 39.52 38.46 7.95
N LYS K 163 40.73 39.00 7.78
CA LYS K 163 41.50 38.73 6.59
C LYS K 163 42.08 37.32 6.61
N LYS K 164 42.57 36.86 7.76
CA LYS K 164 43.07 35.49 7.86
C LYS K 164 41.95 34.47 7.80
N ARG K 165 40.76 34.84 8.28
CA ARG K 165 39.61 33.95 8.18
C ARG K 165 39.12 33.85 6.74
N ALA K 166 39.12 34.97 6.02
CA ALA K 166 38.71 34.96 4.62
C ALA K 166 39.75 34.35 3.71
N ILE K 167 41.00 34.24 4.17
CA ILE K 167 42.01 33.54 3.39
C ILE K 167 41.73 32.04 3.41
N GLU K 168 41.50 31.48 4.60
CA GLU K 168 41.29 30.04 4.72
C GLU K 168 39.94 29.61 4.18
N LEU K 169 38.99 30.54 4.02
CA LEU K 169 37.76 30.21 3.31
C LEU K 169 38.04 30.06 1.82
N ASN K 170 38.76 31.01 1.23
CA ASN K 170 39.03 30.96 -0.20
C ASN K 170 40.14 29.98 -0.55
N GLN K 171 41.11 29.78 0.35
CA GLN K 171 42.06 28.69 0.16
C GLN K 171 41.39 27.35 0.32
N GLY K 172 40.41 27.25 1.22
CA GLY K 172 39.57 26.07 1.26
C GLY K 172 38.64 25.95 0.09
N ARG K 173 38.27 27.07 -0.53
CA ARG K 173 37.40 27.04 -1.70
C ARG K 173 38.11 26.45 -2.90
N ALA K 174 39.34 26.93 -3.18
CA ALA K 174 40.08 26.47 -4.35
C ALA K 174 40.57 25.04 -4.16
N ALA K 175 40.74 24.60 -2.92
CA ALA K 175 41.21 23.24 -2.68
C ALA K 175 40.12 22.20 -2.91
N MET K 176 38.86 22.59 -2.79
CA MET K 176 37.77 21.66 -3.11
C MET K 176 37.71 21.41 -4.62
N MET K 177 37.72 22.48 -5.40
CA MET K 177 37.82 22.35 -6.86
C MET K 177 39.18 21.80 -7.28
N GLY K 178 40.21 21.98 -6.45
CA GLY K 178 41.49 21.36 -6.73
C GLY K 178 41.45 19.85 -6.60
N ILE K 179 41.03 19.35 -5.43
CA ILE K 179 41.03 17.91 -5.20
C ILE K 179 39.94 17.20 -6.00
N LEU K 180 38.90 17.92 -6.44
CA LEU K 180 37.94 17.30 -7.33
C LEU K 180 38.53 17.11 -8.72
N ALA K 181 39.45 17.99 -9.11
CA ALA K 181 40.12 17.85 -10.40
C ALA K 181 41.09 16.69 -10.40
N LEU K 182 41.80 16.47 -9.29
CA LEU K 182 42.74 15.37 -9.21
C LEU K 182 42.04 14.03 -9.09
N MET K 183 40.81 14.01 -8.59
CA MET K 183 40.07 12.76 -8.51
C MET K 183 39.30 12.44 -9.77
N VAL K 184 38.87 13.45 -10.51
CA VAL K 184 38.16 13.18 -11.77
C VAL K 184 39.16 12.83 -12.88
N HIS K 185 40.40 13.27 -12.78
CA HIS K 185 41.38 13.02 -13.83
C HIS K 185 42.28 11.83 -13.52
N GLU K 186 42.21 11.28 -12.31
CA GLU K 186 42.87 10.00 -12.08
C GLU K 186 42.08 8.86 -12.72
N LYS K 187 40.77 8.85 -12.53
CA LYS K 187 39.93 7.84 -13.17
C LYS K 187 39.85 8.05 -14.68
N LEU K 188 39.96 9.30 -15.13
CA LEU K 188 40.03 9.55 -16.57
C LEU K 188 41.38 9.16 -17.15
N GLY K 189 42.45 9.31 -16.38
CA GLY K 189 43.79 9.02 -16.85
C GLY K 189 44.52 10.22 -17.42
N VAL K 190 43.90 11.39 -17.41
CA VAL K 190 44.52 12.59 -17.99
C VAL K 190 45.57 13.13 -17.02
N SER K 191 46.77 13.33 -17.53
CA SER K 191 47.85 13.86 -16.71
C SER K 191 47.66 15.35 -16.46
N LEU K 192 47.94 15.77 -15.23
CA LEU K 192 47.86 17.17 -14.85
C LEU K 192 49.16 17.63 -14.21
#